data_1KVZ
#
_entry.id   1KVZ
#
_entity_poly.entity_id   1
_entity_poly.type   'polypeptide(L)'
_entity_poly.pdbx_seq_one_letter_code
;MQDWATFKKKHLTDTWDVDCDNLMPTSLFDCKDKNTFIYSLPGPVKALCRGVIFSADVLSNSEFYLAECNVKPRKPCKYK
LKKSSNRICIRCEHELPVHFAGVGICP
;
_entity_poly.pdbx_strand_id   A
#
# COMPACT_ATOMS: atom_id res chain seq x y z
N MET A 1 -12.93 5.30 -7.60
CA MET A 1 -12.06 4.70 -8.64
C MET A 1 -11.47 3.39 -8.11
N GLN A 2 -10.84 3.45 -6.95
CA GLN A 2 -10.23 2.23 -6.34
C GLN A 2 -11.10 1.75 -5.18
N ASP A 3 -10.92 0.53 -4.74
CA ASP A 3 -11.72 -0.03 -3.60
C ASP A 3 -10.78 -0.63 -2.56
N TRP A 4 -11.35 -1.29 -1.56
CA TRP A 4 -10.51 -1.91 -0.50
C TRP A 4 -9.73 -3.09 -1.09
N ALA A 5 -10.32 -3.76 -2.05
CA ALA A 5 -9.65 -4.94 -2.70
C ALA A 5 -8.40 -4.47 -3.45
N THR A 6 -8.44 -3.28 -4.02
CA THR A 6 -7.27 -2.73 -4.75
C THR A 6 -6.19 -2.39 -3.74
N PHE A 7 -6.56 -1.68 -2.70
CA PHE A 7 -5.58 -1.31 -1.63
C PHE A 7 -5.05 -2.60 -0.99
N LYS A 8 -5.83 -3.67 -1.03
CA LYS A 8 -5.40 -4.97 -0.45
C LYS A 8 -4.16 -5.46 -1.21
N LYS A 9 -4.24 -5.52 -2.52
CA LYS A 9 -3.08 -5.98 -3.34
C LYS A 9 -2.04 -4.86 -3.50
N LYS A 10 -2.47 -3.63 -3.31
CA LYS A 10 -1.55 -2.45 -3.48
C LYS A 10 -0.71 -2.21 -2.22
N HIS A 11 -1.32 -2.12 -1.06
CA HIS A 11 -0.56 -1.81 0.19
C HIS A 11 -0.64 -2.94 1.22
N LEU A 12 -1.55 -3.89 1.09
CA LEU A 12 -1.64 -4.99 2.10
C LEU A 12 -0.92 -6.24 1.56
N THR A 13 -0.14 -6.88 2.39
CA THR A 13 0.61 -8.10 1.94
C THR A 13 0.63 -9.13 3.08
N ASP A 14 0.70 -10.40 2.72
CA ASP A 14 0.73 -11.50 3.74
C ASP A 14 2.14 -12.09 3.79
N THR A 15 3.14 -11.34 3.38
CA THR A 15 4.55 -11.83 3.39
C THR A 15 5.50 -10.64 3.32
N TRP A 16 6.66 -10.75 3.96
CA TRP A 16 7.66 -9.64 3.92
C TRP A 16 8.23 -9.54 2.51
N ASP A 17 8.57 -10.68 1.94
CA ASP A 17 9.12 -10.71 0.55
C ASP A 17 7.96 -10.89 -0.42
N VAL A 18 7.81 -9.97 -1.36
CA VAL A 18 6.68 -10.05 -2.33
C VAL A 18 7.22 -10.29 -3.75
N ASP A 19 6.37 -10.76 -4.62
CA ASP A 19 6.76 -11.02 -6.04
C ASP A 19 6.32 -9.81 -6.87
N CYS A 20 7.22 -8.88 -7.09
CA CYS A 20 6.88 -7.64 -7.87
C CYS A 20 7.16 -7.83 -9.36
N ASP A 21 8.21 -8.55 -9.69
CA ASP A 21 8.56 -8.78 -11.14
C ASP A 21 7.49 -9.62 -11.85
N ASN A 22 6.61 -10.27 -11.10
CA ASN A 22 5.54 -11.12 -11.72
C ASN A 22 4.19 -10.40 -11.69
N LEU A 23 3.99 -9.51 -10.75
CA LEU A 23 2.70 -8.77 -10.64
C LEU A 23 2.76 -7.46 -11.42
N MET A 24 3.93 -6.87 -11.52
CA MET A 24 4.10 -5.57 -12.25
C MET A 24 3.54 -5.64 -13.70
N PRO A 25 3.84 -6.69 -14.45
CA PRO A 25 3.38 -6.80 -15.85
C PRO A 25 1.90 -7.24 -15.95
N THR A 26 1.21 -7.38 -14.84
CA THR A 26 -0.23 -7.81 -14.88
C THR A 26 -1.12 -6.61 -15.21
N SER A 27 -2.41 -6.81 -15.23
CA SER A 27 -3.38 -5.69 -15.53
C SER A 27 -3.65 -4.88 -14.26
N LEU A 28 -3.30 -5.39 -13.10
CA LEU A 28 -3.53 -4.66 -11.82
C LEU A 28 -2.42 -3.62 -11.64
N PHE A 29 -1.21 -3.99 -11.99
CA PHE A 29 -0.05 -3.07 -11.85
C PHE A 29 0.18 -2.36 -13.19
N ASP A 30 -0.02 -3.06 -14.28
CA ASP A 30 0.17 -2.45 -15.66
C ASP A 30 1.53 -1.75 -15.73
N CYS A 31 2.51 -2.28 -15.03
CA CYS A 31 3.89 -1.67 -15.02
C CYS A 31 3.81 -0.28 -14.38
N LYS A 32 3.61 -0.23 -13.08
CA LYS A 32 3.52 1.08 -12.35
C LYS A 32 4.93 1.62 -12.08
N ASP A 33 5.00 2.81 -11.51
CA ASP A 33 6.32 3.45 -11.20
C ASP A 33 6.88 2.89 -9.89
N LYS A 34 6.05 2.77 -8.88
CA LYS A 34 6.52 2.22 -7.56
C LYS A 34 5.32 1.79 -6.71
N ASN A 35 5.56 0.95 -5.72
CA ASN A 35 4.46 0.48 -4.82
C ASN A 35 5.00 0.37 -3.38
N THR A 36 4.11 0.35 -2.42
CA THR A 36 4.51 0.24 -0.98
C THR A 36 3.58 -0.74 -0.27
N PHE A 37 4.11 -1.89 0.14
CA PHE A 37 3.27 -2.90 0.85
C PHE A 37 3.47 -2.80 2.36
N ILE A 38 2.59 -3.42 3.11
CA ILE A 38 2.69 -3.40 4.60
C ILE A 38 2.52 -4.84 5.11
N TYR A 39 3.27 -5.21 6.13
CA TYR A 39 3.18 -6.60 6.69
C TYR A 39 2.23 -6.60 7.89
N SER A 40 0.98 -6.92 7.64
CA SER A 40 -0.04 -6.95 8.74
C SER A 40 -1.36 -7.50 8.20
N LEU A 41 -2.30 -7.77 9.08
CA LEU A 41 -3.63 -8.32 8.65
C LEU A 41 -4.58 -7.15 8.36
N PRO A 42 -5.57 -7.39 7.51
CA PRO A 42 -6.57 -6.37 7.14
C PRO A 42 -7.60 -6.17 8.27
N GLY A 43 -7.65 -7.10 9.22
CA GLY A 43 -8.62 -7.00 10.35
C GLY A 43 -8.21 -5.83 11.27
N PRO A 44 -6.99 -5.86 11.81
CA PRO A 44 -6.49 -4.80 12.71
C PRO A 44 -6.15 -3.54 11.92
N VAL A 45 -5.73 -3.69 10.68
CA VAL A 45 -5.39 -2.50 9.84
C VAL A 45 -6.69 -1.78 9.47
N LYS A 46 -7.62 -2.50 8.90
CA LYS A 46 -8.94 -1.90 8.53
C LYS A 46 -9.70 -1.50 9.80
N ALA A 47 -9.40 -2.17 10.91
CA ALA A 47 -10.09 -1.85 12.21
C ALA A 47 -9.85 -0.38 12.55
N LEU A 48 -8.71 0.15 12.14
CA LEU A 48 -8.39 1.58 12.42
C LEU A 48 -9.43 2.47 11.72
N CYS A 49 -9.85 2.07 10.54
CA CYS A 49 -10.86 2.84 9.77
C CYS A 49 -12.27 2.53 10.29
N ARG A 50 -12.42 1.52 11.13
CA ARG A 50 -13.76 1.15 11.67
C ARG A 50 -14.40 2.38 12.33
N GLY A 51 -15.19 3.10 11.58
CA GLY A 51 -15.86 4.33 12.10
C GLY A 51 -15.92 5.38 11.01
N VAL A 52 -14.90 5.42 10.15
CA VAL A 52 -14.88 6.42 9.04
C VAL A 52 -15.99 6.11 8.03
N ILE A 53 -16.69 7.13 7.59
CA ILE A 53 -17.81 6.94 6.60
C ILE A 53 -17.51 7.74 5.33
N PHE A 54 -16.95 8.92 5.48
CA PHE A 54 -16.62 9.78 4.29
C PHE A 54 -15.12 9.76 4.04
N SER A 55 -14.69 10.37 2.95
CA SER A 55 -13.25 10.40 2.60
C SER A 55 -12.48 11.28 3.59
N ALA A 56 -11.43 10.75 4.17
CA ALA A 56 -10.60 11.51 5.15
C ALA A 56 -9.18 10.95 5.15
N ASP A 57 -8.20 11.78 5.45
CA ASP A 57 -6.78 11.30 5.46
C ASP A 57 -6.38 10.92 6.88
N VAL A 58 -5.98 9.68 7.07
CA VAL A 58 -5.56 9.18 8.42
C VAL A 58 -4.17 8.58 8.34
N LEU A 59 -3.42 8.67 9.42
CA LEU A 59 -2.04 8.10 9.47
C LEU A 59 -2.01 6.96 10.48
N SER A 60 -1.52 5.80 10.07
CA SER A 60 -1.46 4.61 10.99
C SER A 60 -0.72 5.00 12.28
N ASN A 61 -1.26 4.59 13.42
CA ASN A 61 -0.62 4.91 14.73
C ASN A 61 0.48 3.89 15.04
N SER A 62 0.32 2.68 14.56
CA SER A 62 1.34 1.61 14.81
C SER A 62 2.28 1.51 13.61
N GLU A 63 3.56 1.36 13.86
CA GLU A 63 4.56 1.24 12.74
C GLU A 63 4.66 -0.22 12.34
N PHE A 64 4.58 -0.51 11.06
CA PHE A 64 4.67 -1.93 10.58
C PHE A 64 5.80 -2.03 9.56
N TYR A 65 6.14 -3.25 9.20
CA TYR A 65 7.20 -3.48 8.18
C TYR A 65 6.61 -3.11 6.82
N LEU A 66 7.38 -2.52 5.95
CA LEU A 66 6.85 -2.11 4.62
C LEU A 66 7.73 -2.64 3.50
N ALA A 67 7.14 -3.43 2.62
CA ALA A 67 7.88 -3.99 1.45
C ALA A 67 7.47 -3.19 0.22
N GLU A 68 8.28 -2.23 -0.16
CA GLU A 68 7.95 -1.39 -1.35
C GLU A 68 8.68 -1.92 -2.58
N CYS A 69 8.26 -1.47 -3.73
CA CYS A 69 8.88 -1.92 -5.01
C CYS A 69 9.07 -0.72 -5.92
N ASN A 70 10.31 -0.34 -6.15
CA ASN A 70 10.59 0.84 -7.03
C ASN A 70 11.11 0.36 -8.38
N VAL A 71 10.51 0.84 -9.46
CA VAL A 71 10.95 0.43 -10.83
C VAL A 71 12.27 1.12 -11.15
N LYS A 72 13.33 0.34 -11.30
CA LYS A 72 14.67 0.93 -11.60
C LYS A 72 14.61 1.68 -12.95
N PRO A 73 15.37 2.78 -13.06
CA PRO A 73 15.39 3.58 -14.30
C PRO A 73 16.27 2.92 -15.36
N ARG A 74 16.04 3.23 -16.62
CA ARG A 74 16.86 2.65 -17.73
C ARG A 74 16.69 1.13 -17.74
N LYS A 75 15.55 0.65 -17.29
CA LYS A 75 15.28 -0.83 -17.26
C LYS A 75 13.83 -1.08 -17.70
N PRO A 76 13.60 -2.15 -18.45
CA PRO A 76 12.25 -2.49 -18.96
C PRO A 76 11.38 -3.13 -17.87
N CYS A 77 10.66 -2.30 -17.12
CA CYS A 77 9.76 -2.81 -16.04
C CYS A 77 10.48 -3.80 -15.11
N LYS A 78 11.37 -3.28 -14.29
CA LYS A 78 12.12 -4.13 -13.31
C LYS A 78 11.90 -3.55 -11.91
N TYR A 79 11.39 -4.34 -10.99
CA TYR A 79 11.12 -3.83 -9.61
C TYR A 79 12.24 -4.20 -8.65
N LYS A 80 12.41 -3.39 -7.62
CA LYS A 80 13.46 -3.65 -6.58
C LYS A 80 12.76 -3.65 -5.21
N LEU A 81 12.96 -4.70 -4.43
CA LEU A 81 12.31 -4.79 -3.09
C LEU A 81 13.05 -3.96 -2.05
N LYS A 82 12.32 -3.26 -1.22
CA LYS A 82 12.94 -2.41 -0.15
C LYS A 82 12.12 -2.56 1.13
N LYS A 83 12.76 -2.98 2.21
CA LYS A 83 12.04 -3.17 3.51
C LYS A 83 12.28 -1.98 4.44
N SER A 84 11.29 -1.62 5.23
CA SER A 84 11.43 -0.47 6.18
C SER A 84 10.34 -0.54 7.26
N SER A 85 10.41 0.34 8.23
CA SER A 85 9.40 0.37 9.34
C SER A 85 8.88 1.80 9.48
N ASN A 86 7.59 2.00 9.32
CA ASN A 86 7.02 3.39 9.43
C ASN A 86 5.48 3.34 9.38
N ARG A 87 4.86 4.50 9.48
CA ARG A 87 3.38 4.60 9.42
C ARG A 87 2.96 5.00 8.00
N ILE A 88 1.68 5.06 7.72
CA ILE A 88 1.22 5.42 6.34
C ILE A 88 -0.02 6.33 6.38
N CYS A 89 -0.06 7.30 5.50
CA CYS A 89 -1.23 8.23 5.43
C CYS A 89 -2.13 7.74 4.30
N ILE A 90 -3.39 7.45 4.60
CA ILE A 90 -4.32 6.92 3.55
C ILE A 90 -5.67 7.63 3.59
N ARG A 91 -6.37 7.64 2.47
CA ARG A 91 -7.71 8.30 2.38
C ARG A 91 -8.77 7.23 2.68
N CYS A 92 -9.46 7.36 3.78
CA CYS A 92 -10.47 6.33 4.18
C CYS A 92 -11.91 6.84 4.04
N GLU A 93 -12.76 5.95 3.58
CA GLU A 93 -14.21 6.26 3.42
C GLU A 93 -14.95 4.93 3.45
N HIS A 94 -16.15 4.89 3.99
CA HIS A 94 -16.92 3.60 4.08
C HIS A 94 -16.10 2.60 4.91
N GLU A 95 -15.27 3.10 5.82
CA GLU A 95 -14.42 2.21 6.68
C GLU A 95 -13.42 1.42 5.80
N LEU A 96 -12.91 2.05 4.77
CA LEU A 96 -11.92 1.36 3.87
C LEU A 96 -10.98 2.39 3.18
N PRO A 97 -9.69 2.38 3.54
CA PRO A 97 -8.69 3.27 2.92
C PRO A 97 -8.36 2.73 1.54
N VAL A 98 -8.86 3.41 0.52
CA VAL A 98 -8.66 2.96 -0.89
C VAL A 98 -7.48 3.66 -1.56
N HIS A 99 -7.10 4.83 -1.08
CA HIS A 99 -5.99 5.59 -1.73
C HIS A 99 -4.83 5.80 -0.76
N PHE A 100 -3.65 6.01 -1.31
CA PHE A 100 -2.43 6.24 -0.48
C PHE A 100 -2.06 7.72 -0.51
N ALA A 101 -2.21 8.40 0.61
CA ALA A 101 -1.89 9.86 0.68
C ALA A 101 -0.38 10.05 0.68
N GLY A 102 0.31 9.30 1.51
CA GLY A 102 1.80 9.40 1.61
C GLY A 102 2.32 8.49 2.73
N VAL A 103 3.54 8.71 3.14
CA VAL A 103 4.16 7.87 4.22
C VAL A 103 4.74 8.79 5.31
N GLY A 104 4.57 8.40 6.56
CA GLY A 104 5.11 9.22 7.70
C GLY A 104 4.33 10.53 7.83
N ILE A 105 4.48 11.43 6.88
CA ILE A 105 3.76 12.74 6.94
C ILE A 105 2.74 12.83 5.81
N CYS A 106 1.78 13.71 5.93
CA CYS A 106 0.73 13.90 4.88
C CYS A 106 0.68 15.38 4.45
N PRO A 107 1.09 15.67 3.21
CA PRO A 107 1.09 17.06 2.71
C PRO A 107 -0.33 17.50 2.31
N MET A 1 -13.77 2.78 -8.94
CA MET A 1 -12.64 2.17 -9.68
C MET A 1 -11.57 1.70 -8.70
N GLN A 2 -11.36 2.46 -7.64
CA GLN A 2 -10.33 2.09 -6.62
C GLN A 2 -10.98 1.98 -5.24
N ASP A 3 -10.90 0.81 -4.64
CA ASP A 3 -11.51 0.60 -3.29
C ASP A 3 -10.58 -0.29 -2.45
N TRP A 4 -11.12 -0.89 -1.39
CA TRP A 4 -10.31 -1.78 -0.50
C TRP A 4 -9.62 -2.88 -1.34
N ALA A 5 -10.26 -3.29 -2.42
CA ALA A 5 -9.67 -4.36 -3.30
C ALA A 5 -8.36 -3.85 -3.91
N THR A 6 -8.37 -2.63 -4.43
CA THR A 6 -7.14 -2.06 -5.04
C THR A 6 -6.13 -1.81 -3.93
N PHE A 7 -6.57 -1.22 -2.84
CA PHE A 7 -5.67 -0.94 -1.67
C PHE A 7 -5.09 -2.28 -1.18
N LYS A 8 -5.82 -3.36 -1.37
CA LYS A 8 -5.32 -4.70 -0.93
C LYS A 8 -4.07 -5.06 -1.71
N LYS A 9 -4.14 -4.97 -3.02
CA LYS A 9 -2.95 -5.29 -3.88
C LYS A 9 -1.97 -4.11 -3.89
N LYS A 10 -2.45 -2.92 -3.60
CA LYS A 10 -1.58 -1.71 -3.63
C LYS A 10 -0.78 -1.52 -2.33
N HIS A 11 -1.42 -1.57 -1.19
CA HIS A 11 -0.67 -1.31 0.09
C HIS A 11 -0.74 -2.50 1.07
N LEU A 12 -1.26 -3.65 0.67
CA LEU A 12 -1.33 -4.81 1.64
C LEU A 12 -0.59 -6.03 1.08
N THR A 13 0.22 -6.64 1.92
CA THR A 13 0.98 -7.86 1.52
C THR A 13 1.09 -8.79 2.74
N ASP A 14 1.25 -10.07 2.51
CA ASP A 14 1.36 -11.05 3.64
C ASP A 14 2.78 -11.63 3.70
N THR A 15 3.74 -10.90 3.18
CA THR A 15 5.16 -11.38 3.18
C THR A 15 6.09 -10.18 3.02
N TRP A 16 7.25 -10.22 3.64
CA TRP A 16 8.22 -9.08 3.51
C TRP A 16 8.70 -9.04 2.06
N ASP A 17 8.94 -10.19 1.49
CA ASP A 17 9.39 -10.27 0.07
C ASP A 17 8.16 -10.41 -0.81
N VAL A 18 7.84 -9.39 -1.58
CA VAL A 18 6.63 -9.44 -2.45
C VAL A 18 6.99 -10.02 -3.82
N ASP A 19 6.03 -10.63 -4.47
CA ASP A 19 6.26 -11.22 -5.82
C ASP A 19 5.98 -10.14 -6.88
N CYS A 20 6.77 -9.09 -6.83
CA CYS A 20 6.62 -7.95 -7.78
C CYS A 20 6.77 -8.42 -9.23
N ASP A 21 7.56 -9.45 -9.43
CA ASP A 21 7.78 -9.99 -10.82
C ASP A 21 6.53 -10.71 -11.32
N ASN A 22 5.65 -11.12 -10.42
CA ASN A 22 4.40 -11.83 -10.84
C ASN A 22 3.20 -10.87 -10.83
N LEU A 23 3.27 -9.85 -10.00
CA LEU A 23 2.15 -8.85 -9.89
C LEU A 23 2.36 -7.67 -10.84
N MET A 24 3.57 -7.48 -11.33
CA MET A 24 3.86 -6.33 -12.24
C MET A 24 3.30 -6.51 -13.67
N PRO A 25 3.18 -7.73 -14.20
CA PRO A 25 2.70 -7.92 -15.58
C PRO A 25 1.16 -7.89 -15.66
N THR A 26 0.46 -7.86 -14.54
CA THR A 26 -1.03 -7.84 -14.58
C THR A 26 -1.52 -6.47 -15.05
N SER A 27 -2.82 -6.31 -15.12
CA SER A 27 -3.42 -5.00 -15.56
C SER A 27 -3.47 -4.02 -14.39
N LEU A 28 -3.45 -4.53 -13.17
CA LEU A 28 -3.50 -3.65 -11.97
C LEU A 28 -2.18 -2.88 -11.87
N PHE A 29 -1.09 -3.57 -12.09
CA PHE A 29 0.26 -2.93 -12.03
C PHE A 29 0.68 -2.53 -13.44
N ASP A 30 0.32 -3.34 -14.43
CA ASP A 30 0.67 -3.06 -15.87
C ASP A 30 2.10 -2.48 -16.01
N CYS A 31 3.06 -3.13 -15.38
CA CYS A 31 4.49 -2.67 -15.45
C CYS A 31 4.56 -1.22 -14.90
N LYS A 32 3.96 -0.98 -13.76
CA LYS A 32 3.96 0.39 -13.15
C LYS A 32 5.37 0.80 -12.73
N ASP A 33 5.50 1.96 -12.12
CA ASP A 33 6.84 2.48 -11.68
C ASP A 33 7.26 1.86 -10.35
N LYS A 34 6.47 2.05 -9.30
CA LYS A 34 6.83 1.49 -7.96
C LYS A 34 5.59 1.43 -7.05
N ASN A 35 5.74 0.81 -5.90
CA ASN A 35 4.61 0.69 -4.91
C ASN A 35 5.19 0.35 -3.53
N THR A 36 4.56 0.85 -2.49
CA THR A 36 5.03 0.57 -1.10
C THR A 36 3.99 -0.31 -0.39
N PHE A 37 4.32 -1.55 -0.13
CA PHE A 37 3.35 -2.49 0.55
C PHE A 37 3.68 -2.56 2.05
N ILE A 38 2.70 -2.93 2.85
CA ILE A 38 2.91 -3.04 4.33
C ILE A 38 2.82 -4.51 4.73
N TYR A 39 3.51 -4.90 5.78
CA TYR A 39 3.46 -6.32 6.26
C TYR A 39 2.45 -6.42 7.41
N SER A 40 1.22 -6.75 7.10
CA SER A 40 0.15 -6.88 8.14
C SER A 40 -1.06 -7.60 7.56
N LEU A 41 -2.04 -7.89 8.39
CA LEU A 41 -3.28 -8.60 7.92
C LEU A 41 -4.37 -7.57 7.58
N PRO A 42 -5.35 -7.97 6.79
CA PRO A 42 -6.45 -7.08 6.39
C PRO A 42 -7.48 -6.91 7.53
N GLY A 43 -7.43 -7.77 8.53
CA GLY A 43 -8.39 -7.66 9.68
C GLY A 43 -8.08 -6.40 10.50
N PRO A 44 -6.85 -6.27 11.00
CA PRO A 44 -6.45 -5.11 11.82
C PRO A 44 -6.25 -3.87 10.95
N VAL A 45 -5.86 -4.05 9.70
CA VAL A 45 -5.64 -2.88 8.79
C VAL A 45 -7.01 -2.22 8.55
N LYS A 46 -7.92 -2.95 7.95
CA LYS A 46 -9.29 -2.41 7.69
C LYS A 46 -9.97 -2.05 9.01
N ALA A 47 -9.53 -2.66 10.11
CA ALA A 47 -10.14 -2.38 11.44
C ALA A 47 -9.91 -0.91 11.81
N LEU A 48 -8.76 -0.38 11.43
CA LEU A 48 -8.45 1.05 11.75
C LEU A 48 -9.51 1.97 11.13
N CYS A 49 -10.11 1.55 10.05
CA CYS A 49 -11.16 2.38 9.38
C CYS A 49 -12.50 2.26 10.12
N ARG A 50 -12.63 1.31 11.02
CA ARG A 50 -13.92 1.14 11.79
C ARG A 50 -14.25 2.46 12.50
N GLY A 51 -15.04 3.30 11.86
CA GLY A 51 -15.43 4.61 12.48
C GLY A 51 -15.49 5.67 11.37
N VAL A 52 -14.68 5.52 10.34
CA VAL A 52 -14.66 6.50 9.22
C VAL A 52 -15.88 6.26 8.30
N ILE A 53 -16.54 7.33 7.91
CA ILE A 53 -17.74 7.21 7.01
C ILE A 53 -17.50 8.08 5.77
N PHE A 54 -16.96 9.25 5.94
CA PHE A 54 -16.67 10.14 4.78
C PHE A 54 -15.19 10.05 4.43
N SER A 55 -14.81 10.62 3.31
CA SER A 55 -13.38 10.58 2.88
C SER A 55 -12.54 11.39 3.87
N ALA A 56 -11.70 10.73 4.63
CA ALA A 56 -10.83 11.44 5.63
C ALA A 56 -9.43 10.83 5.59
N ASP A 57 -8.43 11.59 5.97
CA ASP A 57 -7.03 11.07 5.96
C ASP A 57 -6.65 10.60 7.36
N VAL A 58 -6.29 9.34 7.50
CA VAL A 58 -5.91 8.78 8.83
C VAL A 58 -4.42 8.42 8.83
N LEU A 59 -3.72 8.82 9.87
CA LEU A 59 -2.27 8.52 10.00
C LEU A 59 -2.09 7.34 10.96
N SER A 60 -1.40 6.31 10.55
CA SER A 60 -1.18 5.12 11.45
C SER A 60 -0.50 5.57 12.74
N ASN A 61 -0.95 5.06 13.86
CA ASN A 61 -0.34 5.44 15.18
C ASN A 61 0.95 4.65 15.39
N SER A 62 1.00 3.44 14.88
CA SER A 62 2.23 2.59 15.02
C SER A 62 2.87 2.37 13.66
N GLU A 63 4.18 2.32 13.62
CA GLU A 63 4.91 2.11 12.33
C GLU A 63 4.93 0.62 11.98
N PHE A 64 4.70 0.30 10.72
CA PHE A 64 4.70 -1.14 10.28
C PHE A 64 5.89 -1.39 9.36
N TYR A 65 6.16 -2.64 9.07
CA TYR A 65 7.27 -2.98 8.14
C TYR A 65 6.79 -2.62 6.73
N LEU A 66 7.66 -2.14 5.88
CA LEU A 66 7.23 -1.74 4.51
C LEU A 66 8.03 -2.46 3.43
N ALA A 67 7.37 -3.31 2.68
CA ALA A 67 8.03 -4.04 1.56
C ALA A 67 7.64 -3.33 0.26
N GLU A 68 8.49 -2.44 -0.20
CA GLU A 68 8.17 -1.66 -1.45
C GLU A 68 8.90 -2.24 -2.65
N CYS A 69 8.57 -1.73 -3.81
CA CYS A 69 9.21 -2.20 -5.08
C CYS A 69 9.49 -1.00 -5.97
N ASN A 70 10.57 -1.04 -6.72
CA ASN A 70 10.94 0.09 -7.62
C ASN A 70 11.43 -0.47 -8.94
N VAL A 71 10.82 -0.05 -10.03
CA VAL A 71 11.23 -0.52 -11.39
C VAL A 71 12.55 0.17 -11.75
N LYS A 72 13.60 -0.61 -11.92
CA LYS A 72 14.94 -0.03 -12.26
C LYS A 72 14.84 0.88 -13.50
N PRO A 73 15.39 2.10 -13.43
CA PRO A 73 15.35 3.04 -14.57
C PRO A 73 16.43 2.64 -15.59
N ARG A 74 16.27 3.05 -16.83
CA ARG A 74 17.26 2.67 -17.90
C ARG A 74 17.29 1.14 -18.01
N LYS A 75 16.18 0.51 -17.72
CA LYS A 75 16.09 -0.99 -17.78
C LYS A 75 14.62 -1.40 -18.00
N PRO A 76 14.38 -2.67 -18.34
CA PRO A 76 13.00 -3.17 -18.58
C PRO A 76 12.21 -3.28 -17.28
N CYS A 77 11.11 -4.01 -17.30
CA CYS A 77 10.24 -4.16 -16.09
C CYS A 77 10.92 -5.03 -15.03
N LYS A 78 12.05 -4.57 -14.53
CA LYS A 78 12.79 -5.32 -13.46
C LYS A 78 12.46 -4.68 -12.11
N TYR A 79 11.88 -5.43 -11.19
CA TYR A 79 11.48 -4.86 -9.86
C TYR A 79 12.49 -5.25 -8.78
N LYS A 80 12.77 -4.31 -7.89
CA LYS A 80 13.71 -4.58 -6.75
C LYS A 80 12.96 -4.34 -5.44
N LEU A 81 13.15 -5.20 -4.46
CA LEU A 81 12.42 -5.05 -3.16
C LEU A 81 13.25 -4.23 -2.17
N LYS A 82 12.56 -3.53 -1.29
CA LYS A 82 13.24 -2.70 -0.24
C LYS A 82 12.48 -2.85 1.08
N LYS A 83 13.13 -2.65 2.19
CA LYS A 83 12.44 -2.79 3.52
C LYS A 83 12.54 -1.48 4.31
N SER A 84 11.48 -1.15 5.04
CA SER A 84 11.47 0.11 5.85
C SER A 84 10.51 -0.05 7.03
N SER A 85 10.39 0.98 7.85
CA SER A 85 9.48 0.92 9.03
C SER A 85 9.02 2.35 9.37
N ASN A 86 7.75 2.63 9.21
CA ASN A 86 7.22 4.00 9.52
C ASN A 86 5.70 4.02 9.43
N ARG A 87 5.10 5.16 9.71
CA ARG A 87 3.61 5.31 9.66
C ARG A 87 3.17 5.56 8.21
N ILE A 88 1.88 5.78 8.01
CA ILE A 88 1.37 6.04 6.62
C ILE A 88 0.07 6.84 6.68
N CYS A 89 -0.14 7.72 5.73
CA CYS A 89 -1.38 8.54 5.67
C CYS A 89 -2.33 7.89 4.66
N ILE A 90 -3.49 7.45 5.11
CA ILE A 90 -4.46 6.77 4.19
C ILE A 90 -5.81 7.51 4.17
N ARG A 91 -6.48 7.51 3.02
CA ARG A 91 -7.81 8.17 2.89
C ARG A 91 -8.88 7.09 3.08
N CYS A 92 -9.76 7.27 4.04
CA CYS A 92 -10.80 6.23 4.30
C CYS A 92 -12.22 6.81 4.26
N GLU A 93 -13.14 6.02 3.76
CA GLU A 93 -14.58 6.42 3.68
C GLU A 93 -15.41 5.14 3.67
N HIS A 94 -16.57 5.16 4.31
CA HIS A 94 -17.43 3.93 4.39
C HIS A 94 -16.63 2.84 5.10
N GLU A 95 -15.73 3.23 6.00
CA GLU A 95 -14.89 2.21 6.71
C GLU A 95 -14.07 1.46 5.66
N LEU A 96 -13.62 2.19 4.66
CA LEU A 96 -12.85 1.58 3.53
C LEU A 96 -11.74 2.53 3.03
N PRO A 97 -10.47 2.18 3.24
CA PRO A 97 -9.33 3.00 2.76
C PRO A 97 -9.17 2.76 1.26
N VAL A 98 -9.51 3.74 0.47
CA VAL A 98 -9.45 3.59 -1.02
C VAL A 98 -8.20 4.23 -1.61
N HIS A 99 -7.60 5.17 -0.90
CA HIS A 99 -6.38 5.85 -1.44
C HIS A 99 -5.39 6.17 -0.32
N PHE A 100 -4.26 6.72 -0.69
CA PHE A 100 -3.19 7.06 0.31
C PHE A 100 -2.86 8.56 0.21
N ALA A 101 -2.87 9.24 1.33
CA ALA A 101 -2.56 10.70 1.35
C ALA A 101 -1.05 10.90 1.23
N GLY A 102 -0.30 10.03 1.85
CA GLY A 102 1.20 10.14 1.81
C GLY A 102 1.82 9.14 2.79
N VAL A 103 3.01 9.43 3.26
CA VAL A 103 3.70 8.52 4.23
C VAL A 103 4.28 9.33 5.39
N GLY A 104 4.60 8.65 6.48
CA GLY A 104 5.19 9.35 7.66
C GLY A 104 4.08 10.05 8.46
N ILE A 105 3.92 11.34 8.23
CA ILE A 105 2.87 12.13 8.96
C ILE A 105 2.12 13.02 7.97
N CYS A 106 0.92 13.41 8.32
CA CYS A 106 0.10 14.30 7.42
C CYS A 106 -0.04 15.70 8.06
N PRO A 107 0.10 16.75 7.26
CA PRO A 107 -0.02 18.14 7.77
C PRO A 107 -1.49 18.52 7.94
N MET A 1 -6.66 3.50 -4.77
CA MET A 1 -6.92 3.98 -6.16
C MET A 1 -8.43 4.03 -6.41
N GLN A 2 -9.16 3.06 -5.90
CA GLN A 2 -10.64 3.02 -6.10
C GLN A 2 -11.34 2.50 -4.82
N ASP A 3 -11.09 1.26 -4.46
CA ASP A 3 -11.72 0.68 -3.24
C ASP A 3 -10.70 -0.16 -2.47
N TRP A 4 -11.15 -0.91 -1.48
CA TRP A 4 -10.23 -1.77 -0.66
C TRP A 4 -9.32 -2.61 -1.58
N ALA A 5 -9.92 -3.40 -2.44
CA ALA A 5 -9.16 -4.29 -3.38
C ALA A 5 -7.93 -3.58 -3.98
N THR A 6 -8.08 -2.36 -4.43
CA THR A 6 -6.93 -1.62 -5.04
C THR A 6 -5.92 -1.27 -3.94
N PHE A 7 -6.41 -0.83 -2.80
CA PHE A 7 -5.51 -0.48 -1.66
C PHE A 7 -4.80 -1.75 -1.17
N LYS A 8 -5.45 -2.89 -1.32
CA LYS A 8 -4.85 -4.18 -0.88
C LYS A 8 -3.57 -4.46 -1.69
N LYS A 9 -3.67 -4.37 -3.00
CA LYS A 9 -2.49 -4.62 -3.88
C LYS A 9 -1.56 -3.41 -3.83
N LYS A 10 -2.10 -2.24 -3.54
CA LYS A 10 -1.29 -0.99 -3.49
C LYS A 10 -0.44 -0.91 -2.23
N HIS A 11 -1.07 -0.99 -1.06
CA HIS A 11 -0.29 -0.85 0.22
C HIS A 11 -0.47 -2.07 1.15
N LEU A 12 -0.67 -3.25 0.61
CA LEU A 12 -0.81 -4.46 1.50
C LEU A 12 -0.24 -5.70 0.82
N THR A 13 0.40 -6.54 1.61
CA THR A 13 1.00 -7.81 1.09
C THR A 13 0.93 -8.88 2.18
N ASP A 14 1.38 -10.07 1.87
CA ASP A 14 1.35 -11.19 2.86
C ASP A 14 2.77 -11.73 3.11
N THR A 15 3.77 -10.93 2.82
CA THR A 15 5.20 -11.37 3.03
C THR A 15 6.11 -10.14 2.95
N TRP A 16 7.13 -10.10 3.79
CA TRP A 16 8.10 -8.95 3.77
C TRP A 16 8.82 -8.96 2.42
N ASP A 17 9.04 -10.14 1.88
CA ASP A 17 9.73 -10.27 0.56
C ASP A 17 8.66 -10.56 -0.51
N VAL A 18 8.09 -9.51 -1.07
CA VAL A 18 7.02 -9.68 -2.10
C VAL A 18 7.65 -10.01 -3.46
N ASP A 19 6.84 -10.54 -4.34
CA ASP A 19 7.32 -10.91 -5.71
C ASP A 19 6.84 -9.84 -6.70
N CYS A 20 7.70 -8.88 -6.99
CA CYS A 20 7.35 -7.78 -7.93
C CYS A 20 6.92 -8.36 -9.28
N ASP A 21 7.62 -9.38 -9.74
CA ASP A 21 7.31 -10.01 -11.06
C ASP A 21 5.90 -10.64 -11.08
N ASN A 22 5.24 -10.74 -9.96
CA ASN A 22 3.87 -11.37 -9.92
C ASN A 22 2.78 -10.28 -9.90
N LEU A 23 3.04 -9.18 -9.24
CA LEU A 23 2.03 -8.09 -9.13
C LEU A 23 2.34 -6.92 -10.09
N MET A 24 3.57 -6.48 -10.11
CA MET A 24 3.98 -5.31 -10.97
C MET A 24 3.56 -5.50 -12.45
N PRO A 25 3.89 -6.63 -13.05
CA PRO A 25 3.57 -6.91 -14.47
C PRO A 25 2.10 -7.31 -14.70
N THR A 26 1.26 -7.23 -13.69
CA THR A 26 -0.19 -7.61 -13.88
C THR A 26 -0.93 -6.45 -14.55
N SER A 27 -2.24 -6.56 -14.65
CA SER A 27 -3.07 -5.49 -15.30
C SER A 27 -3.34 -4.36 -14.31
N LEU A 28 -3.36 -4.67 -13.03
CA LEU A 28 -3.60 -3.63 -11.98
C LEU A 28 -2.36 -2.75 -11.88
N PHE A 29 -1.21 -3.36 -11.87
CA PHE A 29 0.07 -2.59 -11.79
C PHE A 29 0.44 -2.12 -13.19
N ASP A 30 0.13 -2.92 -14.20
CA ASP A 30 0.44 -2.54 -15.62
C ASP A 30 1.93 -2.19 -15.75
N CYS A 31 2.79 -2.88 -15.03
CA CYS A 31 4.27 -2.61 -15.10
C CYS A 31 4.52 -1.16 -14.65
N LYS A 32 3.81 -0.72 -13.63
CA LYS A 32 3.96 0.68 -13.11
C LYS A 32 5.44 0.96 -12.77
N ASP A 33 5.71 2.14 -12.27
CA ASP A 33 7.12 2.53 -11.92
C ASP A 33 7.50 1.98 -10.55
N LYS A 34 6.86 2.47 -9.50
CA LYS A 34 7.21 2.00 -8.11
C LYS A 34 5.93 1.83 -7.28
N ASN A 35 5.91 0.84 -6.41
CA ASN A 35 4.73 0.60 -5.52
C ASN A 35 5.23 0.29 -4.12
N THR A 36 4.47 0.66 -3.11
CA THR A 36 4.88 0.40 -1.70
C THR A 36 3.81 -0.43 -0.99
N PHE A 37 4.18 -1.58 -0.47
CA PHE A 37 3.21 -2.46 0.25
C PHE A 37 3.44 -2.35 1.76
N ILE A 38 2.45 -2.75 2.53
CA ILE A 38 2.56 -2.70 4.03
C ILE A 38 2.53 -4.13 4.56
N TYR A 39 3.26 -4.39 5.63
CA TYR A 39 3.29 -5.75 6.24
C TYR A 39 2.26 -5.81 7.39
N SER A 40 1.01 -5.99 7.02
CA SER A 40 -0.08 -6.07 8.04
C SER A 40 -1.28 -6.80 7.44
N LEU A 41 -2.32 -6.97 8.23
CA LEU A 41 -3.55 -7.69 7.74
C LEU A 41 -4.70 -6.68 7.58
N PRO A 42 -5.69 -7.02 6.77
CA PRO A 42 -6.85 -6.14 6.53
C PRO A 42 -7.84 -6.18 7.71
N GLY A 43 -7.65 -7.12 8.63
CA GLY A 43 -8.56 -7.23 9.81
C GLY A 43 -8.27 -6.08 10.80
N PRO A 44 -7.03 -5.96 11.26
CA PRO A 44 -6.63 -4.91 12.22
C PRO A 44 -6.53 -3.55 11.52
N VAL A 45 -6.21 -3.54 10.25
CA VAL A 45 -6.11 -2.26 9.49
C VAL A 45 -7.54 -1.71 9.31
N LYS A 46 -8.41 -2.52 8.76
CA LYS A 46 -9.82 -2.10 8.55
C LYS A 46 -10.49 -1.86 9.91
N ALA A 47 -9.96 -2.48 10.97
CA ALA A 47 -10.54 -2.30 12.33
C ALA A 47 -10.50 -0.82 12.71
N LEU A 48 -9.45 -0.13 12.31
CA LEU A 48 -9.33 1.33 12.62
C LEU A 48 -10.40 2.10 11.85
N CYS A 49 -10.77 1.62 10.68
CA CYS A 49 -11.80 2.31 9.83
C CYS A 49 -13.20 2.01 10.36
N ARG A 50 -13.34 1.07 11.27
CA ARG A 50 -14.70 0.73 11.82
C ARG A 50 -15.33 1.97 12.44
N GLY A 51 -16.10 2.70 11.65
CA GLY A 51 -16.76 3.95 12.14
C GLY A 51 -16.70 5.05 11.08
N VAL A 52 -15.71 4.99 10.20
CA VAL A 52 -15.57 6.02 9.13
C VAL A 52 -16.63 5.80 8.05
N ILE A 53 -17.35 6.83 7.67
CA ILE A 53 -18.41 6.71 6.62
C ILE A 53 -18.04 7.57 5.41
N PHE A 54 -17.48 8.74 5.66
CA PHE A 54 -17.07 9.64 4.55
C PHE A 54 -15.56 9.57 4.35
N SER A 55 -15.06 10.24 3.34
CA SER A 55 -13.60 10.23 3.04
C SER A 55 -12.84 10.96 4.14
N ALA A 56 -11.97 10.26 4.84
CA ALA A 56 -11.17 10.89 5.94
C ALA A 56 -9.73 10.38 5.86
N ASP A 57 -8.76 11.22 6.12
CA ASP A 57 -7.33 10.80 6.06
C ASP A 57 -6.85 10.48 7.47
N VAL A 58 -6.41 9.24 7.69
CA VAL A 58 -5.92 8.83 9.03
C VAL A 58 -4.45 8.42 8.94
N LEU A 59 -3.75 8.49 10.05
CA LEU A 59 -2.31 8.09 10.08
C LEU A 59 -2.18 6.79 10.88
N SER A 60 -1.35 5.87 10.44
CA SER A 60 -1.17 4.57 11.15
C SER A 60 -0.84 4.82 12.62
N ASN A 61 -1.34 3.98 13.51
CA ASN A 61 -1.08 4.14 14.97
C ASN A 61 0.38 3.78 15.28
N SER A 62 0.96 2.89 14.49
CA SER A 62 2.37 2.46 14.72
C SER A 62 3.03 2.14 13.37
N GLU A 63 4.31 2.47 13.24
CA GLU A 63 5.05 2.20 11.98
C GLU A 63 5.07 0.70 11.68
N PHE A 64 4.89 0.32 10.43
CA PHE A 64 4.90 -1.13 10.04
C PHE A 64 6.04 -1.36 9.04
N TYR A 65 6.27 -2.61 8.68
CA TYR A 65 7.33 -2.94 7.69
C TYR A 65 6.79 -2.57 6.31
N LEU A 66 7.65 -2.10 5.42
CA LEU A 66 7.16 -1.69 4.06
C LEU A 66 7.98 -2.38 2.96
N ALA A 67 7.32 -3.18 2.16
CA ALA A 67 7.99 -3.88 1.02
C ALA A 67 7.54 -3.20 -0.27
N GLU A 68 8.45 -2.52 -0.95
CA GLU A 68 8.06 -1.80 -2.22
C GLU A 68 8.72 -2.44 -3.43
N CYS A 69 8.14 -2.19 -4.59
CA CYS A 69 8.67 -2.74 -5.87
C CYS A 69 9.26 -1.59 -6.69
N ASN A 70 10.57 -1.47 -6.72
CA ASN A 70 11.22 -0.37 -7.47
C ASN A 70 11.70 -0.87 -8.84
N VAL A 71 11.17 -0.30 -9.90
CA VAL A 71 11.58 -0.71 -11.29
C VAL A 71 12.92 -0.08 -11.63
N LYS A 72 13.92 -0.89 -11.92
CA LYS A 72 15.28 -0.37 -12.25
C LYS A 72 15.22 0.42 -13.58
N PRO A 73 16.06 1.44 -13.72
CA PRO A 73 16.10 2.27 -14.95
C PRO A 73 16.88 1.53 -16.06
N ARG A 74 16.43 1.70 -17.29
CA ARG A 74 17.12 1.02 -18.45
C ARG A 74 16.91 -0.50 -18.36
N LYS A 75 15.82 -0.92 -17.73
CA LYS A 75 15.54 -2.38 -17.60
C LYS A 75 14.10 -2.67 -18.11
N PRO A 76 13.90 -3.81 -18.76
CA PRO A 76 12.57 -4.17 -19.30
C PRO A 76 11.64 -4.68 -18.20
N CYS A 77 10.91 -3.78 -17.57
CA CYS A 77 9.96 -4.15 -16.48
C CYS A 77 10.65 -5.04 -15.42
N LYS A 78 11.88 -4.71 -15.06
CA LYS A 78 12.61 -5.49 -14.02
C LYS A 78 12.40 -4.76 -12.69
N TYR A 79 12.24 -5.49 -11.61
CA TYR A 79 11.96 -4.83 -10.29
C TYR A 79 12.98 -5.24 -9.22
N LYS A 80 13.02 -4.49 -8.14
CA LYS A 80 13.95 -4.77 -7.01
C LYS A 80 13.17 -4.63 -5.70
N LEU A 81 13.20 -5.64 -4.87
CA LEU A 81 12.45 -5.61 -3.58
C LEU A 81 13.21 -4.77 -2.55
N LYS A 82 12.57 -3.77 -1.99
CA LYS A 82 13.22 -2.90 -0.97
C LYS A 82 12.43 -3.01 0.35
N LYS A 83 13.03 -2.62 1.45
CA LYS A 83 12.34 -2.69 2.77
C LYS A 83 12.36 -1.31 3.46
N SER A 84 11.39 -1.07 4.32
CA SER A 84 11.32 0.23 5.05
C SER A 84 10.49 0.05 6.33
N SER A 85 10.39 1.09 7.14
CA SER A 85 9.59 1.01 8.40
C SER A 85 9.14 2.39 8.84
N ASN A 86 7.86 2.68 8.76
CA ASN A 86 7.33 4.00 9.19
C ASN A 86 5.80 4.01 9.13
N ARG A 87 5.19 5.09 9.59
CA ARG A 87 3.70 5.20 9.58
C ARG A 87 3.20 5.48 8.15
N ILE A 88 1.91 5.61 7.98
CA ILE A 88 1.34 5.87 6.62
C ILE A 88 0.02 6.63 6.72
N CYS A 89 -0.19 7.56 5.82
CA CYS A 89 -1.45 8.37 5.80
C CYS A 89 -2.37 7.80 4.73
N ILE A 90 -3.54 7.36 5.09
CA ILE A 90 -4.49 6.76 4.09
C ILE A 90 -5.87 7.41 4.18
N ARG A 91 -6.64 7.33 3.11
CA ARG A 91 -8.02 7.90 3.10
C ARG A 91 -9.02 6.75 3.27
N CYS A 92 -9.93 6.89 4.21
CA CYS A 92 -10.92 5.80 4.47
C CYS A 92 -12.35 6.33 4.36
N GLU A 93 -13.22 5.54 3.79
CA GLU A 93 -14.66 5.92 3.65
C GLU A 93 -15.50 4.64 3.61
N HIS A 94 -16.70 4.68 4.16
CA HIS A 94 -17.58 3.47 4.18
C HIS A 94 -16.85 2.31 4.88
N GLU A 95 -15.87 2.63 5.72
CA GLU A 95 -15.11 1.59 6.49
C GLU A 95 -14.08 0.87 5.58
N LEU A 96 -13.44 1.59 4.67
CA LEU A 96 -12.41 0.94 3.79
C LEU A 96 -11.43 2.01 3.23
N PRO A 97 -10.14 1.69 3.19
CA PRO A 97 -9.11 2.59 2.66
C PRO A 97 -9.13 2.56 1.14
N VAL A 98 -9.56 3.63 0.51
CA VAL A 98 -9.65 3.67 -0.98
C VAL A 98 -8.51 4.50 -1.58
N HIS A 99 -7.79 5.27 -0.77
CA HIS A 99 -6.67 6.09 -1.32
C HIS A 99 -5.58 6.28 -0.27
N PHE A 100 -4.47 6.86 -0.68
CA PHE A 100 -3.33 7.11 0.25
C PHE A 100 -3.02 8.61 0.26
N ALA A 101 -3.10 9.24 1.42
CA ALA A 101 -2.83 10.71 1.52
C ALA A 101 -1.33 10.95 1.36
N GLY A 102 -0.52 10.11 1.98
CA GLY A 102 0.95 10.26 1.88
C GLY A 102 1.63 9.21 2.76
N VAL A 103 2.87 9.46 3.14
CA VAL A 103 3.62 8.48 3.99
C VAL A 103 4.34 9.22 5.12
N GLY A 104 4.35 8.65 6.31
CA GLY A 104 5.03 9.28 7.47
C GLY A 104 4.04 10.12 8.28
N ILE A 105 3.93 11.40 7.98
CA ILE A 105 3.00 12.30 8.73
C ILE A 105 2.13 13.10 7.76
N CYS A 106 0.92 13.43 8.16
CA CYS A 106 0.00 14.23 7.31
C CYS A 106 -0.07 15.68 7.85
N PRO A 107 -0.58 16.60 7.04
CA PRO A 107 -0.69 18.02 7.44
C PRO A 107 -1.91 18.23 8.35
N MET A 1 -10.62 3.03 -10.72
CA MET A 1 -11.31 2.40 -9.55
C MET A 1 -10.51 2.67 -8.28
N GLN A 2 -11.19 2.97 -7.19
CA GLN A 2 -10.50 3.24 -5.89
C GLN A 2 -11.30 2.64 -4.72
N ASP A 3 -10.96 1.44 -4.33
CA ASP A 3 -11.68 0.77 -3.19
C ASP A 3 -10.67 -0.03 -2.35
N TRP A 4 -11.16 -0.78 -1.38
CA TRP A 4 -10.26 -1.61 -0.51
C TRP A 4 -9.40 -2.51 -1.42
N ALA A 5 -10.04 -3.33 -2.22
CA ALA A 5 -9.32 -4.29 -3.14
C ALA A 5 -8.10 -3.64 -3.80
N THR A 6 -8.25 -2.44 -4.31
CA THR A 6 -7.10 -1.74 -4.97
C THR A 6 -6.07 -1.38 -3.91
N PHE A 7 -6.53 -0.84 -2.80
CA PHE A 7 -5.61 -0.45 -1.69
C PHE A 7 -4.92 -1.71 -1.13
N LYS A 8 -5.58 -2.85 -1.24
CA LYS A 8 -4.99 -4.13 -0.73
C LYS A 8 -3.74 -4.46 -1.54
N LYS A 9 -3.86 -4.44 -2.85
CA LYS A 9 -2.70 -4.73 -3.75
C LYS A 9 -1.77 -3.52 -3.83
N LYS A 10 -2.28 -2.36 -3.50
CA LYS A 10 -1.46 -1.10 -3.58
C LYS A 10 -0.58 -0.89 -2.32
N HIS A 11 -1.17 -0.92 -1.14
CA HIS A 11 -0.37 -0.65 0.11
C HIS A 11 -0.43 -1.83 1.10
N LEU A 12 -0.87 -2.99 0.69
CA LEU A 12 -0.93 -4.15 1.65
C LEU A 12 -0.37 -5.42 1.02
N THR A 13 0.28 -6.23 1.82
CA THR A 13 0.87 -7.52 1.35
C THR A 13 0.75 -8.55 2.47
N ASP A 14 0.79 -9.82 2.13
CA ASP A 14 0.70 -10.91 3.16
C ASP A 14 2.08 -11.53 3.40
N THR A 15 3.14 -10.81 3.06
CA THR A 15 4.53 -11.33 3.25
C THR A 15 5.53 -10.18 3.09
N TRP A 16 6.60 -10.21 3.86
CA TRP A 16 7.64 -9.15 3.79
C TRP A 16 8.32 -9.20 2.42
N ASP A 17 8.47 -10.39 1.89
CA ASP A 17 9.11 -10.58 0.56
C ASP A 17 8.02 -10.66 -0.52
N VAL A 18 7.77 -9.57 -1.20
CA VAL A 18 6.71 -9.55 -2.26
C VAL A 18 7.33 -9.93 -3.61
N ASP A 19 6.51 -10.32 -4.54
CA ASP A 19 7.00 -10.72 -5.90
C ASP A 19 6.65 -9.62 -6.92
N CYS A 20 7.59 -8.71 -7.15
CA CYS A 20 7.36 -7.59 -8.10
C CYS A 20 7.06 -8.15 -9.51
N ASP A 21 7.92 -9.03 -9.99
CA ASP A 21 7.75 -9.61 -11.36
C ASP A 21 6.44 -10.41 -11.49
N ASN A 22 5.74 -10.69 -10.40
CA ASN A 22 4.47 -11.48 -10.49
C ASN A 22 3.25 -10.56 -10.30
N LEU A 23 3.41 -9.48 -9.56
CA LEU A 23 2.27 -8.55 -9.28
C LEU A 23 2.35 -7.28 -10.15
N MET A 24 3.51 -6.67 -10.22
CA MET A 24 3.65 -5.40 -11.00
C MET A 24 3.34 -5.56 -12.50
N PRO A 25 3.95 -6.53 -13.17
CA PRO A 25 3.73 -6.74 -14.62
C PRO A 25 2.35 -7.36 -14.92
N THR A 26 1.57 -7.66 -13.90
CA THR A 26 0.22 -8.27 -14.13
C THR A 26 -0.69 -7.23 -14.79
N SER A 27 -1.94 -7.54 -14.94
CA SER A 27 -2.92 -6.59 -15.57
C SER A 27 -3.39 -5.56 -14.54
N LEU A 28 -3.28 -5.89 -13.27
CA LEU A 28 -3.71 -4.94 -12.19
C LEU A 28 -2.71 -3.80 -12.09
N PHE A 29 -1.44 -4.12 -12.19
CA PHE A 29 -0.37 -3.08 -12.10
C PHE A 29 0.10 -2.69 -13.52
N ASP A 30 -0.04 -3.60 -14.47
CA ASP A 30 0.37 -3.30 -15.89
C ASP A 30 1.83 -2.80 -15.93
N CYS A 31 2.65 -3.29 -15.05
CA CYS A 31 4.09 -2.88 -15.00
C CYS A 31 4.18 -1.37 -14.74
N LYS A 32 3.84 -0.96 -13.54
CA LYS A 32 3.87 0.49 -13.17
C LYS A 32 5.32 0.89 -12.84
N ASP A 33 5.51 2.09 -12.33
CA ASP A 33 6.88 2.59 -11.98
C ASP A 33 7.35 1.93 -10.68
N LYS A 34 6.67 2.20 -9.59
CA LYS A 34 7.07 1.59 -8.27
C LYS A 34 5.91 1.69 -7.28
N ASN A 35 5.87 0.77 -6.33
CA ASN A 35 4.78 0.78 -5.31
C ASN A 35 5.36 0.37 -3.94
N THR A 36 4.86 0.97 -2.88
CA THR A 36 5.33 0.63 -1.50
C THR A 36 4.21 -0.13 -0.79
N PHE A 37 4.47 -1.36 -0.40
CA PHE A 37 3.43 -2.18 0.30
C PHE A 37 3.64 -2.10 1.81
N ILE A 38 2.64 -2.49 2.57
CA ILE A 38 2.73 -2.46 4.07
C ILE A 38 2.55 -3.88 4.60
N TYR A 39 3.31 -4.24 5.62
CA TYR A 39 3.20 -5.61 6.21
C TYR A 39 2.28 -5.55 7.44
N SER A 40 0.99 -5.68 7.22
CA SER A 40 0.00 -5.64 8.34
C SER A 40 -1.21 -6.51 7.97
N LEU A 41 -2.05 -6.80 8.95
CA LEU A 41 -3.26 -7.64 8.69
C LEU A 41 -4.47 -6.74 8.36
N PRO A 42 -5.43 -7.27 7.63
CA PRO A 42 -6.65 -6.51 7.25
C PRO A 42 -7.61 -6.38 8.44
N GLY A 43 -7.39 -7.13 9.50
CA GLY A 43 -8.28 -7.06 10.70
C GLY A 43 -7.99 -5.77 11.49
N PRO A 44 -6.75 -5.59 11.93
CA PRO A 44 -6.35 -4.40 12.71
C PRO A 44 -6.25 -3.15 11.81
N VAL A 45 -6.02 -3.35 10.53
CA VAL A 45 -5.92 -2.19 9.59
C VAL A 45 -7.33 -1.70 9.30
N LYS A 46 -8.21 -2.61 8.97
CA LYS A 46 -9.63 -2.23 8.69
C LYS A 46 -10.27 -1.68 9.97
N ALA A 47 -9.76 -2.10 11.12
CA ALA A 47 -10.30 -1.61 12.44
C ALA A 47 -10.21 -0.09 12.48
N LEU A 48 -9.20 0.47 11.85
CA LEU A 48 -9.02 1.96 11.84
C LEU A 48 -10.17 2.61 11.08
N CYS A 49 -10.66 1.94 10.06
CA CYS A 49 -11.80 2.49 9.24
C CYS A 49 -13.14 2.24 9.93
N ARG A 50 -13.18 1.36 10.91
CA ARG A 50 -14.46 1.07 11.64
C ARG A 50 -15.01 2.38 12.25
N GLY A 51 -15.92 3.03 11.57
CA GLY A 51 -16.50 4.31 12.07
C GLY A 51 -16.45 5.38 10.97
N VAL A 52 -15.55 5.22 10.02
CA VAL A 52 -15.42 6.22 8.91
C VAL A 52 -16.57 6.02 7.92
N ILE A 53 -17.25 7.11 7.57
CA ILE A 53 -18.39 7.04 6.61
C ILE A 53 -18.02 7.81 5.34
N PHE A 54 -17.38 8.94 5.50
CA PHE A 54 -16.96 9.78 4.34
C PHE A 54 -15.44 9.73 4.19
N SER A 55 -14.92 10.39 3.18
CA SER A 55 -13.44 10.40 2.93
C SER A 55 -12.73 11.16 4.05
N ALA A 56 -11.92 10.47 4.81
CA ALA A 56 -11.15 11.11 5.93
C ALA A 56 -9.72 10.58 5.91
N ASP A 57 -8.79 11.31 6.48
CA ASP A 57 -7.36 10.85 6.49
C ASP A 57 -7.03 10.17 7.82
N VAL A 58 -6.51 8.97 7.75
CA VAL A 58 -6.12 8.21 8.98
C VAL A 58 -4.61 7.96 8.95
N LEU A 59 -4.02 7.77 10.11
CA LEU A 59 -2.54 7.52 10.18
C LEU A 59 -2.25 6.39 11.16
N SER A 60 -1.38 5.47 10.79
CA SER A 60 -1.03 4.32 11.69
C SER A 60 -0.40 4.86 12.96
N ASN A 61 -0.61 4.19 14.08
CA ASN A 61 -0.04 4.64 15.38
C ASN A 61 1.38 4.07 15.53
N SER A 62 1.62 2.91 14.96
CA SER A 62 2.98 2.27 15.05
C SER A 62 3.54 2.08 13.64
N GLU A 63 4.86 2.06 13.52
CA GLU A 63 5.52 1.88 12.19
C GLU A 63 5.50 0.40 11.80
N PHE A 64 5.18 0.12 10.55
CA PHE A 64 5.15 -1.31 10.07
C PHE A 64 6.26 -1.51 9.04
N TYR A 65 6.45 -2.73 8.61
CA TYR A 65 7.49 -3.03 7.58
C TYR A 65 6.94 -2.60 6.23
N LEU A 66 7.79 -2.13 5.35
CA LEU A 66 7.32 -1.67 4.01
C LEU A 66 8.03 -2.45 2.90
N ALA A 67 7.30 -3.28 2.20
CA ALA A 67 7.89 -4.06 1.07
C ALA A 67 7.54 -3.34 -0.23
N GLU A 68 8.51 -2.68 -0.84
CA GLU A 68 8.24 -1.92 -2.10
C GLU A 68 8.79 -2.64 -3.32
N CYS A 69 8.29 -2.26 -4.47
CA CYS A 69 8.75 -2.84 -5.76
C CYS A 69 9.20 -1.68 -6.65
N ASN A 70 10.49 -1.42 -6.70
CA ASN A 70 11.03 -0.28 -7.50
C ASN A 70 11.53 -0.77 -8.86
N VAL A 71 11.11 -0.11 -9.91
CA VAL A 71 11.56 -0.50 -11.29
C VAL A 71 12.85 0.27 -11.59
N LYS A 72 13.97 -0.43 -11.63
CA LYS A 72 15.29 0.24 -11.91
C LYS A 72 15.17 1.08 -13.21
N PRO A 73 15.91 2.18 -13.29
CA PRO A 73 15.86 3.08 -14.47
C PRO A 73 16.67 2.48 -15.62
N ARG A 74 16.27 2.76 -16.83
CA ARG A 74 16.99 2.24 -18.04
C ARG A 74 16.88 0.71 -18.07
N LYS A 75 15.80 0.17 -17.52
CA LYS A 75 15.61 -1.31 -17.51
C LYS A 75 14.14 -1.63 -17.87
N PRO A 76 13.92 -2.63 -18.74
CA PRO A 76 12.56 -3.01 -19.16
C PRO A 76 11.82 -3.83 -18.10
N CYS A 77 10.94 -3.17 -17.37
CA CYS A 77 10.12 -3.85 -16.31
C CYS A 77 10.99 -4.69 -15.36
N LYS A 78 12.14 -4.18 -14.97
CA LYS A 78 13.03 -4.92 -14.01
C LYS A 78 12.76 -4.37 -12.61
N TYR A 79 12.29 -5.23 -11.72
CA TYR A 79 11.94 -4.77 -10.34
C TYR A 79 12.97 -5.23 -9.32
N LYS A 80 12.96 -4.57 -8.17
CA LYS A 80 13.90 -4.90 -7.06
C LYS A 80 13.15 -4.76 -5.73
N LEU A 81 13.22 -5.76 -4.89
CA LEU A 81 12.50 -5.72 -3.57
C LEU A 81 13.28 -4.89 -2.55
N LYS A 82 12.63 -3.90 -1.96
CA LYS A 82 13.29 -3.04 -0.94
C LYS A 82 12.43 -3.04 0.34
N LYS A 83 13.06 -2.99 1.49
CA LYS A 83 12.30 -3.00 2.78
C LYS A 83 12.48 -1.67 3.51
N SER A 84 11.51 -1.30 4.34
CA SER A 84 11.59 -0.03 5.11
C SER A 84 10.68 -0.11 6.34
N SER A 85 10.66 0.94 7.14
CA SER A 85 9.81 0.97 8.37
C SER A 85 9.28 2.38 8.58
N ASN A 86 7.97 2.56 8.57
CA ASN A 86 7.37 3.91 8.75
C ASN A 86 5.85 3.80 8.90
N ARG A 87 5.21 4.88 9.28
CA ARG A 87 3.72 4.89 9.44
C ARG A 87 3.06 5.04 8.06
N ILE A 88 1.74 5.06 8.02
CA ILE A 88 1.04 5.21 6.70
C ILE A 88 -0.17 6.13 6.84
N CYS A 89 -0.31 7.04 5.91
CA CYS A 89 -1.47 7.98 5.91
C CYS A 89 -2.42 7.54 4.80
N ILE A 90 -3.62 7.15 5.16
CA ILE A 90 -4.59 6.65 4.13
C ILE A 90 -5.90 7.43 4.18
N ARG A 91 -6.64 7.42 3.08
CA ARG A 91 -7.96 8.11 3.02
C ARG A 91 -9.04 7.04 3.13
N CYS A 92 -9.90 7.14 4.13
CA CYS A 92 -10.95 6.11 4.32
C CYS A 92 -12.37 6.68 4.16
N GLU A 93 -13.24 5.88 3.62
CA GLU A 93 -14.67 6.28 3.42
C GLU A 93 -15.48 4.99 3.32
N HIS A 94 -16.70 4.99 3.80
CA HIS A 94 -17.54 3.75 3.76
C HIS A 94 -16.85 2.64 4.57
N GLU A 95 -15.98 3.01 5.50
CA GLU A 95 -15.25 2.02 6.35
C GLU A 95 -14.22 1.24 5.51
N LEU A 96 -13.60 1.90 4.55
CA LEU A 96 -12.56 1.21 3.69
C LEU A 96 -11.61 2.26 3.07
N PRO A 97 -10.30 2.03 3.15
CA PRO A 97 -9.31 2.96 2.56
C PRO A 97 -9.23 2.74 1.05
N VAL A 98 -9.60 3.75 0.29
CA VAL A 98 -9.60 3.64 -1.20
C VAL A 98 -8.31 4.22 -1.79
N HIS A 99 -7.63 5.08 -1.05
CA HIS A 99 -6.36 5.68 -1.56
C HIS A 99 -5.37 5.89 -0.42
N PHE A 100 -4.22 6.45 -0.72
CA PHE A 100 -3.18 6.71 0.31
C PHE A 100 -2.77 8.18 0.27
N ALA A 101 -2.86 8.86 1.39
CA ALA A 101 -2.49 10.32 1.46
C ALA A 101 -0.98 10.46 1.29
N GLY A 102 -0.24 9.64 2.02
CA GLY A 102 1.26 9.70 1.96
C GLY A 102 1.85 8.69 2.94
N VAL A 103 3.12 8.84 3.25
CA VAL A 103 3.81 7.92 4.20
C VAL A 103 4.52 8.72 5.30
N GLY A 104 4.42 8.29 6.54
CA GLY A 104 5.07 8.99 7.67
C GLY A 104 4.02 9.71 8.52
N ILE A 105 3.89 11.01 8.34
CA ILE A 105 2.88 11.80 9.13
C ILE A 105 2.04 12.65 8.18
N CYS A 106 0.90 13.11 8.65
CA CYS A 106 -0.01 13.95 7.80
C CYS A 106 -0.30 15.28 8.54
N PRO A 107 0.25 16.40 8.05
CA PRO A 107 0.04 17.71 8.68
C PRO A 107 -1.35 18.27 8.33
N MET A 1 -13.13 5.13 -8.42
CA MET A 1 -13.45 3.71 -8.74
C MET A 1 -12.46 2.79 -8.00
N GLN A 2 -11.93 3.25 -6.89
CA GLN A 2 -10.95 2.42 -6.10
C GLN A 2 -11.62 1.98 -4.79
N ASP A 3 -11.42 0.72 -4.42
CA ASP A 3 -12.01 0.18 -3.15
C ASP A 3 -10.94 -0.54 -2.34
N TRP A 4 -11.36 -1.25 -1.30
CA TRP A 4 -10.38 -2.00 -0.44
C TRP A 4 -9.57 -2.98 -1.29
N ALA A 5 -10.26 -3.86 -2.00
CA ALA A 5 -9.59 -4.89 -2.87
C ALA A 5 -8.41 -4.30 -3.66
N THR A 6 -8.56 -3.10 -4.16
CA THR A 6 -7.45 -2.45 -4.93
C THR A 6 -6.35 -2.03 -3.97
N PHE A 7 -6.74 -1.38 -2.89
CA PHE A 7 -5.74 -0.93 -1.86
C PHE A 7 -5.06 -2.15 -1.24
N LYS A 8 -5.75 -3.28 -1.21
CA LYS A 8 -5.16 -4.51 -0.62
C LYS A 8 -3.99 -4.98 -1.47
N LYS A 9 -4.20 -5.07 -2.76
CA LYS A 9 -3.11 -5.52 -3.69
C LYS A 9 -2.14 -4.36 -3.94
N LYS A 10 -2.58 -3.14 -3.69
CA LYS A 10 -1.72 -1.94 -3.92
C LYS A 10 -0.76 -1.68 -2.75
N HIS A 11 -1.28 -1.50 -1.55
CA HIS A 11 -0.38 -1.18 -0.39
C HIS A 11 -0.47 -2.22 0.74
N LEU A 12 -0.91 -3.43 0.46
CA LEU A 12 -0.99 -4.47 1.54
C LEU A 12 -0.50 -5.82 1.03
N THR A 13 0.08 -6.61 1.91
CA THR A 13 0.60 -7.96 1.53
C THR A 13 0.56 -8.87 2.76
N ASP A 14 0.71 -10.16 2.55
CA ASP A 14 0.70 -11.14 3.69
C ASP A 14 2.07 -11.81 3.81
N THR A 15 3.11 -11.14 3.36
CA THR A 15 4.49 -11.71 3.42
C THR A 15 5.51 -10.57 3.36
N TRP A 16 6.55 -10.65 4.15
CA TRP A 16 7.61 -9.59 4.17
C TRP A 16 8.32 -9.58 2.81
N ASP A 17 8.47 -10.75 2.22
CA ASP A 17 9.14 -10.87 0.89
C ASP A 17 8.07 -11.08 -0.18
N VAL A 18 7.81 -10.07 -0.99
CA VAL A 18 6.76 -10.18 -2.05
C VAL A 18 7.44 -10.29 -3.43
N ASP A 19 6.69 -10.76 -4.41
CA ASP A 19 7.24 -10.91 -5.79
C ASP A 19 6.78 -9.71 -6.65
N CYS A 20 7.62 -8.71 -6.76
CA CYS A 20 7.28 -7.49 -7.56
C CYS A 20 6.92 -7.87 -9.00
N ASP A 21 7.71 -8.74 -9.61
CA ASP A 21 7.46 -9.16 -11.02
C ASP A 21 6.15 -9.95 -11.16
N ASN A 22 5.52 -10.33 -10.06
CA ASN A 22 4.24 -11.11 -10.14
C ASN A 22 3.02 -10.16 -10.09
N LEU A 23 3.19 -9.03 -9.46
CA LEU A 23 2.06 -8.04 -9.32
C LEU A 23 2.16 -6.94 -10.39
N MET A 24 3.36 -6.68 -10.88
CA MET A 24 3.53 -5.60 -11.90
C MET A 24 3.01 -5.95 -13.32
N PRO A 25 3.02 -7.22 -13.75
CA PRO A 25 2.55 -7.56 -15.12
C PRO A 25 1.02 -7.61 -15.24
N THR A 26 0.30 -7.23 -14.19
CA THR A 26 -1.20 -7.27 -14.26
C THR A 26 -1.74 -5.90 -14.69
N SER A 27 -3.04 -5.78 -14.76
CA SER A 27 -3.69 -4.50 -15.17
C SER A 27 -3.81 -3.56 -13.97
N LEU A 28 -3.59 -4.07 -12.76
CA LEU A 28 -3.68 -3.22 -11.53
C LEU A 28 -2.41 -2.40 -11.41
N PHE A 29 -1.30 -2.97 -11.83
CA PHE A 29 0.00 -2.26 -11.74
C PHE A 29 0.48 -1.95 -13.16
N ASP A 30 0.30 -2.88 -14.08
CA ASP A 30 0.72 -2.68 -15.51
C ASP A 30 2.15 -2.07 -15.60
N CYS A 31 3.13 -2.81 -15.13
CA CYS A 31 4.56 -2.32 -15.16
C CYS A 31 4.64 -0.93 -14.50
N LYS A 32 3.99 -0.76 -13.37
CA LYS A 32 4.00 0.54 -12.65
C LYS A 32 5.43 0.98 -12.31
N ASP A 33 5.55 2.11 -11.65
CA ASP A 33 6.89 2.63 -11.24
C ASP A 33 7.34 1.93 -9.96
N LYS A 34 6.65 2.19 -8.86
CA LYS A 34 7.00 1.55 -7.56
C LYS A 34 5.81 1.63 -6.60
N ASN A 35 5.81 0.79 -5.58
CA ASN A 35 4.70 0.78 -4.58
C ASN A 35 5.21 0.26 -3.24
N THR A 36 4.72 0.82 -2.14
CA THR A 36 5.15 0.38 -0.78
C THR A 36 4.01 -0.44 -0.16
N PHE A 37 4.28 -1.67 0.22
CA PHE A 37 3.22 -2.54 0.83
C PHE A 37 3.38 -2.55 2.35
N ILE A 38 2.31 -2.89 3.04
CA ILE A 38 2.33 -2.96 4.53
C ILE A 38 2.31 -4.43 4.96
N TYR A 39 3.05 -4.77 5.99
CA TYR A 39 3.07 -6.19 6.48
C TYR A 39 2.07 -6.33 7.61
N SER A 40 0.82 -6.55 7.26
CA SER A 40 -0.26 -6.71 8.28
C SER A 40 -1.49 -7.35 7.62
N LEU A 41 -2.44 -7.76 8.43
CA LEU A 41 -3.68 -8.40 7.87
C LEU A 41 -4.73 -7.31 7.59
N PRO A 42 -5.71 -7.63 6.75
CA PRO A 42 -6.78 -6.67 6.40
C PRO A 42 -7.80 -6.56 7.55
N GLY A 43 -7.76 -7.48 8.49
CA GLY A 43 -8.71 -7.45 9.65
C GLY A 43 -8.36 -6.28 10.59
N PRO A 44 -7.13 -6.27 11.11
CA PRO A 44 -6.69 -5.20 12.03
C PRO A 44 -6.44 -3.89 11.27
N VAL A 45 -6.05 -3.97 10.00
CA VAL A 45 -5.83 -2.73 9.20
C VAL A 45 -7.19 -2.10 8.94
N LYS A 46 -8.11 -2.89 8.42
CA LYS A 46 -9.50 -2.38 8.15
C LYS A 46 -10.14 -2.02 9.50
N ALA A 47 -9.72 -2.67 10.57
CA ALA A 47 -10.28 -2.38 11.94
C ALA A 47 -10.07 -0.91 12.25
N LEU A 48 -8.93 -0.35 11.87
CA LEU A 48 -8.64 1.09 12.11
C LEU A 48 -9.68 1.93 11.36
N CYS A 49 -10.09 1.45 10.21
CA CYS A 49 -11.12 2.15 9.38
C CYS A 49 -12.52 1.85 9.95
N ARG A 50 -12.65 0.76 10.68
CA ARG A 50 -13.98 0.39 11.28
C ARG A 50 -14.46 1.54 12.17
N GLY A 51 -15.22 2.46 11.60
CA GLY A 51 -15.73 3.63 12.36
C GLY A 51 -15.80 4.85 11.44
N VAL A 52 -14.97 4.88 10.41
CA VAL A 52 -14.97 6.04 9.46
C VAL A 52 -16.13 5.89 8.46
N ILE A 53 -16.68 7.00 8.02
CA ILE A 53 -17.83 6.96 7.05
C ILE A 53 -17.53 7.87 5.86
N PHE A 54 -16.95 9.03 6.11
CA PHE A 54 -16.62 9.99 5.00
C PHE A 54 -15.14 9.83 4.63
N SER A 55 -14.72 10.49 3.58
CA SER A 55 -13.29 10.40 3.13
C SER A 55 -12.41 11.22 4.07
N ALA A 56 -11.52 10.57 4.80
CA ALA A 56 -10.62 11.27 5.75
C ALA A 56 -9.20 10.71 5.61
N ASP A 57 -8.20 11.52 5.88
CA ASP A 57 -6.79 11.03 5.77
C ASP A 57 -6.29 10.65 7.17
N VAL A 58 -5.97 9.40 7.37
CA VAL A 58 -5.47 8.92 8.70
C VAL A 58 -4.02 8.45 8.56
N LEU A 59 -3.20 8.76 9.54
CA LEU A 59 -1.77 8.32 9.51
C LEU A 59 -1.53 7.27 10.59
N SER A 60 -1.05 6.11 10.22
CA SER A 60 -0.80 5.02 11.23
C SER A 60 0.16 5.54 12.31
N ASN A 61 -0.31 5.60 13.54
CA ASN A 61 0.54 6.10 14.66
C ASN A 61 1.68 5.13 14.92
N SER A 62 1.45 3.85 14.67
CA SER A 62 2.49 2.81 14.88
C SER A 62 3.18 2.50 13.55
N GLU A 63 4.49 2.45 13.56
CA GLU A 63 5.25 2.14 12.31
C GLU A 63 5.24 0.63 12.06
N PHE A 64 4.96 0.23 10.84
CA PHE A 64 4.93 -1.23 10.51
C PHE A 64 6.02 -1.55 9.50
N TYR A 65 6.25 -2.83 9.24
CA TYR A 65 7.27 -3.23 8.24
C TYR A 65 6.72 -2.91 6.86
N LEU A 66 7.55 -2.50 5.94
CA LEU A 66 7.06 -2.13 4.57
C LEU A 66 7.82 -2.89 3.49
N ALA A 67 7.11 -3.70 2.73
CA ALA A 67 7.73 -4.45 1.60
C ALA A 67 7.39 -3.68 0.33
N GLU A 68 8.33 -2.90 -0.16
CA GLU A 68 8.05 -2.07 -1.38
C GLU A 68 8.67 -2.69 -2.62
N CYS A 69 8.23 -2.23 -3.76
CA CYS A 69 8.75 -2.74 -5.06
C CYS A 69 9.24 -1.53 -5.88
N ASN A 70 10.53 -1.35 -5.99
CA ASN A 70 11.07 -0.18 -6.74
C ASN A 70 11.61 -0.63 -8.11
N VAL A 71 11.11 -0.02 -9.17
CA VAL A 71 11.58 -0.37 -10.55
C VAL A 71 12.80 0.50 -10.89
N LYS A 72 13.94 -0.12 -11.14
CA LYS A 72 15.18 0.65 -11.47
C LYS A 72 14.91 1.54 -12.71
N PRO A 73 15.20 2.84 -12.62
CA PRO A 73 14.98 3.77 -13.74
C PRO A 73 16.09 3.62 -14.79
N ARG A 74 15.84 4.11 -15.99
CA ARG A 74 16.86 4.01 -17.09
C ARG A 74 17.07 2.53 -17.45
N LYS A 75 16.01 1.76 -17.34
CA LYS A 75 16.08 0.30 -17.67
C LYS A 75 14.65 -0.26 -17.89
N PRO A 76 14.53 -1.52 -18.27
CA PRO A 76 13.21 -2.15 -18.53
C PRO A 76 12.42 -2.36 -17.23
N CYS A 77 11.40 -3.19 -17.28
CA CYS A 77 10.53 -3.44 -16.09
C CYS A 77 11.24 -4.37 -15.08
N LYS A 78 12.38 -3.95 -14.59
CA LYS A 78 13.14 -4.75 -13.58
C LYS A 78 12.77 -4.20 -12.20
N TYR A 79 12.13 -5.02 -11.37
CA TYR A 79 11.70 -4.55 -10.02
C TYR A 79 12.72 -4.98 -8.95
N LYS A 80 12.71 -4.27 -7.84
CA LYS A 80 13.64 -4.58 -6.71
C LYS A 80 12.82 -4.66 -5.41
N LEU A 81 13.26 -5.47 -4.47
CA LEU A 81 12.53 -5.60 -3.17
C LEU A 81 13.24 -4.76 -2.10
N LYS A 82 12.47 -4.03 -1.29
CA LYS A 82 13.07 -3.18 -0.23
C LYS A 82 12.22 -3.26 1.04
N LYS A 83 12.86 -3.38 2.19
CA LYS A 83 12.12 -3.46 3.49
C LYS A 83 12.35 -2.16 4.27
N SER A 84 11.36 -1.73 5.03
CA SER A 84 11.49 -0.46 5.81
C SER A 84 10.52 -0.46 7.00
N SER A 85 10.59 0.58 7.80
CA SER A 85 9.70 0.71 8.99
C SER A 85 9.17 2.14 9.05
N ASN A 86 7.89 2.34 8.83
CA ASN A 86 7.33 3.73 8.87
C ASN A 86 5.80 3.68 8.83
N ARG A 87 5.17 4.82 9.00
CA ARG A 87 3.67 4.89 8.98
C ARG A 87 3.19 5.21 7.57
N ILE A 88 1.90 5.35 7.40
CA ILE A 88 1.33 5.65 6.04
C ILE A 88 0.06 6.48 6.18
N CYS A 89 -0.11 7.43 5.30
CA CYS A 89 -1.32 8.31 5.31
C CYS A 89 -2.31 7.75 4.29
N ILE A 90 -3.44 7.27 4.75
CA ILE A 90 -4.46 6.66 3.83
C ILE A 90 -5.79 7.43 3.88
N ARG A 91 -6.53 7.38 2.79
CA ARG A 91 -7.86 8.06 2.73
C ARG A 91 -8.93 6.99 2.98
N CYS A 92 -9.68 7.14 4.06
CA CYS A 92 -10.72 6.11 4.40
C CYS A 92 -12.12 6.69 4.35
N GLU A 93 -13.06 5.87 3.93
CA GLU A 93 -14.50 6.26 3.85
C GLU A 93 -15.32 4.97 3.84
N HIS A 94 -16.39 4.93 4.61
CA HIS A 94 -17.22 3.68 4.70
C HIS A 94 -16.33 2.58 5.31
N GLU A 95 -15.40 2.96 6.16
CA GLU A 95 -14.46 1.98 6.78
C GLU A 95 -13.66 1.31 5.65
N LEU A 96 -13.26 2.11 4.66
CA LEU A 96 -12.50 1.56 3.49
C LEU A 96 -11.35 2.51 3.07
N PRO A 97 -10.10 2.09 3.24
CA PRO A 97 -8.93 2.88 2.81
C PRO A 97 -8.77 2.65 1.30
N VAL A 98 -9.40 3.49 0.52
CA VAL A 98 -9.39 3.30 -0.97
C VAL A 98 -8.26 4.08 -1.65
N HIS A 99 -7.71 5.08 -1.01
CA HIS A 99 -6.62 5.88 -1.65
C HIS A 99 -5.41 6.05 -0.73
N PHE A 100 -4.23 5.93 -1.29
CA PHE A 100 -2.97 6.11 -0.51
C PHE A 100 -2.56 7.57 -0.57
N ALA A 101 -2.71 8.29 0.53
CA ALA A 101 -2.36 9.74 0.56
C ALA A 101 -0.85 9.90 0.45
N GLY A 102 -0.11 9.10 1.19
CA GLY A 102 1.38 9.17 1.15
C GLY A 102 1.98 8.36 2.30
N VAL A 103 3.24 8.59 2.58
CA VAL A 103 3.94 7.86 3.68
C VAL A 103 4.56 8.86 4.66
N GLY A 104 4.65 8.49 5.92
CA GLY A 104 5.25 9.39 6.95
C GLY A 104 4.28 10.53 7.29
N ILE A 105 4.33 11.61 6.55
CA ILE A 105 3.44 12.79 6.81
C ILE A 105 2.46 12.97 5.65
N CYS A 106 1.42 13.75 5.88
CA CYS A 106 0.39 14.00 4.83
C CYS A 106 0.39 15.51 4.48
N PRO A 107 0.96 15.87 3.34
CA PRO A 107 1.01 17.30 2.92
C PRO A 107 -0.35 17.76 2.37
N MET A 1 -10.75 3.26 -10.99
CA MET A 1 -11.49 3.28 -9.70
C MET A 1 -10.60 2.71 -8.60
N GLN A 2 -10.64 3.31 -7.43
CA GLN A 2 -9.81 2.82 -6.28
C GLN A 2 -10.72 2.51 -5.08
N ASP A 3 -10.68 1.28 -4.62
CA ASP A 3 -11.54 0.86 -3.46
C ASP A 3 -10.75 -0.07 -2.53
N TRP A 4 -11.41 -0.64 -1.54
CA TRP A 4 -10.74 -1.58 -0.58
C TRP A 4 -10.00 -2.68 -1.38
N ALA A 5 -10.55 -3.08 -2.49
CA ALA A 5 -9.90 -4.13 -3.34
C ALA A 5 -8.58 -3.59 -3.90
N THR A 6 -8.58 -2.35 -4.35
CA THR A 6 -7.34 -1.73 -4.89
C THR A 6 -6.37 -1.51 -3.75
N PHE A 7 -6.86 -0.97 -2.66
CA PHE A 7 -6.01 -0.72 -1.46
C PHE A 7 -5.47 -2.07 -0.96
N LYS A 8 -6.19 -3.14 -1.20
CA LYS A 8 -5.74 -4.51 -0.76
C LYS A 8 -4.44 -4.85 -1.48
N LYS A 9 -4.43 -4.72 -2.79
CA LYS A 9 -3.19 -5.04 -3.58
C LYS A 9 -2.21 -3.86 -3.53
N LYS A 10 -2.69 -2.68 -3.20
CA LYS A 10 -1.82 -1.46 -3.15
C LYS A 10 -1.06 -1.34 -1.83
N HIS A 11 -1.74 -1.47 -0.70
CA HIS A 11 -1.04 -1.30 0.63
C HIS A 11 -1.16 -2.55 1.52
N LEU A 12 -1.89 -3.56 1.11
CA LEU A 12 -2.01 -4.79 1.98
C LEU A 12 -1.31 -5.98 1.36
N THR A 13 -0.43 -6.60 2.12
CA THR A 13 0.31 -7.80 1.65
C THR A 13 0.42 -8.80 2.80
N ASP A 14 0.35 -10.08 2.51
CA ASP A 14 0.44 -11.12 3.57
C ASP A 14 1.79 -11.84 3.51
N THR A 15 2.78 -11.20 2.95
CA THR A 15 4.14 -11.83 2.85
C THR A 15 5.20 -10.74 2.74
N TRP A 16 6.14 -10.72 3.67
CA TRP A 16 7.23 -9.71 3.63
C TRP A 16 8.05 -9.92 2.36
N ASP A 17 8.19 -11.17 1.95
CA ASP A 17 8.93 -11.50 0.71
C ASP A 17 7.97 -11.36 -0.48
N VAL A 18 8.03 -10.25 -1.17
CA VAL A 18 7.12 -10.01 -2.34
C VAL A 18 7.84 -10.29 -3.65
N ASP A 19 7.08 -10.51 -4.70
CA ASP A 19 7.66 -10.78 -6.04
C ASP A 19 7.25 -9.65 -6.99
N CYS A 20 8.14 -8.69 -7.19
CA CYS A 20 7.84 -7.54 -8.11
C CYS A 20 7.73 -8.01 -9.54
N ASP A 21 8.65 -8.86 -9.96
CA ASP A 21 8.68 -9.37 -11.37
C ASP A 21 7.46 -10.25 -11.68
N ASN A 22 6.66 -10.61 -10.69
CA ASN A 22 5.47 -11.48 -10.96
C ASN A 22 4.16 -10.67 -10.95
N LEU A 23 4.09 -9.65 -10.13
CA LEU A 23 2.82 -8.83 -10.04
C LEU A 23 2.94 -7.53 -10.84
N MET A 24 4.03 -6.81 -10.65
CA MET A 24 4.23 -5.50 -11.36
C MET A 24 4.02 -5.62 -12.89
N PRO A 25 4.62 -6.61 -13.55
CA PRO A 25 4.51 -6.78 -15.01
C PRO A 25 3.15 -7.37 -15.46
N THR A 26 2.22 -7.56 -14.55
CA THR A 26 0.89 -8.13 -14.94
C THR A 26 -0.06 -6.98 -15.31
N SER A 27 -1.31 -7.31 -15.57
CA SER A 27 -2.32 -6.26 -15.92
C SER A 27 -2.85 -5.58 -14.66
N LEU A 28 -2.69 -6.23 -13.51
CA LEU A 28 -3.17 -5.65 -12.21
C LEU A 28 -2.29 -4.45 -11.87
N PHE A 29 -1.02 -4.52 -12.19
CA PHE A 29 -0.07 -3.41 -11.90
C PHE A 29 0.28 -2.69 -13.21
N ASP A 30 0.24 -3.40 -14.32
CA ASP A 30 0.53 -2.78 -15.65
C ASP A 30 1.93 -2.13 -15.66
N CYS A 31 2.91 -2.78 -15.06
CA CYS A 31 4.31 -2.23 -15.04
C CYS A 31 4.32 -0.79 -14.49
N LYS A 32 3.69 -0.59 -13.35
CA LYS A 32 3.63 0.76 -12.72
C LYS A 32 5.04 1.18 -12.27
N ASP A 33 5.22 2.44 -11.98
CA ASP A 33 6.57 2.95 -11.54
C ASP A 33 7.02 2.27 -10.25
N LYS A 34 6.19 2.28 -9.23
CA LYS A 34 6.56 1.63 -7.93
C LYS A 34 5.31 1.44 -7.06
N ASN A 35 5.42 0.60 -6.05
CA ASN A 35 4.27 0.34 -5.13
C ASN A 35 4.78 -0.06 -3.74
N THR A 36 4.34 0.64 -2.72
CA THR A 36 4.78 0.33 -1.33
C THR A 36 3.69 -0.49 -0.63
N PHE A 37 4.01 -1.72 -0.25
CA PHE A 37 3.01 -2.60 0.43
C PHE A 37 3.25 -2.58 1.93
N ILE A 38 2.26 -2.99 2.71
CA ILE A 38 2.39 -3.02 4.20
C ILE A 38 2.30 -4.47 4.68
N TYR A 39 3.10 -4.82 5.65
CA TYR A 39 3.09 -6.22 6.19
C TYR A 39 2.25 -6.24 7.48
N SER A 40 0.95 -6.08 7.35
CA SER A 40 0.04 -6.08 8.52
C SER A 40 -1.24 -6.86 8.19
N LEU A 41 -2.13 -6.96 9.13
CA LEU A 41 -3.43 -7.69 8.92
C LEU A 41 -4.57 -6.67 8.84
N PRO A 42 -5.67 -7.05 8.20
CA PRO A 42 -6.85 -6.17 8.06
C PRO A 42 -7.61 -6.04 9.38
N GLY A 43 -7.26 -6.83 10.37
CA GLY A 43 -7.96 -6.76 11.70
C GLY A 43 -7.71 -5.38 12.33
N PRO A 44 -6.45 -5.08 12.66
CA PRO A 44 -6.10 -3.79 13.27
C PRO A 44 -6.05 -2.68 12.22
N VAL A 45 -5.76 -3.03 10.98
CA VAL A 45 -5.69 -2.01 9.88
C VAL A 45 -7.11 -1.52 9.59
N LYS A 46 -7.97 -2.41 9.17
CA LYS A 46 -9.38 -2.04 8.87
C LYS A 46 -10.07 -1.57 10.16
N ALA A 47 -9.58 -2.02 11.31
CA ALA A 47 -10.19 -1.62 12.61
C ALA A 47 -10.15 -0.10 12.76
N LEU A 48 -9.09 0.52 12.26
CA LEU A 48 -8.94 2.01 12.35
C LEU A 48 -10.09 2.66 11.58
N CYS A 49 -10.50 2.07 10.47
CA CYS A 49 -11.61 2.63 9.65
C CYS A 49 -12.96 2.27 10.26
N ARG A 50 -12.99 1.31 11.18
CA ARG A 50 -14.29 0.91 11.82
C ARG A 50 -14.93 2.14 12.49
N GLY A 51 -15.78 2.82 11.77
CA GLY A 51 -16.45 4.04 12.32
C GLY A 51 -16.43 5.18 11.29
N VAL A 52 -15.59 5.06 10.27
CA VAL A 52 -15.50 6.14 9.22
C VAL A 52 -16.46 5.81 8.07
N ILE A 53 -17.24 6.78 7.64
CA ILE A 53 -18.21 6.58 6.52
C ILE A 53 -17.83 7.52 5.37
N PHE A 54 -17.45 8.73 5.68
CA PHE A 54 -17.06 9.73 4.63
C PHE A 54 -15.53 9.70 4.46
N SER A 55 -15.03 10.47 3.51
CA SER A 55 -13.56 10.51 3.24
C SER A 55 -12.84 11.29 4.36
N ALA A 56 -11.92 10.65 5.04
CA ALA A 56 -11.16 11.31 6.15
C ALA A 56 -9.70 10.86 6.05
N ASP A 57 -8.78 11.64 6.60
CA ASP A 57 -7.34 11.27 6.52
C ASP A 57 -6.92 10.56 7.81
N VAL A 58 -6.40 9.37 7.68
CA VAL A 58 -5.96 8.58 8.87
C VAL A 58 -4.44 8.38 8.81
N LEU A 59 -3.85 8.04 9.94
CA LEU A 59 -2.37 7.82 9.99
C LEU A 59 -2.07 6.67 10.96
N SER A 60 -1.28 5.71 10.54
CA SER A 60 -0.94 4.55 11.43
C SER A 60 -0.23 5.06 12.69
N ASN A 61 -0.51 4.44 13.81
CA ASN A 61 0.12 4.85 15.10
C ASN A 61 1.46 4.14 15.28
N SER A 62 1.57 2.94 14.77
CA SER A 62 2.85 2.16 14.89
C SER A 62 3.44 1.91 13.51
N GLU A 63 4.75 1.99 13.40
CA GLU A 63 5.44 1.74 12.09
C GLU A 63 5.40 0.26 11.77
N PHE A 64 5.02 -0.09 10.56
CA PHE A 64 4.96 -1.53 10.15
C PHE A 64 6.07 -1.82 9.15
N TYR A 65 6.27 -3.08 8.83
CA TYR A 65 7.30 -3.47 7.84
C TYR A 65 6.77 -3.06 6.46
N LEU A 66 7.64 -2.66 5.56
CA LEU A 66 7.18 -2.22 4.21
C LEU A 66 7.86 -2.99 3.09
N ALA A 67 7.08 -3.70 2.30
CA ALA A 67 7.62 -4.45 1.14
C ALA A 67 7.24 -3.66 -0.12
N GLU A 68 8.19 -2.97 -0.70
CA GLU A 68 7.88 -2.12 -1.90
C GLU A 68 8.54 -2.68 -3.16
N CYS A 69 8.05 -2.24 -4.29
CA CYS A 69 8.58 -2.68 -5.62
C CYS A 69 9.03 -1.44 -6.38
N ASN A 70 10.32 -1.24 -6.52
CA ASN A 70 10.82 -0.02 -7.23
C ASN A 70 11.34 -0.42 -8.62
N VAL A 71 10.87 0.26 -9.65
CA VAL A 71 11.33 -0.05 -11.04
C VAL A 71 12.66 0.66 -11.29
N LYS A 72 13.70 -0.11 -11.56
CA LYS A 72 15.05 0.49 -11.83
C LYS A 72 14.95 1.45 -13.04
N PRO A 73 15.78 2.49 -13.05
CA PRO A 73 15.77 3.49 -14.14
C PRO A 73 16.47 2.94 -15.40
N ARG A 74 15.94 3.27 -16.56
CA ARG A 74 16.52 2.81 -17.86
C ARG A 74 16.48 1.28 -17.92
N LYS A 75 15.49 0.68 -17.29
CA LYS A 75 15.34 -0.80 -17.30
C LYS A 75 13.98 -1.17 -17.93
N PRO A 76 13.92 -2.24 -18.72
CA PRO A 76 12.68 -2.67 -19.37
C PRO A 76 11.75 -3.40 -18.38
N CYS A 77 11.04 -2.63 -17.58
CA CYS A 77 10.08 -3.19 -16.58
C CYS A 77 10.80 -4.09 -15.56
N LYS A 78 11.97 -3.65 -15.09
CA LYS A 78 12.72 -4.43 -14.05
C LYS A 78 12.40 -3.81 -12.69
N TYR A 79 12.40 -4.60 -11.64
CA TYR A 79 12.03 -4.06 -10.29
C TYR A 79 13.07 -4.44 -9.24
N LYS A 80 12.95 -3.87 -8.05
CA LYS A 80 13.90 -4.16 -6.94
C LYS A 80 13.12 -4.27 -5.63
N LEU A 81 13.34 -5.34 -4.88
CA LEU A 81 12.62 -5.55 -3.59
C LEU A 81 13.26 -4.67 -2.50
N LYS A 82 12.48 -3.85 -1.84
CA LYS A 82 13.03 -2.96 -0.76
C LYS A 82 12.24 -3.14 0.54
N LYS A 83 12.94 -3.43 1.62
CA LYS A 83 12.28 -3.61 2.95
C LYS A 83 12.51 -2.35 3.79
N SER A 84 11.53 -1.94 4.56
CA SER A 84 11.67 -0.71 5.39
C SER A 84 10.66 -0.73 6.55
N SER A 85 10.63 0.32 7.33
CA SER A 85 9.69 0.42 8.48
C SER A 85 9.22 1.87 8.62
N ASN A 86 7.93 2.10 8.57
CA ASN A 86 7.40 3.50 8.69
C ASN A 86 5.88 3.48 8.83
N ARG A 87 5.29 4.64 9.08
CA ARG A 87 3.81 4.74 9.22
C ARG A 87 3.17 4.97 7.85
N ILE A 88 1.89 5.24 7.81
CA ILE A 88 1.20 5.46 6.49
C ILE A 88 -0.01 6.38 6.67
N CYS A 89 -0.23 7.25 5.71
CA CYS A 89 -1.39 8.20 5.75
C CYS A 89 -2.36 7.79 4.63
N ILE A 90 -3.58 7.45 4.99
CA ILE A 90 -4.58 7.01 3.95
C ILE A 90 -5.90 7.77 4.10
N ARG A 91 -6.67 7.84 3.02
CA ARG A 91 -8.00 8.52 3.07
C ARG A 91 -9.05 7.42 3.23
N CYS A 92 -9.79 7.44 4.33
CA CYS A 92 -10.80 6.36 4.58
C CYS A 92 -12.23 6.84 4.39
N GLU A 93 -13.04 5.96 3.85
CA GLU A 93 -14.49 6.23 3.63
C GLU A 93 -15.17 4.88 3.45
N HIS A 94 -16.42 4.76 3.86
CA HIS A 94 -17.14 3.45 3.76
C HIS A 94 -16.40 2.41 4.61
N GLU A 95 -15.63 2.86 5.59
CA GLU A 95 -14.86 1.93 6.49
C GLU A 95 -13.78 1.21 5.66
N LEU A 96 -13.11 1.93 4.79
CA LEU A 96 -12.03 1.32 3.94
C LEU A 96 -11.22 2.43 3.23
N PRO A 97 -9.89 2.40 3.34
CA PRO A 97 -9.01 3.40 2.70
C PRO A 97 -8.93 3.12 1.20
N VAL A 98 -9.36 4.09 0.41
CA VAL A 98 -9.35 3.92 -1.07
C VAL A 98 -8.22 4.74 -1.71
N HIS A 99 -7.71 5.72 -1.01
CA HIS A 99 -6.62 6.58 -1.59
C HIS A 99 -5.40 6.62 -0.66
N PHE A 100 -4.23 6.76 -1.25
CA PHE A 100 -2.97 6.84 -0.45
C PHE A 100 -2.61 8.31 -0.25
N ALA A 101 -2.77 8.80 0.96
CA ALA A 101 -2.46 10.24 1.26
C ALA A 101 -0.96 10.45 1.22
N GLY A 102 -0.20 9.51 1.76
CA GLY A 102 1.29 9.63 1.76
C GLY A 102 1.88 8.62 2.75
N VAL A 103 3.10 8.84 3.16
CA VAL A 103 3.78 7.90 4.11
C VAL A 103 4.33 8.68 5.32
N GLY A 104 4.24 8.10 6.50
CA GLY A 104 4.76 8.77 7.73
C GLY A 104 3.76 9.82 8.22
N ILE A 105 3.85 11.03 7.69
CA ILE A 105 2.92 12.12 8.11
C ILE A 105 2.16 12.65 6.89
N CYS A 106 1.13 13.43 7.13
CA CYS A 106 0.31 14.01 6.01
C CYS A 106 0.49 15.54 5.98
N PRO A 107 0.13 16.16 4.87
CA PRO A 107 0.24 17.64 4.71
C PRO A 107 -0.90 18.34 5.45
N MET A 1 -13.89 2.33 -9.18
CA MET A 1 -12.89 1.28 -9.47
C MET A 1 -11.88 1.20 -8.31
N GLN A 2 -11.15 2.27 -8.09
CA GLN A 2 -10.14 2.30 -6.98
C GLN A 2 -10.87 2.21 -5.64
N ASP A 3 -10.83 1.05 -5.01
CA ASP A 3 -11.53 0.86 -3.70
C ASP A 3 -10.66 0.02 -2.76
N TRP A 4 -11.22 -0.41 -1.65
CA TRP A 4 -10.45 -1.23 -0.64
C TRP A 4 -9.77 -2.43 -1.33
N ALA A 5 -10.51 -3.17 -2.12
CA ALA A 5 -9.93 -4.37 -2.82
C ALA A 5 -8.66 -4.00 -3.59
N THR A 6 -8.66 -2.85 -4.23
CA THR A 6 -7.46 -2.40 -5.00
C THR A 6 -6.33 -2.12 -4.01
N PHE A 7 -6.64 -1.43 -2.95
CA PHE A 7 -5.62 -1.11 -1.90
C PHE A 7 -5.11 -2.42 -1.29
N LYS A 8 -5.90 -3.47 -1.34
CA LYS A 8 -5.46 -4.78 -0.77
C LYS A 8 -4.29 -5.31 -1.59
N LYS A 9 -4.44 -5.33 -2.89
CA LYS A 9 -3.33 -5.83 -3.78
C LYS A 9 -2.25 -4.75 -3.91
N LYS A 10 -2.62 -3.50 -3.72
CA LYS A 10 -1.65 -2.37 -3.87
C LYS A 10 -0.82 -2.11 -2.60
N HIS A 11 -1.47 -1.92 -1.46
CA HIS A 11 -0.72 -1.59 -0.20
C HIS A 11 -0.79 -2.70 0.86
N LEU A 12 -1.47 -3.81 0.61
CA LEU A 12 -1.53 -4.91 1.65
C LEU A 12 -0.85 -6.17 1.15
N THR A 13 -0.09 -6.81 2.00
CA THR A 13 0.64 -8.05 1.63
C THR A 13 0.69 -8.99 2.84
N ASP A 14 0.90 -10.27 2.61
CA ASP A 14 0.96 -11.26 3.74
C ASP A 14 2.39 -11.84 3.84
N THR A 15 3.37 -11.09 3.36
CA THR A 15 4.79 -11.55 3.41
C THR A 15 5.71 -10.37 3.09
N TRP A 16 6.88 -10.33 3.71
CA TRP A 16 7.84 -9.20 3.46
C TRP A 16 8.29 -9.29 2.01
N ASP A 17 8.52 -10.49 1.53
CA ASP A 17 8.97 -10.70 0.11
C ASP A 17 7.72 -10.90 -0.76
N VAL A 18 7.49 -10.01 -1.69
CA VAL A 18 6.29 -10.11 -2.57
C VAL A 18 6.71 -10.39 -4.01
N ASP A 19 5.80 -10.93 -4.79
CA ASP A 19 6.09 -11.24 -6.23
C ASP A 19 5.80 -9.99 -7.06
N CYS A 20 6.81 -9.17 -7.25
CA CYS A 20 6.65 -7.89 -8.02
C CYS A 20 6.94 -8.11 -9.51
N ASP A 21 7.85 -9.00 -9.82
CA ASP A 21 8.22 -9.27 -11.25
C ASP A 21 7.07 -9.96 -11.99
N ASN A 22 6.16 -10.58 -11.28
CA ASN A 22 5.01 -11.30 -11.94
C ASN A 22 3.79 -10.38 -12.04
N LEU A 23 3.63 -9.49 -11.08
CA LEU A 23 2.45 -8.56 -11.08
C LEU A 23 2.76 -7.31 -11.89
N MET A 24 4.03 -6.96 -12.03
CA MET A 24 4.43 -5.73 -12.79
C MET A 24 3.88 -5.74 -14.25
N PRO A 25 4.00 -6.86 -14.96
CA PRO A 25 3.53 -6.92 -16.37
C PRO A 25 2.00 -7.09 -16.48
N THR A 26 1.27 -7.01 -15.38
CA THR A 26 -0.22 -7.17 -15.43
C THR A 26 -0.86 -5.79 -15.62
N SER A 27 -2.18 -5.74 -15.60
CA SER A 27 -2.92 -4.46 -15.76
C SER A 27 -3.01 -3.71 -14.42
N LEU A 28 -2.65 -4.35 -13.33
CA LEU A 28 -2.71 -3.70 -11.99
C LEU A 28 -1.46 -2.82 -11.81
N PHE A 29 -0.35 -3.31 -12.33
CA PHE A 29 0.94 -2.55 -12.23
C PHE A 29 1.28 -2.00 -13.62
N ASP A 30 1.06 -2.80 -14.65
CA ASP A 30 1.35 -2.36 -16.06
C ASP A 30 2.74 -1.68 -16.15
N CYS A 31 3.74 -2.30 -15.55
CA CYS A 31 5.13 -1.73 -15.57
C CYS A 31 5.11 -0.34 -14.89
N LYS A 32 4.28 -0.19 -13.88
CA LYS A 32 4.17 1.12 -13.13
C LYS A 32 5.55 1.56 -12.64
N ASP A 33 5.59 2.62 -11.87
CA ASP A 33 6.89 3.15 -11.34
C ASP A 33 7.32 2.35 -10.10
N LYS A 34 6.54 2.44 -9.03
CA LYS A 34 6.88 1.70 -7.78
C LYS A 34 5.62 1.57 -6.89
N ASN A 35 5.69 0.71 -5.90
CA ASN A 35 4.53 0.51 -4.97
C ASN A 35 5.05 0.19 -3.56
N THR A 36 4.34 0.65 -2.55
CA THR A 36 4.74 0.38 -1.14
C THR A 36 3.74 -0.58 -0.50
N PHE A 37 4.21 -1.71 -0.01
CA PHE A 37 3.28 -2.71 0.62
C PHE A 37 3.36 -2.62 2.14
N ILE A 38 2.33 -3.10 2.81
CA ILE A 38 2.28 -3.09 4.30
C ILE A 38 2.35 -4.54 4.78
N TYR A 39 3.19 -4.83 5.75
CA TYR A 39 3.34 -6.23 6.26
C TYR A 39 2.45 -6.38 7.51
N SER A 40 1.16 -6.48 7.29
CA SER A 40 0.20 -6.62 8.43
C SER A 40 -1.11 -7.23 7.91
N LEU A 41 -2.05 -7.48 8.81
CA LEU A 41 -3.36 -8.08 8.41
C LEU A 41 -4.38 -6.95 8.16
N PRO A 42 -5.39 -7.24 7.34
CA PRO A 42 -6.46 -6.26 7.03
C PRO A 42 -7.44 -6.15 8.20
N GLY A 43 -7.46 -7.13 9.08
CA GLY A 43 -8.38 -7.11 10.26
C GLY A 43 -7.99 -5.99 11.23
N PRO A 44 -6.74 -6.00 11.72
CA PRO A 44 -6.26 -4.98 12.66
C PRO A 44 -6.01 -3.65 11.94
N VAL A 45 -5.69 -3.71 10.66
CA VAL A 45 -5.46 -2.46 9.87
C VAL A 45 -6.82 -1.80 9.60
N LYS A 46 -7.75 -2.57 9.07
CA LYS A 46 -9.11 -2.02 8.78
C LYS A 46 -9.81 -1.69 10.11
N ALA A 47 -9.43 -2.36 11.17
CA ALA A 47 -10.04 -2.10 12.52
C ALA A 47 -9.79 -0.65 12.92
N LEU A 48 -8.68 -0.10 12.45
CA LEU A 48 -8.33 1.32 12.76
C LEU A 48 -9.34 2.23 12.05
N CYS A 49 -9.72 1.85 10.84
CA CYS A 49 -10.70 2.66 10.06
C CYS A 49 -12.12 2.39 10.57
N ARG A 50 -12.31 1.39 11.40
CA ARG A 50 -13.67 1.08 11.94
C ARG A 50 -14.17 2.29 12.74
N GLY A 51 -14.82 3.21 12.07
CA GLY A 51 -15.34 4.45 12.74
C GLY A 51 -15.50 5.55 11.69
N VAL A 52 -14.61 5.59 10.72
CA VAL A 52 -14.69 6.63 9.65
C VAL A 52 -15.84 6.29 8.70
N ILE A 53 -16.60 7.28 8.29
CA ILE A 53 -17.75 7.03 7.36
C ILE A 53 -17.53 7.76 6.03
N PHE A 54 -17.04 8.97 6.09
CA PHE A 54 -16.77 9.77 4.84
C PHE A 54 -15.29 9.72 4.49
N SER A 55 -14.92 10.28 3.37
CA SER A 55 -13.49 10.28 2.94
C SER A 55 -12.68 11.21 3.85
N ALA A 56 -11.71 10.66 4.55
CA ALA A 56 -10.84 11.47 5.47
C ALA A 56 -9.42 10.90 5.44
N ASP A 57 -8.46 11.63 5.96
CA ASP A 57 -7.05 11.14 5.96
C ASP A 57 -6.74 10.46 7.29
N VAL A 58 -6.52 9.16 7.27
CA VAL A 58 -6.22 8.41 8.54
C VAL A 58 -4.72 8.12 8.61
N LEU A 59 -4.12 8.41 9.74
CA LEU A 59 -2.66 8.15 9.93
C LEU A 59 -2.51 6.90 10.79
N SER A 60 -1.72 5.93 10.32
CA SER A 60 -1.52 4.66 11.10
C SER A 60 -1.12 4.98 12.54
N ASN A 61 -1.67 4.25 13.49
CA ASN A 61 -1.36 4.49 14.94
C ASN A 61 0.00 3.89 15.28
N SER A 62 0.40 2.84 14.58
CA SER A 62 1.73 2.20 14.84
C SER A 62 2.43 1.92 13.51
N GLU A 63 3.69 2.30 13.41
CA GLU A 63 4.47 2.07 12.15
C GLU A 63 4.62 0.57 11.92
N PHE A 64 4.48 0.14 10.70
CA PHE A 64 4.62 -1.33 10.38
C PHE A 64 5.74 -1.50 9.38
N TYR A 65 6.09 -2.74 9.10
CA TYR A 65 7.16 -3.02 8.10
C TYR A 65 6.60 -2.68 6.72
N LEU A 66 7.41 -2.10 5.87
CA LEU A 66 6.92 -1.71 4.51
C LEU A 66 7.77 -2.37 3.43
N ALA A 67 7.16 -3.25 2.66
CA ALA A 67 7.88 -3.94 1.55
C ALA A 67 7.52 -3.20 0.26
N GLU A 68 8.42 -2.40 -0.25
CA GLU A 68 8.12 -1.61 -1.50
C GLU A 68 8.87 -2.18 -2.69
N CYS A 69 8.42 -1.82 -3.87
CA CYS A 69 9.05 -2.30 -5.14
C CYS A 69 9.30 -1.11 -6.06
N ASN A 70 10.56 -0.88 -6.42
CA ASN A 70 10.90 0.26 -7.32
C ASN A 70 11.40 -0.26 -8.67
N VAL A 71 10.74 0.14 -9.74
CA VAL A 71 11.14 -0.32 -11.10
C VAL A 71 12.49 0.30 -11.45
N LYS A 72 13.51 -0.52 -11.61
CA LYS A 72 14.87 0.00 -11.97
C LYS A 72 14.79 0.67 -13.36
N PRO A 73 15.32 1.87 -13.50
CA PRO A 73 15.29 2.61 -14.79
C PRO A 73 16.32 2.03 -15.77
N ARG A 74 16.06 2.15 -17.05
CA ARG A 74 17.00 1.63 -18.09
C ARG A 74 17.06 0.10 -17.99
N LYS A 75 15.99 -0.52 -17.54
CA LYS A 75 15.96 -2.00 -17.40
C LYS A 75 14.64 -2.55 -17.99
N PRO A 76 14.62 -3.85 -18.32
CA PRO A 76 13.42 -4.50 -18.90
C PRO A 76 12.33 -4.73 -17.85
N CYS A 77 11.74 -3.66 -17.35
CA CYS A 77 10.63 -3.74 -16.34
C CYS A 77 10.95 -4.79 -15.24
N LYS A 78 11.99 -4.55 -14.47
CA LYS A 78 12.37 -5.49 -13.36
C LYS A 78 12.18 -4.75 -12.03
N TYR A 79 11.55 -5.39 -11.07
CA TYR A 79 11.29 -4.72 -9.75
C TYR A 79 12.34 -5.12 -8.71
N LYS A 80 12.71 -4.17 -7.87
CA LYS A 80 13.71 -4.42 -6.79
C LYS A 80 12.97 -4.33 -5.45
N LEU A 81 13.21 -5.25 -4.54
CA LEU A 81 12.50 -5.24 -3.22
C LEU A 81 13.26 -4.38 -2.20
N LYS A 82 12.53 -3.72 -1.32
CA LYS A 82 13.15 -2.88 -0.26
C LYS A 82 12.31 -3.00 1.01
N LYS A 83 12.94 -2.94 2.18
CA LYS A 83 12.19 -3.08 3.47
C LYS A 83 12.33 -1.79 4.28
N SER A 84 11.31 -1.47 5.06
CA SER A 84 11.34 -0.23 5.90
C SER A 84 10.32 -0.34 7.04
N SER A 85 10.18 0.74 7.79
CA SER A 85 9.22 0.76 8.95
C SER A 85 8.77 2.21 9.19
N ASN A 86 7.49 2.48 9.05
CA ASN A 86 6.98 3.88 9.26
C ASN A 86 5.45 3.90 9.23
N ARG A 87 4.87 5.04 9.54
CA ARG A 87 3.38 5.20 9.55
C ARG A 87 2.92 5.59 8.14
N ILE A 88 1.63 5.68 7.91
CA ILE A 88 1.13 6.05 6.54
C ILE A 88 -0.16 6.87 6.61
N CYS A 89 -0.29 7.81 5.72
CA CYS A 89 -1.51 8.68 5.65
C CYS A 89 -2.41 8.13 4.54
N ILE A 90 -3.56 7.59 4.90
CA ILE A 90 -4.48 6.99 3.86
C ILE A 90 -5.85 7.65 3.90
N ARG A 91 -6.52 7.63 2.76
CA ARG A 91 -7.89 8.23 2.66
C ARG A 91 -8.91 7.13 2.99
N CYS A 92 -9.64 7.31 4.07
CA CYS A 92 -10.62 6.26 4.50
C CYS A 92 -12.07 6.76 4.45
N GLU A 93 -12.94 5.87 4.04
CA GLU A 93 -14.41 6.17 3.97
C GLU A 93 -15.14 4.84 4.10
N HIS A 94 -16.21 4.80 4.87
CA HIS A 94 -16.95 3.52 5.10
C HIS A 94 -15.99 2.55 5.82
N GLU A 95 -15.06 3.08 6.58
CA GLU A 95 -14.06 2.24 7.32
C GLU A 95 -13.18 1.52 6.27
N LEU A 96 -13.03 2.11 5.11
CA LEU A 96 -12.22 1.49 4.00
C LEU A 96 -11.15 2.47 3.47
N PRO A 97 -9.90 2.30 3.88
CA PRO A 97 -8.79 3.16 3.38
C PRO A 97 -8.42 2.67 1.98
N VAL A 98 -9.01 3.29 0.99
CA VAL A 98 -8.80 2.87 -0.45
C VAL A 98 -7.57 3.52 -1.07
N HIS A 99 -7.17 4.68 -0.60
CA HIS A 99 -5.99 5.37 -1.22
C HIS A 99 -4.97 5.78 -0.17
N PHE A 100 -3.82 6.23 -0.63
CA PHE A 100 -2.73 6.68 0.29
C PHE A 100 -2.37 8.13 -0.05
N ALA A 101 -2.59 9.03 0.87
CA ALA A 101 -2.28 10.48 0.64
C ALA A 101 -0.75 10.67 0.62
N GLY A 102 -0.08 10.09 1.59
CA GLY A 102 1.40 10.23 1.67
C GLY A 102 1.95 9.29 2.76
N VAL A 103 3.09 9.63 3.31
CA VAL A 103 3.72 8.80 4.38
C VAL A 103 4.06 9.66 5.60
N GLY A 104 4.21 9.04 6.76
CA GLY A 104 4.56 9.80 8.00
C GLY A 104 3.35 10.61 8.48
N ILE A 105 3.21 11.84 8.00
CA ILE A 105 2.07 12.70 8.41
C ILE A 105 1.48 13.39 7.19
N CYS A 106 0.31 13.99 7.34
CA CYS A 106 -0.36 14.70 6.21
C CYS A 106 -0.37 16.21 6.47
N PRO A 107 -0.29 17.02 5.43
CA PRO A 107 -0.30 18.50 5.56
C PRO A 107 -1.73 19.00 5.77
N MET A 1 -13.02 4.97 -7.99
CA MET A 1 -12.71 3.79 -8.86
C MET A 1 -11.96 2.75 -8.03
N GLN A 2 -10.99 3.17 -7.26
CA GLN A 2 -10.20 2.23 -6.41
C GLN A 2 -10.96 1.94 -5.11
N ASP A 3 -10.87 0.72 -4.62
CA ASP A 3 -11.59 0.35 -3.37
C ASP A 3 -10.72 -0.56 -2.50
N TRP A 4 -11.30 -1.14 -1.47
CA TRP A 4 -10.55 -2.05 -0.54
C TRP A 4 -9.81 -3.14 -1.34
N ALA A 5 -10.44 -3.64 -2.38
CA ALA A 5 -9.81 -4.71 -3.22
C ALA A 5 -8.48 -4.21 -3.80
N THR A 6 -8.49 -3.02 -4.38
CA THR A 6 -7.25 -2.46 -4.98
C THR A 6 -6.25 -2.16 -3.86
N PHE A 7 -6.74 -1.60 -2.78
CA PHE A 7 -5.85 -1.28 -1.61
C PHE A 7 -5.27 -2.59 -1.05
N LYS A 8 -6.00 -3.68 -1.19
CA LYS A 8 -5.52 -5.00 -0.68
C LYS A 8 -4.23 -5.38 -1.44
N LYS A 9 -4.27 -5.32 -2.75
CA LYS A 9 -3.07 -5.67 -3.56
C LYS A 9 -2.08 -4.49 -3.59
N LYS A 10 -2.55 -3.30 -3.26
CA LYS A 10 -1.67 -2.09 -3.28
C LYS A 10 -0.86 -1.94 -1.98
N HIS A 11 -1.52 -1.96 -0.83
CA HIS A 11 -0.78 -1.76 0.47
C HIS A 11 -0.97 -2.92 1.45
N LEU A 12 -1.51 -4.05 1.03
CA LEU A 12 -1.68 -5.20 1.99
C LEU A 12 -0.99 -6.45 1.45
N THR A 13 -0.18 -7.08 2.28
CA THR A 13 0.54 -8.32 1.85
C THR A 13 0.68 -9.25 3.06
N ASP A 14 0.91 -10.52 2.81
CA ASP A 14 1.06 -11.52 3.91
C ASP A 14 2.49 -12.06 3.93
N THR A 15 3.43 -11.30 3.41
CA THR A 15 4.86 -11.73 3.39
C THR A 15 5.78 -10.50 3.32
N TRP A 16 6.90 -10.55 4.00
CA TRP A 16 7.86 -9.41 3.99
C TRP A 16 8.47 -9.31 2.59
N ASP A 17 8.79 -10.44 2.01
CA ASP A 17 9.37 -10.48 0.64
C ASP A 17 8.25 -10.73 -0.37
N VAL A 18 7.90 -9.72 -1.15
CA VAL A 18 6.80 -9.86 -2.14
C VAL A 18 7.39 -10.03 -3.55
N ASP A 19 6.58 -10.55 -4.45
CA ASP A 19 7.03 -10.75 -5.86
C ASP A 19 6.56 -9.56 -6.71
N CYS A 20 7.42 -8.58 -6.84
CA CYS A 20 7.08 -7.35 -7.62
C CYS A 20 6.89 -7.69 -9.11
N ASP A 21 7.80 -8.45 -9.67
CA ASP A 21 7.73 -8.82 -11.11
C ASP A 21 6.49 -9.69 -11.40
N ASN A 22 5.90 -10.30 -10.38
CA ASN A 22 4.71 -11.16 -10.60
C ASN A 22 3.44 -10.31 -10.78
N LEU A 23 3.33 -9.25 -10.00
CA LEU A 23 2.12 -8.35 -10.09
C LEU A 23 2.38 -7.20 -11.07
N MET A 24 3.64 -6.85 -11.26
CA MET A 24 4.01 -5.72 -12.16
C MET A 24 3.32 -5.82 -13.55
N PRO A 25 3.34 -6.99 -14.20
CA PRO A 25 2.75 -7.13 -15.55
C PRO A 25 1.22 -7.22 -15.52
N THR A 26 0.60 -7.19 -14.36
CA THR A 26 -0.90 -7.28 -14.30
C THR A 26 -1.51 -5.91 -14.61
N SER A 27 -2.82 -5.82 -14.54
CA SER A 27 -3.53 -4.53 -14.82
C SER A 27 -3.52 -3.64 -13.56
N LEU A 28 -3.15 -4.20 -12.42
CA LEU A 28 -3.11 -3.42 -11.15
C LEU A 28 -1.83 -2.58 -11.15
N PHE A 29 -0.75 -3.18 -11.56
CA PHE A 29 0.56 -2.47 -11.61
C PHE A 29 0.81 -1.99 -13.04
N ASP A 30 0.51 -2.83 -14.01
CA ASP A 30 0.70 -2.47 -15.46
C ASP A 30 2.12 -1.87 -15.67
N CYS A 31 3.10 -2.45 -15.01
CA CYS A 31 4.51 -1.94 -15.12
C CYS A 31 4.57 -0.52 -14.56
N LYS A 32 3.86 -0.29 -13.47
CA LYS A 32 3.84 1.06 -12.83
C LYS A 32 5.25 1.50 -12.45
N ASP A 33 5.36 2.62 -11.77
CA ASP A 33 6.70 3.16 -11.36
C ASP A 33 7.17 2.43 -10.09
N LYS A 34 6.36 2.46 -9.04
CA LYS A 34 6.73 1.78 -7.76
C LYS A 34 5.49 1.57 -6.90
N ASN A 35 5.55 0.62 -5.99
CA ASN A 35 4.39 0.33 -5.09
C ASN A 35 4.90 0.08 -3.67
N THR A 36 4.03 0.19 -2.68
CA THR A 36 4.45 -0.03 -1.26
C THR A 36 3.47 -1.01 -0.59
N PHE A 37 3.99 -2.10 -0.06
CA PHE A 37 3.12 -3.11 0.62
C PHE A 37 3.28 -2.98 2.14
N ILE A 38 2.24 -3.32 2.88
CA ILE A 38 2.29 -3.26 4.37
C ILE A 38 2.34 -4.68 4.92
N TYR A 39 3.17 -4.89 5.92
CA TYR A 39 3.29 -6.25 6.54
C TYR A 39 2.43 -6.29 7.81
N SER A 40 1.13 -6.46 7.62
CA SER A 40 0.19 -6.50 8.79
C SER A 40 -1.10 -7.22 8.38
N LEU A 41 -2.00 -7.41 9.33
CA LEU A 41 -3.29 -8.10 9.04
C LEU A 41 -4.37 -7.07 8.68
N PRO A 42 -5.38 -7.50 7.92
CA PRO A 42 -6.48 -6.61 7.51
C PRO A 42 -7.47 -6.37 8.66
N GLY A 43 -7.34 -7.12 9.75
CA GLY A 43 -8.27 -6.96 10.91
C GLY A 43 -7.93 -5.65 11.67
N PRO A 44 -6.68 -5.54 12.13
CA PRO A 44 -6.24 -4.35 12.89
C PRO A 44 -5.97 -3.16 11.95
N VAL A 45 -5.63 -3.43 10.70
CA VAL A 45 -5.35 -2.33 9.73
C VAL A 45 -6.69 -1.70 9.33
N LYS A 46 -7.63 -2.52 8.92
CA LYS A 46 -8.98 -2.00 8.54
C LYS A 46 -9.68 -1.45 9.77
N ALA A 47 -9.30 -1.94 10.95
CA ALA A 47 -9.93 -1.45 12.23
C ALA A 47 -9.74 0.07 12.34
N LEU A 48 -8.65 0.57 11.78
CA LEU A 48 -8.37 2.04 11.83
C LEU A 48 -9.48 2.80 11.10
N CYS A 49 -10.04 2.19 10.07
CA CYS A 49 -11.12 2.83 9.28
C CYS A 49 -12.48 2.67 9.98
N ARG A 50 -12.55 1.84 11.01
CA ARG A 50 -13.85 1.64 11.73
C ARG A 50 -14.38 2.98 12.25
N GLY A 51 -15.23 3.62 11.46
CA GLY A 51 -15.82 4.93 11.86
C GLY A 51 -15.75 5.92 10.69
N VAL A 52 -14.82 5.72 9.78
CA VAL A 52 -14.68 6.63 8.60
C VAL A 52 -15.81 6.34 7.59
N ILE A 53 -16.60 7.35 7.29
CA ILE A 53 -17.73 7.18 6.33
C ILE A 53 -17.39 7.91 5.01
N PHE A 54 -16.79 9.07 5.12
CA PHE A 54 -16.43 9.86 3.90
C PHE A 54 -14.91 9.81 3.69
N SER A 55 -14.44 10.35 2.59
CA SER A 55 -12.98 10.34 2.28
C SER A 55 -12.24 11.20 3.31
N ALA A 56 -11.34 10.58 4.05
CA ALA A 56 -10.55 11.32 5.08
C ALA A 56 -9.13 10.76 5.10
N ASP A 57 -8.19 11.49 5.66
CA ASP A 57 -6.78 11.01 5.70
C ASP A 57 -6.51 10.36 7.06
N VAL A 58 -6.05 9.13 7.04
CA VAL A 58 -5.76 8.39 8.32
C VAL A 58 -4.26 8.10 8.39
N LEU A 59 -3.78 7.83 9.58
CA LEU A 59 -2.33 7.51 9.79
C LEU A 59 -2.22 6.21 10.60
N SER A 60 -1.29 5.36 10.25
CA SER A 60 -1.12 4.07 10.99
C SER A 60 -0.93 4.33 12.49
N ASN A 61 -1.49 3.48 13.32
CA ASN A 61 -1.35 3.66 14.80
C ASN A 61 0.12 3.49 15.17
N SER A 62 0.82 2.64 14.46
CA SER A 62 2.26 2.39 14.72
C SER A 62 2.94 2.03 13.40
N GLU A 63 4.23 2.28 13.29
CA GLU A 63 4.98 1.96 12.04
C GLU A 63 5.01 0.44 11.82
N PHE A 64 4.81 0.02 10.58
CA PHE A 64 4.84 -1.44 10.26
C PHE A 64 5.95 -1.69 9.24
N TYR A 65 6.24 -2.95 8.97
CA TYR A 65 7.29 -3.29 7.96
C TYR A 65 6.69 -3.00 6.59
N LEU A 66 7.50 -2.55 5.66
CA LEU A 66 6.98 -2.21 4.29
C LEU A 66 7.81 -2.88 3.20
N ALA A 67 7.16 -3.65 2.37
CA ALA A 67 7.84 -4.32 1.22
C ALA A 67 7.40 -3.59 -0.04
N GLU A 68 8.22 -2.67 -0.51
CA GLU A 68 7.83 -1.87 -1.73
C GLU A 68 8.55 -2.37 -2.96
N CYS A 69 8.08 -1.94 -4.11
CA CYS A 69 8.67 -2.34 -5.41
C CYS A 69 9.08 -1.08 -6.16
N ASN A 70 10.33 -0.97 -6.57
CA ASN A 70 10.81 0.24 -7.29
C ASN A 70 11.36 -0.14 -8.66
N VAL A 71 10.66 0.24 -9.71
CA VAL A 71 11.11 -0.08 -11.10
C VAL A 71 12.38 0.71 -11.41
N LYS A 72 13.50 0.02 -11.53
CA LYS A 72 14.79 0.72 -11.83
C LYS A 72 14.66 1.46 -13.18
N PRO A 73 15.31 2.61 -13.32
CA PRO A 73 15.25 3.41 -14.56
C PRO A 73 16.17 2.81 -15.62
N ARG A 74 15.81 2.95 -16.88
CA ARG A 74 16.63 2.41 -18.01
C ARG A 74 16.60 0.88 -17.97
N LYS A 75 15.53 0.31 -17.46
CA LYS A 75 15.41 -1.18 -17.39
C LYS A 75 14.06 -1.62 -17.97
N PRO A 76 14.02 -2.81 -18.58
CA PRO A 76 12.77 -3.34 -19.19
C PRO A 76 11.79 -3.83 -18.12
N CYS A 77 11.26 -2.90 -17.34
CA CYS A 77 10.27 -3.24 -16.28
C CYS A 77 10.88 -4.19 -15.23
N LYS A 78 12.00 -3.81 -14.66
CA LYS A 78 12.66 -4.66 -13.60
C LYS A 78 12.35 -4.02 -12.24
N TYR A 79 11.84 -4.80 -11.31
CA TYR A 79 11.48 -4.24 -9.96
C TYR A 79 12.57 -4.59 -8.93
N LYS A 80 12.69 -3.74 -7.93
CA LYS A 80 13.69 -3.96 -6.83
C LYS A 80 12.93 -4.05 -5.51
N LEU A 81 13.29 -5.01 -4.67
CA LEU A 81 12.59 -5.18 -3.35
C LEU A 81 13.24 -4.27 -2.30
N LYS A 82 12.44 -3.49 -1.60
CA LYS A 82 12.97 -2.58 -0.54
C LYS A 82 12.23 -2.86 0.76
N LYS A 83 12.94 -2.90 1.87
CA LYS A 83 12.30 -3.17 3.20
C LYS A 83 12.45 -1.94 4.09
N SER A 84 11.43 -1.61 4.84
CA SER A 84 11.49 -0.42 5.75
C SER A 84 10.48 -0.56 6.89
N SER A 85 10.49 0.38 7.80
CA SER A 85 9.54 0.35 8.96
C SER A 85 9.14 1.79 9.28
N ASN A 86 7.89 2.14 9.02
CA ASN A 86 7.41 3.54 9.28
C ASN A 86 5.88 3.60 9.21
N ARG A 87 5.32 4.68 9.68
CA ARG A 87 3.82 4.86 9.65
C ARG A 87 3.38 5.21 8.23
N ILE A 88 2.11 5.05 7.92
CA ILE A 88 1.63 5.36 6.54
C ILE A 88 0.36 6.21 6.59
N CYS A 89 0.21 7.09 5.63
CA CYS A 89 -0.99 7.96 5.55
C CYS A 89 -1.88 7.48 4.41
N ILE A 90 -3.10 7.12 4.70
CA ILE A 90 -4.03 6.61 3.64
C ILE A 90 -5.35 7.38 3.64
N ARG A 91 -6.06 7.34 2.52
CA ARG A 91 -7.39 8.03 2.41
C ARG A 91 -8.46 6.97 2.64
N CYS A 92 -9.31 7.17 3.63
CA CYS A 92 -10.36 6.14 3.93
C CYS A 92 -11.78 6.69 3.75
N GLU A 93 -12.68 5.82 3.40
CA GLU A 93 -14.11 6.19 3.21
C GLU A 93 -14.93 4.90 3.24
N HIS A 94 -16.13 4.95 3.75
CA HIS A 94 -16.99 3.72 3.84
C HIS A 94 -16.28 2.65 4.67
N GLU A 95 -15.35 3.05 5.53
CA GLU A 95 -14.61 2.09 6.42
C GLU A 95 -13.56 1.28 5.63
N LEU A 96 -12.93 1.89 4.63
CA LEU A 96 -11.88 1.16 3.84
C LEU A 96 -10.98 2.16 3.09
N PRO A 97 -9.65 2.01 3.21
CA PRO A 97 -8.69 2.90 2.52
C PRO A 97 -8.67 2.57 1.02
N VAL A 98 -9.09 3.51 0.21
CA VAL A 98 -9.14 3.28 -1.27
C VAL A 98 -7.92 3.91 -1.96
N HIS A 99 -7.27 4.86 -1.32
CA HIS A 99 -6.08 5.53 -1.97
C HIS A 99 -4.94 5.68 -0.96
N PHE A 100 -3.83 6.20 -1.41
CA PHE A 100 -2.63 6.40 -0.53
C PHE A 100 -2.28 7.88 -0.48
N ALA A 101 -2.35 8.48 0.69
CA ALA A 101 -2.01 9.93 0.83
C ALA A 101 -0.50 10.11 0.79
N GLY A 102 0.22 9.25 1.48
CA GLY A 102 1.71 9.34 1.50
C GLY A 102 2.25 8.57 2.71
N VAL A 103 3.46 8.86 3.11
CA VAL A 103 4.09 8.17 4.27
C VAL A 103 4.51 9.20 5.32
N GLY A 104 4.46 8.84 6.58
CA GLY A 104 4.86 9.79 7.68
C GLY A 104 3.61 10.45 8.27
N ILE A 105 3.37 11.70 7.93
CA ILE A 105 2.18 12.43 8.46
C ILE A 105 1.52 13.23 7.34
N CYS A 106 0.23 13.50 7.47
CA CYS A 106 -0.51 14.28 6.42
C CYS A 106 -0.90 15.65 7.00
N PRO A 107 -1.25 16.60 6.12
CA PRO A 107 -1.65 17.95 6.54
C PRO A 107 -3.08 17.94 7.06
N MET A 1 -13.84 4.65 -7.96
CA MET A 1 -13.61 3.37 -8.69
C MET A 1 -12.68 2.47 -7.87
N GLN A 2 -11.79 3.07 -7.11
CA GLN A 2 -10.84 2.27 -6.27
C GLN A 2 -11.50 1.98 -4.92
N ASP A 3 -11.25 0.80 -4.38
CA ASP A 3 -11.87 0.42 -3.06
C ASP A 3 -10.86 -0.37 -2.22
N TRP A 4 -11.35 -1.06 -1.19
CA TRP A 4 -10.46 -1.87 -0.30
C TRP A 4 -9.60 -2.83 -1.14
N ALA A 5 -10.25 -3.69 -1.88
CA ALA A 5 -9.54 -4.70 -2.74
C ALA A 5 -8.35 -4.09 -3.49
N THR A 6 -8.54 -2.93 -4.08
CA THR A 6 -7.42 -2.26 -4.83
C THR A 6 -6.37 -1.80 -3.83
N PHE A 7 -6.79 -1.28 -2.69
CA PHE A 7 -5.85 -0.80 -1.64
C PHE A 7 -5.09 -2.02 -1.08
N LYS A 8 -5.74 -3.17 -1.05
CA LYS A 8 -5.11 -4.40 -0.51
C LYS A 8 -3.89 -4.77 -1.36
N LYS A 9 -4.07 -4.81 -2.66
CA LYS A 9 -2.94 -5.16 -3.58
C LYS A 9 -2.04 -3.93 -3.78
N LYS A 10 -2.54 -2.75 -3.47
CA LYS A 10 -1.74 -1.50 -3.64
C LYS A 10 -0.80 -1.27 -2.47
N HIS A 11 -1.31 -1.25 -1.25
CA HIS A 11 -0.44 -0.97 -0.06
C HIS A 11 -0.50 -2.10 0.98
N LEU A 12 -0.86 -3.31 0.58
CA LEU A 12 -0.91 -4.43 1.57
C LEU A 12 -0.43 -5.75 0.96
N THR A 13 0.16 -6.60 1.77
CA THR A 13 0.66 -7.93 1.29
C THR A 13 0.48 -8.97 2.40
N ASP A 14 0.82 -10.21 2.10
CA ASP A 14 0.68 -11.30 3.12
C ASP A 14 2.05 -11.88 3.46
N THR A 15 3.10 -11.09 3.31
CA THR A 15 4.49 -11.57 3.62
C THR A 15 5.49 -10.43 3.45
N TRP A 16 6.63 -10.55 4.07
CA TRP A 16 7.69 -9.48 3.97
C TRP A 16 8.31 -9.53 2.57
N ASP A 17 8.45 -10.72 2.02
CA ASP A 17 9.04 -10.87 0.65
C ASP A 17 7.90 -10.90 -0.37
N VAL A 18 7.82 -9.89 -1.21
CA VAL A 18 6.73 -9.82 -2.23
C VAL A 18 7.30 -10.15 -3.62
N ASP A 19 6.43 -10.54 -4.53
CA ASP A 19 6.86 -10.88 -5.92
C ASP A 19 6.50 -9.70 -6.83
N CYS A 20 7.41 -8.76 -6.97
CA CYS A 20 7.17 -7.56 -7.83
C CYS A 20 6.94 -7.97 -9.28
N ASP A 21 7.78 -8.84 -9.80
CA ASP A 21 7.66 -9.28 -11.23
C ASP A 21 6.37 -10.10 -11.46
N ASN A 22 5.71 -10.53 -10.40
CA ASN A 22 4.46 -11.34 -10.57
C ASN A 22 3.24 -10.41 -10.70
N LEU A 23 3.24 -9.31 -9.98
CA LEU A 23 2.08 -8.35 -10.02
C LEU A 23 2.40 -7.20 -10.99
N MET A 24 3.67 -6.93 -11.20
CA MET A 24 4.10 -5.82 -12.10
C MET A 24 3.47 -5.93 -13.51
N PRO A 25 3.48 -7.11 -14.13
CA PRO A 25 2.94 -7.27 -15.50
C PRO A 25 1.40 -7.31 -15.54
N THR A 26 0.73 -7.09 -14.42
CA THR A 26 -0.78 -7.12 -14.42
C THR A 26 -1.31 -5.73 -14.76
N SER A 27 -2.62 -5.58 -14.73
CA SER A 27 -3.25 -4.25 -15.03
C SER A 27 -3.25 -3.36 -13.78
N LEU A 28 -3.01 -3.94 -12.61
CA LEU A 28 -3.00 -3.16 -11.35
C LEU A 28 -1.66 -2.41 -11.25
N PHE A 29 -0.60 -3.04 -11.69
CA PHE A 29 0.74 -2.41 -11.65
C PHE A 29 1.15 -2.01 -13.08
N ASP A 30 0.79 -2.82 -14.04
CA ASP A 30 1.10 -2.52 -15.49
C ASP A 30 2.53 -1.97 -15.66
N CYS A 31 3.50 -2.63 -15.06
CA CYS A 31 4.93 -2.18 -15.16
C CYS A 31 5.05 -0.74 -14.63
N LYS A 32 4.37 -0.45 -13.55
CA LYS A 32 4.43 0.92 -12.95
C LYS A 32 5.87 1.25 -12.52
N ASP A 33 6.06 2.39 -11.88
CA ASP A 33 7.43 2.80 -11.44
C ASP A 33 7.78 2.11 -10.12
N LYS A 34 6.92 2.22 -9.13
CA LYS A 34 7.17 1.57 -7.81
C LYS A 34 5.87 1.48 -7.00
N ASN A 35 5.82 0.56 -6.06
CA ASN A 35 4.61 0.39 -5.20
C ASN A 35 5.04 -0.12 -3.83
N THR A 36 4.57 0.52 -2.78
CA THR A 36 4.94 0.09 -1.39
C THR A 36 3.82 -0.76 -0.79
N PHE A 37 4.17 -1.72 0.03
CA PHE A 37 3.15 -2.61 0.66
C PHE A 37 3.35 -2.63 2.18
N ILE A 38 2.29 -2.88 2.92
CA ILE A 38 2.37 -2.94 4.41
C ILE A 38 2.31 -4.41 4.84
N TYR A 39 3.05 -4.75 5.87
CA TYR A 39 3.06 -6.16 6.37
C TYR A 39 2.07 -6.27 7.54
N SER A 40 0.78 -6.28 7.20
CA SER A 40 -0.28 -6.37 8.25
C SER A 40 -1.51 -7.07 7.68
N LEU A 41 -2.47 -7.36 8.53
CA LEU A 41 -3.72 -8.05 8.08
C LEU A 41 -4.83 -7.01 7.87
N PRO A 42 -5.89 -7.39 7.15
CA PRO A 42 -7.02 -6.48 6.89
C PRO A 42 -7.93 -6.36 8.12
N GLY A 43 -7.79 -7.28 9.06
CA GLY A 43 -8.64 -7.24 10.31
C GLY A 43 -8.23 -6.03 11.19
N PRO A 44 -6.96 -5.98 11.58
CA PRO A 44 -6.44 -4.87 12.43
C PRO A 44 -6.30 -3.57 11.63
N VAL A 45 -6.05 -3.67 10.33
CA VAL A 45 -5.89 -2.44 9.49
C VAL A 45 -7.28 -1.82 9.31
N LYS A 46 -8.22 -2.61 8.85
CA LYS A 46 -9.63 -2.12 8.67
C LYS A 46 -10.20 -1.77 10.04
N ALA A 47 -9.69 -2.39 11.10
CA ALA A 47 -10.19 -2.10 12.49
C ALA A 47 -10.00 -0.61 12.79
N LEU A 48 -8.93 -0.03 12.29
CA LEU A 48 -8.67 1.42 12.51
C LEU A 48 -9.73 2.21 11.74
N CYS A 49 -10.13 1.71 10.59
CA CYS A 49 -11.16 2.38 9.77
C CYS A 49 -12.56 2.15 10.36
N ARG A 50 -12.69 1.16 11.23
CA ARG A 50 -14.01 0.86 11.87
C ARG A 50 -14.51 2.11 12.60
N GLY A 51 -15.27 2.93 11.93
CA GLY A 51 -15.80 4.19 12.54
C GLY A 51 -15.87 5.28 11.47
N VAL A 52 -14.96 5.25 10.52
CA VAL A 52 -14.95 6.28 9.43
C VAL A 52 -16.16 6.08 8.51
N ILE A 53 -16.83 7.15 8.18
CA ILE A 53 -18.04 7.08 7.29
C ILE A 53 -17.77 7.87 6.00
N PHE A 54 -17.09 8.99 6.13
CA PHE A 54 -16.77 9.84 4.93
C PHE A 54 -15.27 9.79 4.66
N SER A 55 -14.84 10.35 3.55
CA SER A 55 -13.39 10.36 3.18
C SER A 55 -12.59 11.14 4.23
N ALA A 56 -11.60 10.50 4.80
CA ALA A 56 -10.73 11.15 5.83
C ALA A 56 -9.31 10.59 5.72
N ASP A 57 -8.31 11.40 5.97
CA ASP A 57 -6.89 10.92 5.87
C ASP A 57 -6.40 10.49 7.25
N VAL A 58 -6.12 9.21 7.42
CA VAL A 58 -5.62 8.69 8.73
C VAL A 58 -4.19 8.17 8.59
N LEU A 59 -3.37 8.42 9.57
CA LEU A 59 -1.94 7.96 9.53
C LEU A 59 -1.74 6.89 10.61
N SER A 60 -1.16 5.77 10.26
CA SER A 60 -0.93 4.68 11.26
C SER A 60 -0.07 5.21 12.41
N ASN A 61 -0.49 4.99 13.63
CA ASN A 61 0.28 5.49 14.81
C ASN A 61 1.54 4.66 15.04
N SER A 62 1.50 3.40 14.65
CA SER A 62 2.70 2.50 14.82
C SER A 62 3.32 2.20 13.46
N GLU A 63 4.63 2.30 13.37
CA GLU A 63 5.34 2.02 12.09
C GLU A 63 5.36 0.51 11.84
N PHE A 64 4.99 0.10 10.64
CA PHE A 64 4.98 -1.37 10.32
C PHE A 64 6.07 -1.67 9.29
N TYR A 65 6.29 -2.94 9.02
CA TYR A 65 7.31 -3.33 8.00
C TYR A 65 6.74 -2.96 6.63
N LEU A 66 7.59 -2.56 5.71
CA LEU A 66 7.09 -2.15 4.36
C LEU A 66 7.87 -2.83 3.24
N ALA A 67 7.21 -3.70 2.52
CA ALA A 67 7.86 -4.41 1.36
C ALA A 67 7.44 -3.68 0.09
N GLU A 68 8.33 -2.91 -0.50
CA GLU A 68 7.97 -2.13 -1.72
C GLU A 68 8.70 -2.68 -2.95
N CYS A 69 8.25 -2.24 -4.10
CA CYS A 69 8.87 -2.66 -5.39
C CYS A 69 9.37 -1.40 -6.11
N ASN A 70 10.64 -1.35 -6.45
CA ASN A 70 11.20 -0.14 -7.13
C ASN A 70 11.85 -0.53 -8.46
N VAL A 71 11.22 -0.15 -9.56
CA VAL A 71 11.77 -0.48 -10.91
C VAL A 71 13.11 0.26 -11.10
N LYS A 72 14.12 -0.46 -11.54
CA LYS A 72 15.47 0.14 -11.77
C LYS A 72 15.44 1.02 -13.04
N PRO A 73 16.12 2.16 -13.01
CA PRO A 73 16.17 3.09 -14.18
C PRO A 73 17.21 2.62 -15.20
N ARG A 74 17.02 2.98 -16.46
CA ARG A 74 17.97 2.59 -17.55
C ARG A 74 17.92 1.07 -17.74
N LYS A 75 16.76 0.48 -17.53
CA LYS A 75 16.60 -1.00 -17.69
C LYS A 75 15.15 -1.33 -18.06
N PRO A 76 14.87 -2.59 -18.41
CA PRO A 76 13.52 -3.03 -18.79
C PRO A 76 12.62 -3.11 -17.55
N CYS A 77 11.50 -3.81 -17.65
CA CYS A 77 10.55 -3.93 -16.50
C CYS A 77 11.16 -4.80 -15.39
N LYS A 78 12.26 -4.35 -14.83
CA LYS A 78 12.94 -5.11 -13.73
C LYS A 78 12.62 -4.42 -12.40
N TYR A 79 12.09 -5.16 -11.45
CA TYR A 79 11.72 -4.55 -10.12
C TYR A 79 12.78 -4.90 -9.08
N LYS A 80 12.86 -4.08 -8.04
CA LYS A 80 13.85 -4.32 -6.94
C LYS A 80 13.10 -4.38 -5.60
N LEU A 81 13.47 -5.31 -4.75
CA LEU A 81 12.80 -5.46 -3.43
C LEU A 81 13.42 -4.48 -2.42
N LYS A 82 12.60 -3.74 -1.70
CA LYS A 82 13.12 -2.77 -0.69
C LYS A 82 12.29 -2.86 0.59
N LYS A 83 12.95 -3.05 1.72
CA LYS A 83 12.23 -3.17 3.02
C LYS A 83 12.44 -1.89 3.85
N SER A 84 11.45 -1.51 4.64
CA SER A 84 11.57 -0.29 5.48
C SER A 84 10.55 -0.35 6.63
N SER A 85 10.58 0.63 7.50
CA SER A 85 9.64 0.67 8.66
C SER A 85 9.11 2.10 8.81
N ASN A 86 7.81 2.29 8.65
CA ASN A 86 7.23 3.66 8.77
C ASN A 86 5.70 3.59 8.76
N ARG A 87 5.06 4.71 9.05
CA ARG A 87 3.56 4.76 9.07
C ARG A 87 3.07 5.14 7.66
N ILE A 88 1.76 5.09 7.45
CA ILE A 88 1.20 5.43 6.10
C ILE A 88 -0.10 6.22 6.25
N CYS A 89 -0.28 7.22 5.41
CA CYS A 89 -1.53 8.05 5.44
C CYS A 89 -2.48 7.55 4.36
N ILE A 90 -3.64 7.08 4.75
CA ILE A 90 -4.63 6.56 3.75
C ILE A 90 -5.95 7.33 3.85
N ARG A 91 -6.73 7.32 2.78
CA ARG A 91 -8.06 8.01 2.79
C ARG A 91 -9.12 6.96 3.08
N CYS A 92 -9.79 7.07 4.21
CA CYS A 92 -10.82 6.07 4.59
C CYS A 92 -12.23 6.66 4.52
N GLU A 93 -13.14 5.85 4.03
CA GLU A 93 -14.58 6.27 3.92
C GLU A 93 -15.41 4.99 3.91
N HIS A 94 -16.55 5.00 4.57
CA HIS A 94 -17.40 3.77 4.64
C HIS A 94 -16.61 2.66 5.36
N GLU A 95 -15.70 3.04 6.24
CA GLU A 95 -14.89 2.05 7.02
C GLU A 95 -13.98 1.25 6.07
N LEU A 96 -13.50 1.87 5.00
CA LEU A 96 -12.59 1.17 4.05
C LEU A 96 -11.67 2.18 3.34
N PRO A 97 -10.35 1.93 3.35
CA PRO A 97 -9.38 2.83 2.69
C PRO A 97 -9.39 2.58 1.17
N VAL A 98 -9.77 3.59 0.42
CA VAL A 98 -9.87 3.44 -1.07
C VAL A 98 -8.70 4.15 -1.78
N HIS A 99 -8.00 5.02 -1.08
CA HIS A 99 -6.86 5.77 -1.75
C HIS A 99 -5.69 5.94 -0.79
N PHE A 100 -4.53 6.23 -1.34
CA PHE A 100 -3.30 6.46 -0.53
C PHE A 100 -3.01 7.96 -0.48
N ALA A 101 -3.11 8.56 0.69
CA ALA A 101 -2.87 10.04 0.82
C ALA A 101 -1.38 10.32 0.77
N GLY A 102 -0.61 9.65 1.60
CA GLY A 102 0.86 9.87 1.63
C GLY A 102 1.50 8.90 2.63
N VAL A 103 2.68 9.25 3.11
CA VAL A 103 3.41 8.38 4.09
C VAL A 103 4.01 9.24 5.21
N GLY A 104 4.08 8.70 6.41
CA GLY A 104 4.67 9.44 7.58
C GLY A 104 3.83 10.67 7.91
N ILE A 105 4.02 11.75 7.18
CA ILE A 105 3.25 13.01 7.45
C ILE A 105 2.24 13.24 6.33
N CYS A 106 1.04 13.65 6.69
CA CYS A 106 -0.03 13.92 5.69
C CYS A 106 -0.22 15.45 5.57
N PRO A 107 -0.53 15.94 4.37
CA PRO A 107 -0.73 17.39 4.15
C PRO A 107 -2.13 17.80 4.61
N MET A 1 -12.92 1.55 -10.65
CA MET A 1 -12.72 2.43 -9.46
C MET A 1 -11.75 1.77 -8.48
N GLN A 2 -11.22 2.53 -7.56
CA GLN A 2 -10.26 1.99 -6.55
C GLN A 2 -10.95 1.85 -5.20
N ASP A 3 -10.98 0.65 -4.64
CA ASP A 3 -11.64 0.41 -3.33
C ASP A 3 -10.80 -0.56 -2.48
N TRP A 4 -11.36 -1.05 -1.40
CA TRP A 4 -10.63 -2.02 -0.50
C TRP A 4 -9.95 -3.12 -1.34
N ALA A 5 -10.51 -3.44 -2.48
CA ALA A 5 -9.92 -4.49 -3.37
C ALA A 5 -8.59 -3.98 -3.93
N THR A 6 -8.57 -2.75 -4.37
CA THR A 6 -7.32 -2.15 -4.93
C THR A 6 -6.33 -1.95 -3.80
N PHE A 7 -6.79 -1.39 -2.71
CA PHE A 7 -5.92 -1.16 -1.52
C PHE A 7 -5.39 -2.51 -1.01
N LYS A 8 -6.14 -3.57 -1.23
CA LYS A 8 -5.71 -4.93 -0.77
C LYS A 8 -4.44 -5.33 -1.54
N LYS A 9 -4.46 -5.20 -2.85
CA LYS A 9 -3.27 -5.55 -3.67
C LYS A 9 -2.23 -4.43 -3.61
N LYS A 10 -2.65 -3.24 -3.25
CA LYS A 10 -1.72 -2.06 -3.20
C LYS A 10 -0.94 -1.99 -1.88
N HIS A 11 -1.62 -2.09 -0.74
CA HIS A 11 -0.91 -1.95 0.58
C HIS A 11 -1.08 -3.18 1.49
N LEU A 12 -1.70 -4.25 1.04
CA LEU A 12 -1.87 -5.45 1.94
C LEU A 12 -1.11 -6.65 1.36
N THR A 13 -0.25 -7.23 2.17
CA THR A 13 0.54 -8.42 1.75
C THR A 13 0.62 -9.40 2.92
N ASP A 14 0.88 -10.67 2.64
CA ASP A 14 0.98 -11.70 3.71
C ASP A 14 2.43 -12.18 3.85
N THR A 15 3.38 -11.37 3.43
CA THR A 15 4.82 -11.75 3.53
C THR A 15 5.69 -10.50 3.34
N TRP A 16 6.85 -10.47 3.97
CA TRP A 16 7.76 -9.31 3.84
C TRP A 16 8.32 -9.28 2.41
N ASP A 17 8.72 -10.42 1.92
CA ASP A 17 9.27 -10.52 0.54
C ASP A 17 8.11 -10.77 -0.44
N VAL A 18 7.79 -9.80 -1.26
CA VAL A 18 6.67 -9.94 -2.24
C VAL A 18 7.24 -10.11 -3.65
N ASP A 19 6.42 -10.61 -4.55
CA ASP A 19 6.86 -10.81 -5.97
C ASP A 19 6.45 -9.58 -6.79
N CYS A 20 7.34 -8.63 -6.91
CA CYS A 20 7.06 -7.37 -7.68
C CYS A 20 6.87 -7.68 -9.17
N ASP A 21 7.76 -8.46 -9.74
CA ASP A 21 7.70 -8.81 -11.19
C ASP A 21 6.44 -9.64 -11.52
N ASN A 22 5.76 -10.16 -10.51
CA ASN A 22 4.54 -11.00 -10.76
C ASN A 22 3.30 -10.09 -10.87
N LEU A 23 3.24 -9.06 -10.05
CA LEU A 23 2.06 -8.13 -10.08
C LEU A 23 2.34 -6.95 -11.01
N MET A 24 3.59 -6.67 -11.26
CA MET A 24 4.00 -5.53 -12.14
C MET A 24 3.37 -5.63 -13.56
N PRO A 25 3.40 -6.80 -14.20
CA PRO A 25 2.87 -6.95 -15.58
C PRO A 25 1.34 -7.04 -15.63
N THR A 26 0.66 -6.84 -14.52
CA THR A 26 -0.85 -6.92 -14.53
C THR A 26 -1.42 -5.55 -14.93
N SER A 27 -2.73 -5.46 -14.94
CA SER A 27 -3.41 -4.18 -15.32
C SER A 27 -3.48 -3.23 -14.09
N LEU A 28 -3.24 -3.75 -12.91
CA LEU A 28 -3.28 -2.92 -11.67
C LEU A 28 -1.97 -2.16 -11.56
N PHE A 29 -0.89 -2.80 -11.94
CA PHE A 29 0.46 -2.16 -11.88
C PHE A 29 0.86 -1.74 -13.29
N ASP A 30 0.61 -2.60 -14.26
CA ASP A 30 0.95 -2.29 -15.70
C ASP A 30 2.38 -1.70 -15.81
N CYS A 31 3.33 -2.29 -15.11
CA CYS A 31 4.73 -1.79 -15.15
C CYS A 31 4.77 -0.34 -14.63
N LYS A 32 4.04 -0.09 -13.57
CA LYS A 32 3.98 1.28 -12.98
C LYS A 32 5.38 1.71 -12.50
N ASP A 33 5.43 2.77 -11.72
CA ASP A 33 6.75 3.29 -11.20
C ASP A 33 7.20 2.47 -9.99
N LYS A 34 6.48 2.56 -8.89
CA LYS A 34 6.85 1.79 -7.65
C LYS A 34 5.63 1.65 -6.73
N ASN A 35 5.66 0.65 -5.87
CA ASN A 35 4.52 0.43 -4.93
C ASN A 35 5.08 0.14 -3.52
N THR A 36 4.26 0.28 -2.51
CA THR A 36 4.68 0.02 -1.10
C THR A 36 3.63 -0.86 -0.43
N PHE A 37 4.01 -2.04 0.02
CA PHE A 37 3.04 -2.97 0.67
C PHE A 37 3.17 -2.87 2.20
N ILE A 38 2.18 -3.37 2.89
CA ILE A 38 2.19 -3.36 4.39
C ILE A 38 2.19 -4.81 4.88
N TYR A 39 3.04 -5.13 5.83
CA TYR A 39 3.11 -6.53 6.36
C TYR A 39 2.26 -6.63 7.64
N SER A 40 0.97 -6.83 7.46
CA SER A 40 0.05 -6.94 8.62
C SER A 40 -1.28 -7.55 8.15
N LEU A 41 -2.12 -7.92 9.08
CA LEU A 41 -3.45 -8.52 8.72
C LEU A 41 -4.46 -7.39 8.46
N PRO A 42 -5.50 -7.69 7.68
CA PRO A 42 -6.54 -6.70 7.35
C PRO A 42 -7.50 -6.48 8.54
N GLY A 43 -7.47 -7.39 9.52
CA GLY A 43 -8.37 -7.25 10.71
C GLY A 43 -7.96 -6.02 11.55
N PRO A 44 -6.70 -6.00 12.00
CA PRO A 44 -6.18 -4.88 12.82
C PRO A 44 -5.93 -3.63 11.97
N VAL A 45 -5.62 -3.81 10.70
CA VAL A 45 -5.37 -2.64 9.80
C VAL A 45 -6.71 -1.99 9.46
N LYS A 46 -7.64 -2.79 8.98
CA LYS A 46 -9.00 -2.27 8.64
C LYS A 46 -9.67 -1.77 9.93
N ALA A 47 -9.29 -2.34 11.07
CA ALA A 47 -9.90 -1.91 12.37
C ALA A 47 -9.72 -0.40 12.56
N LEU A 48 -8.62 0.13 12.06
CA LEU A 48 -8.35 1.60 12.18
C LEU A 48 -9.45 2.37 11.44
N CYS A 49 -9.89 1.82 10.32
CA CYS A 49 -10.96 2.49 9.52
C CYS A 49 -12.34 2.19 10.11
N ARG A 50 -12.45 1.17 10.95
CA ARG A 50 -13.77 0.81 11.56
C ARG A 50 -14.36 2.04 12.26
N GLY A 51 -15.19 2.77 11.56
CA GLY A 51 -15.83 4.00 12.13
C GLY A 51 -15.88 5.10 11.07
N VAL A 52 -14.93 5.09 10.15
CA VAL A 52 -14.91 6.13 9.06
C VAL A 52 -16.05 5.86 8.09
N ILE A 53 -16.76 6.88 7.69
CA ILE A 53 -17.91 6.72 6.74
C ILE A 53 -17.63 7.49 5.45
N PHE A 54 -17.08 8.68 5.57
CA PHE A 54 -16.76 9.50 4.36
C PHE A 54 -15.25 9.55 4.13
N SER A 55 -14.83 10.10 3.01
CA SER A 55 -13.38 10.18 2.69
C SER A 55 -12.66 11.09 3.71
N ALA A 56 -11.62 10.57 4.32
CA ALA A 56 -10.84 11.36 5.33
C ALA A 56 -9.41 10.84 5.35
N ASP A 57 -8.46 11.68 5.66
CA ASP A 57 -7.03 11.24 5.71
C ASP A 57 -6.65 10.87 7.13
N VAL A 58 -6.10 9.69 7.32
CA VAL A 58 -5.70 9.23 8.68
C VAL A 58 -4.23 8.77 8.66
N LEU A 59 -3.57 8.86 9.78
CA LEU A 59 -2.14 8.44 9.87
C LEU A 59 -2.03 7.28 10.87
N SER A 60 -1.30 6.23 10.49
CA SER A 60 -1.14 5.04 11.40
C SER A 60 -0.61 5.49 12.76
N ASN A 61 -1.14 4.93 13.83
CA ASN A 61 -0.68 5.30 15.21
C ASN A 61 0.70 4.69 15.46
N SER A 62 0.97 3.54 14.87
CA SER A 62 2.28 2.86 15.05
C SER A 62 2.92 2.62 13.67
N GLU A 63 4.17 2.20 13.66
CA GLU A 63 4.88 1.94 12.36
C GLU A 63 4.81 0.45 12.02
N PHE A 64 4.57 0.14 10.77
CA PHE A 64 4.50 -1.29 10.33
C PHE A 64 5.64 -1.56 9.35
N TYR A 65 5.92 -2.81 9.08
CA TYR A 65 6.99 -3.17 8.11
C TYR A 65 6.45 -2.88 6.71
N LEU A 66 7.31 -2.48 5.78
CA LEU A 66 6.83 -2.15 4.41
C LEU A 66 7.68 -2.83 3.34
N ALA A 67 7.03 -3.57 2.47
CA ALA A 67 7.73 -4.25 1.34
C ALA A 67 7.38 -3.47 0.07
N GLU A 68 8.31 -2.68 -0.43
CA GLU A 68 8.03 -1.84 -1.64
C GLU A 68 8.72 -2.39 -2.88
N CYS A 69 8.19 -2.03 -4.02
CA CYS A 69 8.74 -2.47 -5.33
C CYS A 69 9.14 -1.21 -6.11
N ASN A 70 10.41 -1.07 -6.45
CA ASN A 70 10.86 0.15 -7.18
C ASN A 70 11.38 -0.22 -8.58
N VAL A 71 10.69 0.22 -9.61
CA VAL A 71 11.12 -0.08 -11.01
C VAL A 71 12.36 0.76 -11.32
N LYS A 72 13.53 0.14 -11.35
CA LYS A 72 14.78 0.89 -11.64
C LYS A 72 14.74 1.42 -13.08
N PRO A 73 15.38 2.56 -13.33
CA PRO A 73 15.40 3.17 -14.68
C PRO A 73 16.44 2.46 -15.56
N ARG A 74 16.30 2.59 -16.85
CA ARG A 74 17.26 1.92 -17.80
C ARG A 74 17.15 0.40 -17.65
N LYS A 75 15.99 -0.07 -17.23
CA LYS A 75 15.78 -1.55 -17.06
C LYS A 75 14.45 -1.94 -17.75
N PRO A 76 14.38 -3.14 -18.30
CA PRO A 76 13.17 -3.63 -19.00
C PRO A 76 12.09 -4.05 -17.98
N CYS A 77 11.49 -3.07 -17.33
CA CYS A 77 10.42 -3.37 -16.32
C CYS A 77 10.98 -4.30 -15.22
N LYS A 78 12.10 -3.92 -14.64
CA LYS A 78 12.73 -4.74 -13.55
C LYS A 78 12.43 -4.09 -12.19
N TYR A 79 11.88 -4.85 -11.27
CA TYR A 79 11.52 -4.30 -9.93
C TYR A 79 12.61 -4.67 -8.91
N LYS A 80 12.74 -3.84 -7.89
CA LYS A 80 13.75 -4.10 -6.81
C LYS A 80 13.03 -4.17 -5.47
N LEU A 81 13.25 -5.22 -4.71
CA LEU A 81 12.56 -5.37 -3.38
C LEU A 81 13.24 -4.48 -2.34
N LYS A 82 12.45 -3.78 -1.55
CA LYS A 82 13.01 -2.87 -0.49
C LYS A 82 12.14 -2.98 0.76
N LYS A 83 12.77 -3.11 1.92
CA LYS A 83 12.00 -3.21 3.20
C LYS A 83 12.09 -1.90 3.97
N SER A 84 11.13 -1.63 4.82
CA SER A 84 11.13 -0.36 5.62
C SER A 84 10.22 -0.52 6.84
N SER A 85 10.14 0.51 7.65
CA SER A 85 9.27 0.48 8.88
C SER A 85 8.90 1.91 9.25
N ASN A 86 7.65 2.28 9.07
CA ASN A 86 7.20 3.67 9.39
C ASN A 86 5.67 3.77 9.30
N ARG A 87 5.16 4.96 9.55
CA ARG A 87 3.68 5.19 9.49
C ARG A 87 3.25 5.44 8.04
N ILE A 88 1.98 5.66 7.83
CA ILE A 88 1.46 5.90 6.43
C ILE A 88 0.20 6.76 6.49
N CYS A 89 0.09 7.69 5.56
CA CYS A 89 -1.11 8.58 5.50
C CYS A 89 -2.05 8.04 4.41
N ILE A 90 -3.22 7.59 4.81
CA ILE A 90 -4.19 7.00 3.81
C ILE A 90 -5.52 7.74 3.86
N ARG A 91 -6.32 7.58 2.82
CA ARG A 91 -7.68 8.23 2.76
C ARG A 91 -8.71 7.13 2.97
N CYS A 92 -9.52 7.22 3.99
CA CYS A 92 -10.52 6.15 4.28
C CYS A 92 -11.95 6.63 4.14
N GLU A 93 -12.82 5.72 3.76
CA GLU A 93 -14.27 6.01 3.60
C GLU A 93 -15.01 4.67 3.60
N HIS A 94 -16.18 4.62 4.19
CA HIS A 94 -16.96 3.34 4.25
C HIS A 94 -16.14 2.29 5.01
N GLU A 95 -15.28 2.73 5.92
CA GLU A 95 -14.44 1.80 6.75
C GLU A 95 -13.41 1.06 5.87
N LEU A 96 -12.87 1.72 4.86
CA LEU A 96 -11.84 1.07 3.99
C LEU A 96 -11.04 2.14 3.21
N PRO A 97 -9.71 2.09 3.26
CA PRO A 97 -8.83 3.05 2.56
C PRO A 97 -8.87 2.78 1.06
N VAL A 98 -9.32 3.76 0.30
CA VAL A 98 -9.42 3.60 -1.18
C VAL A 98 -8.23 4.30 -1.86
N HIS A 99 -7.64 5.28 -1.21
CA HIS A 99 -6.49 6.01 -1.84
C HIS A 99 -5.35 6.18 -0.82
N PHE A 100 -4.15 6.42 -1.31
CA PHE A 100 -2.97 6.61 -0.42
C PHE A 100 -2.55 8.08 -0.45
N ALA A 101 -2.62 8.74 0.69
CA ALA A 101 -2.23 10.19 0.77
C ALA A 101 -0.72 10.31 0.65
N GLY A 102 0.00 9.49 1.39
CA GLY A 102 1.49 9.55 1.35
C GLY A 102 2.07 8.66 2.46
N VAL A 103 3.34 8.82 2.74
CA VAL A 103 4.01 8.01 3.80
C VAL A 103 4.58 8.95 4.89
N GLY A 104 4.62 8.48 6.12
CA GLY A 104 5.16 9.31 7.25
C GLY A 104 4.07 10.21 7.79
N ILE A 105 4.09 11.48 7.44
CA ILE A 105 3.07 12.45 7.93
C ILE A 105 2.43 13.18 6.75
N CYS A 106 1.20 13.62 6.90
CA CYS A 106 0.49 14.34 5.79
C CYS A 106 0.73 15.86 5.94
N PRO A 107 0.65 16.59 4.83
CA PRO A 107 0.87 18.05 4.82
C PRO A 107 -0.42 18.77 5.27
N MET A 1 -14.00 0.94 -9.86
CA MET A 1 -13.74 2.07 -8.91
C MET A 1 -12.71 1.63 -7.87
N GLN A 2 -11.71 2.45 -7.62
CA GLN A 2 -10.66 2.12 -6.62
C GLN A 2 -11.30 1.97 -5.24
N ASP A 3 -11.30 0.78 -4.69
CA ASP A 3 -11.92 0.55 -3.35
C ASP A 3 -10.98 -0.31 -2.47
N TRP A 4 -11.51 -0.86 -1.40
CA TRP A 4 -10.72 -1.72 -0.47
C TRP A 4 -10.01 -2.84 -1.27
N ALA A 5 -10.60 -3.25 -2.38
CA ALA A 5 -10.00 -4.33 -3.21
C ALA A 5 -8.66 -3.86 -3.77
N THR A 6 -8.62 -2.65 -4.32
CA THR A 6 -7.35 -2.10 -4.90
C THR A 6 -6.37 -1.87 -3.75
N PHE A 7 -6.85 -1.24 -2.70
CA PHE A 7 -5.99 -0.96 -1.51
C PHE A 7 -5.48 -2.29 -0.92
N LYS A 8 -6.25 -3.36 -1.11
CA LYS A 8 -5.84 -4.69 -0.58
C LYS A 8 -4.55 -5.13 -1.26
N LYS A 9 -4.52 -5.10 -2.58
CA LYS A 9 -3.29 -5.52 -3.32
C LYS A 9 -2.27 -4.37 -3.33
N LYS A 10 -2.72 -3.15 -3.11
CA LYS A 10 -1.81 -1.97 -3.13
C LYS A 10 -1.06 -1.78 -1.80
N HIS A 11 -1.78 -1.76 -0.69
CA HIS A 11 -1.12 -1.51 0.64
C HIS A 11 -1.15 -2.74 1.56
N LEU A 12 -1.94 -3.75 1.24
CA LEU A 12 -2.01 -4.96 2.14
C LEU A 12 -1.30 -6.17 1.53
N THR A 13 -0.45 -6.79 2.30
CA THR A 13 0.30 -8.01 1.84
C THR A 13 0.60 -8.89 3.05
N ASP A 14 0.57 -10.19 2.87
CA ASP A 14 0.84 -11.13 4.01
C ASP A 14 2.19 -11.81 3.80
N THR A 15 3.07 -11.19 3.05
CA THR A 15 4.44 -11.77 2.80
C THR A 15 5.47 -10.64 2.77
N TRP A 16 6.48 -10.73 3.61
CA TRP A 16 7.54 -9.68 3.65
C TRP A 16 8.29 -9.69 2.31
N ASP A 17 8.40 -10.86 1.71
CA ASP A 17 9.11 -10.99 0.40
C ASP A 17 8.07 -11.05 -0.72
N VAL A 18 7.87 -9.95 -1.40
CA VAL A 18 6.86 -9.91 -2.51
C VAL A 18 7.57 -10.15 -3.85
N ASP A 19 6.80 -10.51 -4.85
CA ASP A 19 7.36 -10.77 -6.21
C ASP A 19 7.01 -9.59 -7.12
N CYS A 20 7.96 -8.71 -7.33
CA CYS A 20 7.71 -7.51 -8.20
C CYS A 20 7.52 -7.96 -9.66
N ASP A 21 8.45 -8.74 -10.16
CA ASP A 21 8.40 -9.22 -11.57
C ASP A 21 7.14 -10.06 -11.83
N ASN A 22 6.64 -10.76 -10.83
CA ASN A 22 5.42 -11.62 -11.02
C ASN A 22 4.18 -10.73 -11.14
N LEU A 23 4.09 -9.74 -10.27
CA LEU A 23 2.91 -8.81 -10.29
C LEU A 23 3.18 -7.63 -11.24
N MET A 24 4.31 -7.62 -11.91
CA MET A 24 4.66 -6.49 -12.83
C MET A 24 3.72 -6.42 -14.06
N PRO A 25 3.47 -7.54 -14.73
CA PRO A 25 2.63 -7.54 -15.96
C PRO A 25 1.13 -7.56 -15.66
N THR A 26 0.72 -7.67 -14.41
CA THR A 26 -0.74 -7.71 -14.08
C THR A 26 -1.41 -6.41 -14.52
N SER A 27 -2.70 -6.33 -14.33
CA SER A 27 -3.49 -5.12 -14.72
C SER A 27 -3.46 -4.08 -13.59
N LEU A 28 -3.17 -4.50 -12.37
CA LEU A 28 -3.11 -3.55 -11.21
C LEU A 28 -1.79 -2.80 -11.28
N PHE A 29 -0.74 -3.52 -11.58
CA PHE A 29 0.61 -2.92 -11.69
C PHE A 29 0.79 -2.43 -13.14
N ASP A 30 0.45 -3.28 -14.09
CA ASP A 30 0.59 -2.93 -15.56
C ASP A 30 1.95 -2.26 -15.83
N CYS A 31 3.02 -2.87 -15.32
CA CYS A 31 4.39 -2.30 -15.51
C CYS A 31 4.45 -0.92 -14.84
N LYS A 32 3.72 -0.78 -13.75
CA LYS A 32 3.68 0.53 -13.00
C LYS A 32 5.10 0.97 -12.61
N ASP A 33 5.18 2.06 -11.89
CA ASP A 33 6.50 2.59 -11.43
C ASP A 33 6.97 1.83 -10.18
N LYS A 34 6.28 2.01 -9.08
CA LYS A 34 6.66 1.31 -7.81
C LYS A 34 5.47 1.30 -6.83
N ASN A 35 5.46 0.35 -5.92
CA ASN A 35 4.36 0.26 -4.91
C ASN A 35 4.95 -0.18 -3.57
N THR A 36 4.44 0.38 -2.49
CA THR A 36 4.91 0.01 -1.13
C THR A 36 3.82 -0.83 -0.45
N PHE A 37 4.15 -2.05 -0.07
CA PHE A 37 3.14 -2.93 0.59
C PHE A 37 3.32 -2.89 2.11
N ILE A 38 2.29 -3.23 2.84
CA ILE A 38 2.35 -3.22 4.34
C ILE A 38 2.29 -4.66 4.84
N TYR A 39 3.12 -4.99 5.82
CA TYR A 39 3.13 -6.38 6.38
C TYR A 39 2.28 -6.41 7.65
N SER A 40 1.00 -6.64 7.50
CA SER A 40 0.08 -6.69 8.68
C SER A 40 -1.23 -7.37 8.27
N LEU A 41 -2.13 -7.55 9.21
CA LEU A 41 -3.44 -8.21 8.91
C LEU A 41 -4.51 -7.14 8.63
N PRO A 42 -5.47 -7.45 7.77
CA PRO A 42 -6.56 -6.51 7.41
C PRO A 42 -7.60 -6.41 8.53
N GLY A 43 -7.54 -7.31 9.50
CA GLY A 43 -8.53 -7.27 10.63
C GLY A 43 -8.24 -6.05 11.53
N PRO A 44 -7.03 -5.97 12.08
CA PRO A 44 -6.65 -4.86 12.97
C PRO A 44 -6.37 -3.59 12.16
N VAL A 45 -5.92 -3.74 10.93
CA VAL A 45 -5.62 -2.55 10.07
C VAL A 45 -6.95 -1.92 9.64
N LYS A 46 -7.82 -2.72 9.05
CA LYS A 46 -9.16 -2.21 8.62
C LYS A 46 -9.94 -1.75 9.86
N ALA A 47 -9.62 -2.32 11.01
CA ALA A 47 -10.32 -1.94 12.28
C ALA A 47 -10.13 -0.45 12.54
N LEU A 48 -8.98 0.09 12.19
CA LEU A 48 -8.71 1.55 12.40
C LEU A 48 -9.74 2.37 11.65
N CYS A 49 -10.12 1.91 10.48
CA CYS A 49 -11.15 2.64 9.65
C CYS A 49 -12.55 2.36 10.18
N ARG A 50 -12.72 1.34 11.01
CA ARG A 50 -14.06 1.00 11.57
C ARG A 50 -14.62 2.22 12.31
N GLY A 51 -15.40 3.02 11.62
CA GLY A 51 -15.99 4.26 12.23
C GLY A 51 -16.00 5.36 11.18
N VAL A 52 -15.02 5.38 10.31
CA VAL A 52 -14.95 6.42 9.24
C VAL A 52 -16.08 6.16 8.24
N ILE A 53 -16.83 7.19 7.90
CA ILE A 53 -17.96 7.02 6.95
C ILE A 53 -17.67 7.79 5.66
N PHE A 54 -17.07 8.95 5.77
CA PHE A 54 -16.73 9.77 4.57
C PHE A 54 -15.22 9.81 4.36
N SER A 55 -14.79 10.39 3.26
CA SER A 55 -13.33 10.49 2.94
C SER A 55 -12.62 11.33 4.00
N ALA A 56 -11.54 10.81 4.52
CA ALA A 56 -10.74 11.55 5.56
C ALA A 56 -9.30 11.04 5.52
N ASP A 57 -8.35 11.90 5.80
CA ASP A 57 -6.91 11.47 5.77
C ASP A 57 -6.46 11.08 7.18
N VAL A 58 -5.94 9.88 7.32
CA VAL A 58 -5.47 9.39 8.65
C VAL A 58 -4.05 8.83 8.50
N LEU A 59 -3.29 8.83 9.57
CA LEU A 59 -1.90 8.30 9.54
C LEU A 59 -1.77 7.22 10.61
N SER A 60 -1.19 6.08 10.27
CA SER A 60 -1.02 4.97 11.26
C SER A 60 -0.01 5.40 12.32
N ASN A 61 -0.39 5.32 13.58
CA ASN A 61 0.53 5.72 14.69
C ASN A 61 1.62 4.66 14.87
N SER A 62 1.30 3.42 14.56
CA SER A 62 2.30 2.31 14.71
C SER A 62 3.02 2.10 13.37
N GLU A 63 4.30 1.81 13.42
CA GLU A 63 5.10 1.58 12.17
C GLU A 63 5.15 0.08 11.89
N PHE A 64 4.91 -0.31 10.66
CA PHE A 64 4.94 -1.76 10.28
C PHE A 64 6.04 -1.99 9.25
N TYR A 65 6.26 -3.23 8.89
CA TYR A 65 7.29 -3.56 7.87
C TYR A 65 6.72 -3.15 6.51
N LEU A 66 7.58 -2.74 5.61
CA LEU A 66 7.10 -2.29 4.27
C LEU A 66 7.88 -2.97 3.16
N ALA A 67 7.22 -3.81 2.41
CA ALA A 67 7.87 -4.51 1.27
C ALA A 67 7.49 -3.74 0.01
N GLU A 68 8.42 -2.99 -0.55
CA GLU A 68 8.11 -2.17 -1.77
C GLU A 68 8.76 -2.76 -3.00
N CYS A 69 8.11 -2.56 -4.12
CA CYS A 69 8.62 -3.05 -5.42
C CYS A 69 8.87 -1.82 -6.31
N ASN A 70 10.12 -1.43 -6.47
CA ASN A 70 10.42 -0.21 -7.30
C ASN A 70 11.26 -0.58 -8.52
N VAL A 71 10.97 0.05 -9.64
CA VAL A 71 11.75 -0.23 -10.89
C VAL A 71 12.97 0.68 -10.95
N LYS A 72 14.15 0.10 -11.00
CA LYS A 72 15.41 0.91 -11.07
C LYS A 72 15.39 1.72 -12.37
N PRO A 73 16.09 2.85 -12.40
CA PRO A 73 16.14 3.72 -13.59
C PRO A 73 17.06 3.11 -14.65
N ARG A 74 16.89 3.51 -15.89
CA ARG A 74 17.73 2.96 -17.01
C ARG A 74 17.44 1.45 -17.12
N LYS A 75 16.24 1.05 -16.76
CA LYS A 75 15.84 -0.39 -16.84
C LYS A 75 14.36 -0.47 -17.27
N PRO A 76 14.05 -1.28 -18.28
CA PRO A 76 12.66 -1.40 -18.79
C PRO A 76 11.80 -2.29 -17.88
N CYS A 77 11.14 -1.69 -16.92
CA CYS A 77 10.25 -2.44 -15.98
C CYS A 77 11.04 -3.50 -15.18
N LYS A 78 12.25 -3.17 -14.76
CA LYS A 78 13.06 -4.12 -13.93
C LYS A 78 12.87 -3.71 -12.47
N TYR A 79 12.28 -4.58 -11.68
CA TYR A 79 11.97 -4.22 -10.26
C TYR A 79 13.06 -4.70 -9.28
N LYS A 80 12.99 -4.18 -8.08
CA LYS A 80 13.95 -4.54 -7.00
C LYS A 80 13.17 -4.57 -5.67
N LEU A 81 13.47 -5.53 -4.81
CA LEU A 81 12.74 -5.64 -3.50
C LEU A 81 13.42 -4.77 -2.43
N LYS A 82 12.64 -4.02 -1.68
CA LYS A 82 13.20 -3.15 -0.60
C LYS A 82 12.32 -3.23 0.65
N LYS A 83 12.92 -3.42 1.81
CA LYS A 83 12.14 -3.52 3.09
C LYS A 83 12.33 -2.24 3.91
N SER A 84 11.36 -1.88 4.72
CA SER A 84 11.47 -0.65 5.56
C SER A 84 10.48 -0.71 6.73
N SER A 85 10.52 0.30 7.58
CA SER A 85 9.60 0.37 8.77
C SER A 85 9.08 1.80 8.87
N ASN A 86 7.78 1.99 8.72
CA ASN A 86 7.21 3.39 8.78
C ASN A 86 5.68 3.33 8.79
N ARG A 87 5.04 4.47 8.98
CA ARG A 87 3.55 4.55 8.99
C ARG A 87 3.07 5.01 7.61
N ILE A 88 1.77 5.13 7.42
CA ILE A 88 1.24 5.56 6.08
C ILE A 88 0.03 6.48 6.23
N CYS A 89 -0.10 7.42 5.30
CA CYS A 89 -1.26 8.37 5.32
C CYS A 89 -2.25 7.89 4.25
N ILE A 90 -3.47 7.56 4.65
CA ILE A 90 -4.48 7.05 3.66
C ILE A 90 -5.79 7.85 3.76
N ARG A 91 -6.59 7.80 2.70
CA ARG A 91 -7.91 8.49 2.68
C ARG A 91 -8.97 7.43 2.95
N CYS A 92 -9.62 7.49 4.10
CA CYS A 92 -10.63 6.45 4.46
C CYS A 92 -12.06 6.95 4.30
N GLU A 93 -12.91 6.07 3.85
CA GLU A 93 -14.36 6.38 3.66
C GLU A 93 -15.10 5.05 3.63
N HIS A 94 -16.28 4.99 4.22
CA HIS A 94 -17.05 3.71 4.27
C HIS A 94 -16.24 2.66 5.04
N GLU A 95 -15.40 3.10 5.96
CA GLU A 95 -14.56 2.17 6.78
C GLU A 95 -13.56 1.43 5.87
N LEU A 96 -13.02 2.09 4.88
CA LEU A 96 -12.03 1.45 3.96
C LEU A 96 -11.20 2.52 3.21
N PRO A 97 -9.87 2.47 3.35
CA PRO A 97 -8.98 3.43 2.65
C PRO A 97 -8.92 3.06 1.17
N VAL A 98 -9.43 3.92 0.33
CA VAL A 98 -9.45 3.66 -1.15
C VAL A 98 -8.23 4.30 -1.83
N HIS A 99 -7.65 5.30 -1.21
CA HIS A 99 -6.47 5.99 -1.81
C HIS A 99 -5.38 6.20 -0.77
N PHE A 100 -4.26 6.73 -1.19
CA PHE A 100 -3.12 7.00 -0.25
C PHE A 100 -2.80 8.50 -0.26
N ALA A 101 -3.01 9.16 0.86
CA ALA A 101 -2.74 10.63 0.94
C ALA A 101 -1.23 10.86 0.93
N GLY A 102 -0.48 10.00 1.58
CA GLY A 102 1.00 10.14 1.64
C GLY A 102 1.59 9.06 2.54
N VAL A 103 2.70 9.35 3.18
CA VAL A 103 3.37 8.36 4.09
C VAL A 103 4.14 9.12 5.17
N GLY A 104 4.29 8.53 6.34
CA GLY A 104 5.03 9.21 7.46
C GLY A 104 4.20 10.39 7.97
N ILE A 105 4.15 11.47 7.23
CA ILE A 105 3.38 12.68 7.66
C ILE A 105 2.45 13.12 6.53
N CYS A 106 1.44 13.89 6.86
CA CYS A 106 0.47 14.39 5.82
C CYS A 106 0.36 15.92 5.93
N PRO A 107 0.18 16.60 4.79
CA PRO A 107 0.06 18.07 4.76
C PRO A 107 -1.34 18.50 5.19
N MET A 1 -13.10 0.84 -9.42
CA MET A 1 -12.14 1.95 -9.66
C MET A 1 -11.10 1.99 -8.55
N GLN A 2 -11.53 2.22 -7.33
CA GLN A 2 -10.58 2.26 -6.17
C GLN A 2 -11.33 1.89 -4.88
N ASP A 3 -11.13 0.68 -4.40
CA ASP A 3 -11.82 0.22 -3.16
C ASP A 3 -10.87 -0.61 -2.30
N TRP A 4 -11.38 -1.19 -1.24
CA TRP A 4 -10.55 -2.05 -0.33
C TRP A 4 -9.76 -3.08 -1.15
N ALA A 5 -10.45 -3.93 -1.86
CA ALA A 5 -9.81 -5.01 -2.69
C ALA A 5 -8.59 -4.50 -3.44
N THR A 6 -8.69 -3.34 -4.06
CA THR A 6 -7.54 -2.78 -4.83
C THR A 6 -6.45 -2.36 -3.84
N PHE A 7 -6.84 -1.74 -2.76
CA PHE A 7 -5.84 -1.30 -1.73
C PHE A 7 -5.16 -2.55 -1.14
N LYS A 8 -5.89 -3.62 -0.98
CA LYS A 8 -5.32 -4.87 -0.40
C LYS A 8 -4.12 -5.34 -1.25
N LYS A 9 -4.33 -5.46 -2.55
CA LYS A 9 -3.23 -5.91 -3.46
C LYS A 9 -2.30 -4.74 -3.80
N LYS A 10 -2.72 -3.53 -3.53
CA LYS A 10 -1.90 -2.32 -3.87
C LYS A 10 -0.87 -2.03 -2.77
N HIS A 11 -1.33 -1.85 -1.54
CA HIS A 11 -0.40 -1.48 -0.43
C HIS A 11 -0.46 -2.47 0.75
N LEU A 12 -1.04 -3.64 0.56
CA LEU A 12 -1.12 -4.61 1.71
C LEU A 12 -0.64 -6.00 1.27
N THR A 13 0.01 -6.71 2.17
CA THR A 13 0.52 -8.08 1.86
C THR A 13 0.55 -8.92 3.15
N ASP A 14 0.77 -10.20 3.01
CA ASP A 14 0.82 -11.10 4.21
C ASP A 14 2.21 -11.77 4.26
N THR A 15 3.21 -11.08 3.75
CA THR A 15 4.61 -11.63 3.75
C THR A 15 5.58 -10.48 3.47
N TRP A 16 6.74 -10.49 4.10
CA TRP A 16 7.73 -9.40 3.88
C TRP A 16 8.20 -9.44 2.43
N ASP A 17 8.32 -10.62 1.88
CA ASP A 17 8.75 -10.79 0.46
C ASP A 17 7.53 -10.67 -0.46
N VAL A 18 7.50 -9.65 -1.30
CA VAL A 18 6.35 -9.44 -2.23
C VAL A 18 6.75 -9.80 -3.66
N ASP A 19 5.79 -10.12 -4.49
CA ASP A 19 6.05 -10.47 -5.91
C ASP A 19 5.82 -9.23 -6.78
N CYS A 20 6.90 -8.55 -7.13
CA CYS A 20 6.79 -7.30 -7.96
C CYS A 20 6.75 -7.65 -9.45
N ASP A 21 7.72 -8.40 -9.93
CA ASP A 21 7.79 -8.77 -11.38
C ASP A 21 6.59 -9.61 -11.80
N ASN A 22 5.96 -10.32 -10.88
CA ASN A 22 4.78 -11.18 -11.25
C ASN A 22 3.53 -10.33 -11.45
N LEU A 23 3.42 -9.25 -10.71
CA LEU A 23 2.22 -8.34 -10.81
C LEU A 23 2.55 -7.13 -11.70
N MET A 24 3.82 -6.86 -11.91
CA MET A 24 4.25 -5.68 -12.74
C MET A 24 3.45 -5.54 -14.06
N PRO A 25 3.32 -6.61 -14.84
CA PRO A 25 2.62 -6.53 -16.14
C PRO A 25 1.10 -6.51 -16.01
N THR A 26 0.56 -6.67 -14.81
CA THR A 26 -0.93 -6.67 -14.63
C THR A 26 -1.46 -5.26 -14.89
N SER A 27 -2.76 -5.11 -14.77
CA SER A 27 -3.42 -3.79 -14.99
C SER A 27 -3.34 -2.95 -13.70
N LEU A 28 -3.20 -3.61 -12.57
CA LEU A 28 -3.12 -2.89 -11.26
C LEU A 28 -1.78 -2.17 -11.21
N PHE A 29 -0.73 -2.86 -11.56
CA PHE A 29 0.63 -2.27 -11.57
C PHE A 29 0.84 -1.57 -12.91
N ASP A 30 0.42 -2.23 -13.99
CA ASP A 30 0.56 -1.66 -15.38
C ASP A 30 1.99 -1.08 -15.56
N CYS A 31 2.99 -1.82 -15.14
CA CYS A 31 4.41 -1.36 -15.26
C CYS A 31 4.56 -0.06 -14.45
N LYS A 32 3.88 0.02 -13.32
CA LYS A 32 3.93 1.24 -12.45
C LYS A 32 5.39 1.55 -12.09
N ASP A 33 5.60 2.66 -11.42
CA ASP A 33 6.98 3.08 -11.01
C ASP A 33 7.40 2.32 -9.76
N LYS A 34 6.53 2.27 -8.76
CA LYS A 34 6.86 1.55 -7.48
C LYS A 34 5.57 1.28 -6.69
N ASN A 35 5.59 0.25 -5.87
CA ASN A 35 4.40 -0.10 -5.03
C ASN A 35 4.87 -0.48 -3.63
N THR A 36 4.45 0.26 -2.62
CA THR A 36 4.86 -0.04 -1.22
C THR A 36 3.76 -0.82 -0.50
N PHE A 37 4.08 -1.98 0.01
CA PHE A 37 3.08 -2.82 0.72
C PHE A 37 3.32 -2.73 2.23
N ILE A 38 2.34 -3.08 3.01
CA ILE A 38 2.46 -3.05 4.50
C ILE A 38 2.39 -4.48 5.04
N TYR A 39 3.19 -4.79 6.04
CA TYR A 39 3.19 -6.17 6.61
C TYR A 39 2.27 -6.19 7.84
N SER A 40 0.97 -6.26 7.61
CA SER A 40 -0.01 -6.28 8.73
C SER A 40 -1.19 -7.19 8.37
N LEU A 41 -2.10 -7.38 9.30
CA LEU A 41 -3.29 -8.26 9.07
C LEU A 41 -4.52 -7.38 8.73
N PRO A 42 -5.56 -7.98 8.18
CA PRO A 42 -6.80 -7.26 7.82
C PRO A 42 -7.64 -6.94 9.06
N GLY A 43 -7.32 -7.53 10.19
CA GLY A 43 -8.09 -7.27 11.45
C GLY A 43 -7.75 -5.87 12.00
N PRO A 44 -6.47 -5.61 12.27
CA PRO A 44 -6.02 -4.31 12.81
C PRO A 44 -6.02 -3.22 11.73
N VAL A 45 -5.87 -3.59 10.48
CA VAL A 45 -5.86 -2.58 9.37
C VAL A 45 -7.29 -2.08 9.18
N LYS A 46 -8.22 -2.98 8.99
CA LYS A 46 -9.65 -2.60 8.81
C LYS A 46 -10.13 -1.91 10.09
N ALA A 47 -9.56 -2.26 11.22
CA ALA A 47 -9.96 -1.65 12.53
C ALA A 47 -9.77 -0.14 12.48
N LEU A 48 -8.73 0.32 11.80
CA LEU A 48 -8.45 1.78 11.69
C LEU A 48 -9.59 2.46 10.94
N CYS A 49 -10.16 1.80 9.96
CA CYS A 49 -11.27 2.38 9.16
C CYS A 49 -12.61 2.23 9.91
N ARG A 50 -12.66 1.38 10.91
CA ARG A 50 -13.93 1.17 11.68
C ARG A 50 -14.38 2.51 12.29
N GLY A 51 -15.26 3.20 11.61
CA GLY A 51 -15.76 4.52 12.10
C GLY A 51 -15.77 5.52 10.96
N VAL A 52 -14.84 5.38 10.03
CA VAL A 52 -14.77 6.32 8.85
C VAL A 52 -16.06 6.19 8.03
N ILE A 53 -16.66 7.30 7.69
CA ILE A 53 -17.92 7.30 6.89
C ILE A 53 -17.68 7.93 5.52
N PHE A 54 -16.87 8.97 5.48
CA PHE A 54 -16.57 9.67 4.18
C PHE A 54 -15.06 9.71 3.95
N SER A 55 -14.66 10.27 2.84
CA SER A 55 -13.20 10.38 2.49
C SER A 55 -12.45 11.13 3.59
N ALA A 56 -11.52 10.47 4.24
CA ALA A 56 -10.72 11.12 5.32
C ALA A 56 -9.32 10.51 5.33
N ASP A 57 -8.32 11.27 5.73
CA ASP A 57 -6.92 10.74 5.76
C ASP A 57 -6.56 10.29 7.17
N VAL A 58 -6.10 9.07 7.30
CA VAL A 58 -5.72 8.52 8.64
C VAL A 58 -4.22 8.20 8.65
N LEU A 59 -3.59 8.35 9.79
CA LEU A 59 -2.13 8.07 9.91
C LEU A 59 -1.95 6.85 10.83
N SER A 60 -1.16 5.88 10.40
CA SER A 60 -0.92 4.65 11.21
C SER A 60 -0.44 5.04 12.62
N ASN A 61 -0.98 4.40 13.64
CA ASN A 61 -0.58 4.74 15.04
C ASN A 61 0.84 4.24 15.31
N SER A 62 1.24 3.17 14.65
CA SER A 62 2.62 2.62 14.86
C SER A 62 3.25 2.29 13.50
N GLU A 63 4.55 2.43 13.40
CA GLU A 63 5.26 2.12 12.12
C GLU A 63 5.27 0.62 11.89
N PHE A 64 4.95 0.19 10.69
CA PHE A 64 4.95 -1.29 10.38
C PHE A 64 6.06 -1.59 9.40
N TYR A 65 6.30 -2.86 9.14
CA TYR A 65 7.35 -3.26 8.16
C TYR A 65 6.83 -2.93 6.77
N LEU A 66 7.69 -2.53 5.87
CA LEU A 66 7.23 -2.15 4.49
C LEU A 66 7.96 -2.94 3.42
N ALA A 67 7.21 -3.70 2.64
CA ALA A 67 7.80 -4.48 1.52
C ALA A 67 7.38 -3.78 0.23
N GLU A 68 8.26 -2.98 -0.34
CA GLU A 68 7.90 -2.22 -1.57
C GLU A 68 8.63 -2.73 -2.80
N CYS A 69 8.21 -2.26 -3.95
CA CYS A 69 8.83 -2.64 -5.25
C CYS A 69 9.20 -1.35 -5.98
N ASN A 70 10.43 -1.23 -6.43
CA ASN A 70 10.86 0.01 -7.14
C ASN A 70 11.41 -0.33 -8.52
N VAL A 71 10.87 0.30 -9.55
CA VAL A 71 11.35 0.04 -10.93
C VAL A 71 12.69 0.76 -11.12
N LYS A 72 13.77 0.00 -11.24
CA LYS A 72 15.11 0.62 -11.43
C LYS A 72 15.11 1.47 -12.71
N PRO A 73 15.93 2.52 -12.75
CA PRO A 73 16.01 3.42 -13.93
C PRO A 73 16.81 2.78 -15.06
N ARG A 74 16.41 3.04 -16.28
CA ARG A 74 17.11 2.47 -17.48
C ARG A 74 16.96 0.95 -17.49
N LYS A 75 15.88 0.45 -16.91
CA LYS A 75 15.62 -1.02 -16.88
C LYS A 75 14.20 -1.30 -17.42
N PRO A 76 14.02 -2.45 -18.08
CA PRO A 76 12.71 -2.83 -18.66
C PRO A 76 11.71 -3.26 -17.57
N CYS A 77 11.10 -2.30 -16.91
CA CYS A 77 10.07 -2.57 -15.85
C CYS A 77 10.57 -3.65 -14.86
N LYS A 78 11.79 -3.53 -14.38
CA LYS A 78 12.33 -4.52 -13.39
C LYS A 78 12.16 -3.93 -11.99
N TYR A 79 11.57 -4.68 -11.09
CA TYR A 79 11.33 -4.17 -9.69
C TYR A 79 12.43 -4.65 -8.74
N LYS A 80 12.67 -3.86 -7.71
CA LYS A 80 13.70 -4.21 -6.69
C LYS A 80 13.00 -4.29 -5.32
N LEU A 81 13.17 -5.39 -4.61
CA LEU A 81 12.50 -5.56 -3.28
C LEU A 81 13.24 -4.74 -2.22
N LYS A 82 12.50 -3.99 -1.43
CA LYS A 82 13.13 -3.14 -0.36
C LYS A 82 12.33 -3.29 0.94
N LYS A 83 13.02 -3.37 2.07
CA LYS A 83 12.32 -3.49 3.39
C LYS A 83 12.57 -2.24 4.22
N SER A 84 11.56 -1.81 4.97
CA SER A 84 11.72 -0.59 5.81
C SER A 84 10.67 -0.58 6.92
N SER A 85 10.64 0.49 7.70
CA SER A 85 9.66 0.60 8.82
C SER A 85 9.23 2.07 8.92
N ASN A 86 7.94 2.33 8.79
CA ASN A 86 7.44 3.74 8.87
C ASN A 86 5.91 3.77 8.91
N ARG A 87 5.35 4.94 9.16
CA ARG A 87 3.86 5.10 9.23
C ARG A 87 3.33 5.38 7.81
N ILE A 88 2.03 5.60 7.68
CA ILE A 88 1.44 5.88 6.33
C ILE A 88 0.14 6.66 6.46
N CYS A 89 -0.08 7.60 5.56
CA CYS A 89 -1.32 8.41 5.56
C CYS A 89 -2.27 7.80 4.52
N ILE A 90 -3.30 7.13 4.98
CA ILE A 90 -4.25 6.45 4.03
C ILE A 90 -5.60 7.18 3.98
N ARG A 91 -6.27 7.14 2.84
CA ARG A 91 -7.61 7.80 2.70
C ARG A 91 -8.69 6.72 2.90
N CYS A 92 -9.59 6.94 3.84
CA CYS A 92 -10.65 5.93 4.14
C CYS A 92 -12.04 6.54 4.02
N GLU A 93 -12.96 5.80 3.44
CA GLU A 93 -14.37 6.27 3.29
C GLU A 93 -15.28 5.05 3.34
N HIS A 94 -16.45 5.18 3.93
CA HIS A 94 -17.39 4.00 4.05
C HIS A 94 -16.67 2.88 4.82
N GLU A 95 -15.73 3.25 5.68
CA GLU A 95 -14.97 2.25 6.51
C GLU A 95 -14.04 1.40 5.63
N LEU A 96 -13.44 1.99 4.60
CA LEU A 96 -12.50 1.21 3.72
C LEU A 96 -11.43 2.14 3.10
N PRO A 97 -10.17 1.74 3.13
CA PRO A 97 -9.06 2.52 2.54
C PRO A 97 -9.03 2.29 1.03
N VAL A 98 -9.34 3.31 0.26
CA VAL A 98 -9.37 3.18 -1.23
C VAL A 98 -8.08 3.71 -1.85
N HIS A 99 -7.37 4.58 -1.16
CA HIS A 99 -6.10 5.15 -1.73
C HIS A 99 -5.17 5.61 -0.60
N PHE A 100 -3.96 5.97 -0.95
CA PHE A 100 -2.96 6.45 0.05
C PHE A 100 -2.66 7.92 -0.21
N ALA A 101 -2.66 8.72 0.84
CA ALA A 101 -2.37 10.18 0.69
C ALA A 101 -0.86 10.38 0.54
N GLY A 102 -0.09 9.74 1.40
CA GLY A 102 1.40 9.87 1.35
C GLY A 102 2.04 8.91 2.36
N VAL A 103 3.26 9.20 2.75
CA VAL A 103 3.98 8.32 3.73
C VAL A 103 4.40 9.16 4.96
N GLY A 104 4.61 8.50 6.07
CA GLY A 104 5.03 9.22 7.32
C GLY A 104 3.91 10.15 7.78
N ILE A 105 3.89 11.36 7.24
CA ILE A 105 2.83 12.35 7.61
C ILE A 105 2.13 12.84 6.33
N CYS A 106 0.91 13.31 6.46
CA CYS A 106 0.14 13.81 5.27
C CYS A 106 0.66 15.21 4.87
N PRO A 107 0.68 15.51 3.58
CA PRO A 107 1.16 16.81 3.08
C PRO A 107 0.09 17.88 3.25
N MET A 1 -9.68 1.51 -10.69
CA MET A 1 -10.70 1.65 -9.62
C MET A 1 -10.03 2.01 -8.29
N GLN A 2 -10.83 2.30 -7.28
CA GLN A 2 -10.27 2.66 -5.94
C GLN A 2 -11.21 2.12 -4.85
N ASP A 3 -11.01 0.89 -4.44
CA ASP A 3 -11.88 0.26 -3.40
C ASP A 3 -11.03 -0.61 -2.47
N TRP A 4 -11.68 -1.25 -1.52
CA TRP A 4 -10.99 -2.15 -0.55
C TRP A 4 -10.16 -3.20 -1.31
N ALA A 5 -10.69 -3.72 -2.39
CA ALA A 5 -9.97 -4.75 -3.21
C ALA A 5 -8.64 -4.17 -3.71
N THR A 6 -8.68 -2.95 -4.20
CA THR A 6 -7.43 -2.29 -4.71
C THR A 6 -6.47 -2.11 -3.55
N PHE A 7 -6.98 -1.67 -2.43
CA PHE A 7 -6.15 -1.47 -1.20
C PHE A 7 -5.56 -2.82 -0.77
N LYS A 8 -6.22 -3.91 -1.10
CA LYS A 8 -5.70 -5.26 -0.73
C LYS A 8 -4.39 -5.52 -1.46
N LYS A 9 -4.37 -5.28 -2.76
CA LYS A 9 -3.11 -5.51 -3.56
C LYS A 9 -2.15 -4.32 -3.37
N LYS A 10 -2.68 -3.17 -3.04
CA LYS A 10 -1.83 -1.95 -2.87
C LYS A 10 -1.16 -1.86 -1.49
N HIS A 11 -1.90 -2.04 -0.42
CA HIS A 11 -1.29 -1.89 0.94
C HIS A 11 -1.36 -3.18 1.77
N LEU A 12 -1.92 -4.25 1.25
CA LEU A 12 -2.00 -5.52 2.05
C LEU A 12 -1.20 -6.65 1.41
N THR A 13 -0.30 -7.23 2.18
CA THR A 13 0.54 -8.37 1.68
C THR A 13 0.50 -9.51 2.71
N ASP A 14 0.81 -10.71 2.29
CA ASP A 14 0.78 -11.88 3.22
C ASP A 14 2.20 -12.42 3.44
N THR A 15 3.20 -11.58 3.28
CA THR A 15 4.62 -12.00 3.49
C THR A 15 5.54 -10.80 3.30
N TRP A 16 6.62 -10.73 4.06
CA TRP A 16 7.58 -9.59 3.94
C TRP A 16 8.33 -9.69 2.62
N ASP A 17 8.58 -10.91 2.17
CA ASP A 17 9.31 -11.12 0.88
C ASP A 17 8.29 -11.24 -0.26
N VAL A 18 8.27 -10.26 -1.15
CA VAL A 18 7.32 -10.29 -2.29
C VAL A 18 8.10 -10.38 -3.60
N ASP A 19 7.43 -10.77 -4.66
CA ASP A 19 8.10 -10.88 -6.00
C ASP A 19 7.50 -9.85 -6.96
N CYS A 20 8.22 -8.79 -7.22
CA CYS A 20 7.73 -7.72 -8.15
C CYS A 20 7.60 -8.28 -9.57
N ASP A 21 8.64 -8.92 -10.06
CA ASP A 21 8.62 -9.50 -11.45
C ASP A 21 7.38 -10.37 -11.66
N ASN A 22 6.83 -10.92 -10.59
CA ASN A 22 5.61 -11.79 -10.69
C ASN A 22 4.38 -10.90 -10.91
N LEU A 23 4.29 -9.83 -10.15
CA LEU A 23 3.12 -8.89 -10.27
C LEU A 23 3.49 -7.68 -11.13
N MET A 24 4.52 -7.81 -11.95
CA MET A 24 4.95 -6.66 -12.81
C MET A 24 4.06 -6.54 -14.08
N PRO A 25 3.87 -7.63 -14.82
CA PRO A 25 3.05 -7.60 -16.07
C PRO A 25 1.55 -7.75 -15.80
N THR A 26 1.08 -7.49 -14.59
CA THR A 26 -0.38 -7.63 -14.30
C THR A 26 -1.12 -6.38 -14.78
N SER A 27 -2.42 -6.36 -14.56
CA SER A 27 -3.26 -5.20 -14.99
C SER A 27 -3.22 -4.11 -13.90
N LEU A 28 -3.05 -4.51 -12.66
CA LEU A 28 -2.98 -3.53 -11.54
C LEU A 28 -1.63 -2.85 -11.58
N PHE A 29 -0.60 -3.62 -11.81
CA PHE A 29 0.78 -3.07 -11.91
C PHE A 29 0.96 -2.53 -13.33
N ASP A 30 0.56 -3.30 -14.32
CA ASP A 30 0.69 -2.85 -15.76
C ASP A 30 2.10 -2.28 -16.00
N CYS A 31 3.10 -2.87 -15.38
CA CYS A 31 4.51 -2.38 -15.54
C CYS A 31 4.58 -0.93 -15.03
N LYS A 32 3.86 -0.66 -13.95
CA LYS A 32 3.83 0.72 -13.35
C LYS A 32 5.20 1.09 -12.77
N ASP A 33 5.27 2.21 -12.11
CA ASP A 33 6.56 2.69 -11.51
C ASP A 33 6.84 2.00 -10.17
N LYS A 34 6.10 2.37 -9.13
CA LYS A 34 6.35 1.77 -7.76
C LYS A 34 5.03 1.39 -7.08
N ASN A 35 5.10 0.47 -6.14
CA ASN A 35 3.89 0.04 -5.36
C ASN A 35 4.35 -0.42 -3.98
N THR A 36 3.93 0.27 -2.93
CA THR A 36 4.37 -0.09 -1.54
C THR A 36 3.29 -0.90 -0.83
N PHE A 37 3.67 -2.04 -0.28
CA PHE A 37 2.71 -2.92 0.47
C PHE A 37 2.95 -2.78 1.98
N ILE A 38 2.06 -3.32 2.78
CA ILE A 38 2.20 -3.25 4.27
C ILE A 38 2.12 -4.67 4.83
N TYR A 39 2.91 -4.96 5.85
CA TYR A 39 2.90 -6.32 6.46
C TYR A 39 1.98 -6.31 7.69
N SER A 40 0.73 -6.69 7.49
CA SER A 40 -0.26 -6.71 8.61
C SER A 40 -1.56 -7.36 8.12
N LEU A 41 -2.48 -7.58 9.03
CA LEU A 41 -3.78 -8.22 8.67
C LEU A 41 -4.85 -7.13 8.41
N PRO A 42 -5.94 -7.51 7.77
CA PRO A 42 -7.04 -6.56 7.46
C PRO A 42 -7.85 -6.24 8.72
N GLY A 43 -7.72 -7.04 9.77
CA GLY A 43 -8.48 -6.80 11.04
C GLY A 43 -7.97 -5.51 11.71
N PRO A 44 -6.69 -5.44 12.03
CA PRO A 44 -6.09 -4.26 12.68
C PRO A 44 -5.93 -3.10 11.70
N VAL A 45 -5.75 -3.39 10.43
CA VAL A 45 -5.60 -2.30 9.41
C VAL A 45 -6.96 -1.63 9.22
N LYS A 46 -7.95 -2.39 8.82
CA LYS A 46 -9.33 -1.83 8.62
C LYS A 46 -9.85 -1.30 9.97
N ALA A 47 -9.33 -1.82 11.07
CA ALA A 47 -9.79 -1.35 12.42
C ALA A 47 -9.57 0.15 12.54
N LEU A 48 -8.46 0.65 12.03
CA LEU A 48 -8.17 2.12 12.09
C LEU A 48 -9.27 2.88 11.35
N CYS A 49 -9.80 2.27 10.31
CA CYS A 49 -10.89 2.91 9.51
C CYS A 49 -12.22 2.84 10.26
N ARG A 50 -12.31 2.01 11.29
CA ARG A 50 -13.58 1.89 12.07
C ARG A 50 -14.00 3.26 12.61
N GLY A 51 -14.88 3.93 11.88
CA GLY A 51 -15.36 5.29 12.31
C GLY A 51 -15.42 6.21 11.10
N VAL A 52 -14.52 6.02 10.15
CA VAL A 52 -14.49 6.88 8.92
C VAL A 52 -15.73 6.60 8.07
N ILE A 53 -16.46 7.65 7.72
CA ILE A 53 -17.69 7.48 6.88
C ILE A 53 -17.47 8.11 5.50
N PHE A 54 -16.78 9.22 5.46
CA PHE A 54 -16.51 9.90 4.15
C PHE A 54 -15.00 9.94 3.92
N SER A 55 -14.59 10.35 2.73
CA SER A 55 -13.14 10.42 2.38
C SER A 55 -12.39 11.28 3.40
N ALA A 56 -11.42 10.70 4.09
CA ALA A 56 -10.63 11.44 5.10
C ALA A 56 -9.24 10.81 5.22
N ASP A 57 -8.25 11.59 5.59
CA ASP A 57 -6.85 11.07 5.72
C ASP A 57 -6.56 10.71 7.19
N VAL A 58 -5.94 9.58 7.41
CA VAL A 58 -5.61 9.14 8.81
C VAL A 58 -4.19 8.57 8.84
N LEU A 59 -3.55 8.58 9.99
CA LEU A 59 -2.17 8.03 10.11
C LEU A 59 -2.21 6.70 10.88
N SER A 60 -1.46 5.72 10.42
CA SER A 60 -1.42 4.38 11.09
C SER A 60 -1.15 4.55 12.59
N ASN A 61 -1.63 3.62 13.40
CA ASN A 61 -1.42 3.69 14.87
C ASN A 61 0.07 3.49 15.18
N SER A 62 0.75 2.72 14.35
CA SER A 62 2.21 2.46 14.56
C SER A 62 2.85 2.04 13.24
N GLU A 63 4.10 2.40 13.04
CA GLU A 63 4.82 2.04 11.77
C GLU A 63 4.86 0.53 11.61
N PHE A 64 4.66 0.05 10.40
CA PHE A 64 4.70 -1.42 10.13
C PHE A 64 5.80 -1.71 9.12
N TYR A 65 6.03 -2.98 8.86
CA TYR A 65 7.06 -3.36 7.86
C TYR A 65 6.51 -3.01 6.48
N LEU A 66 7.34 -2.51 5.60
CA LEU A 66 6.84 -2.11 4.25
C LEU A 66 7.59 -2.87 3.16
N ALA A 67 6.84 -3.54 2.31
CA ALA A 67 7.44 -4.30 1.18
C ALA A 67 7.03 -3.58 -0.10
N GLU A 68 7.92 -2.78 -0.64
CA GLU A 68 7.57 -1.99 -1.87
C GLU A 68 8.30 -2.53 -3.09
N CYS A 69 7.68 -2.35 -4.23
CA CYS A 69 8.26 -2.81 -5.52
C CYS A 69 8.67 -1.57 -6.32
N ASN A 70 9.94 -1.21 -6.28
CA ASN A 70 10.41 0.00 -7.01
C ASN A 70 11.03 -0.39 -8.35
N VAL A 71 10.65 0.29 -9.41
CA VAL A 71 11.18 -0.02 -10.76
C VAL A 71 12.33 0.95 -11.10
N LYS A 72 13.52 0.41 -11.28
CA LYS A 72 14.71 1.27 -11.62
C LYS A 72 14.42 2.04 -12.93
N PRO A 73 14.91 3.28 -13.03
CA PRO A 73 14.69 4.11 -14.22
C PRO A 73 15.64 3.73 -15.37
N ARG A 74 15.21 3.97 -16.59
CA ARG A 74 16.05 3.65 -17.80
C ARG A 74 16.27 2.14 -17.91
N LYS A 75 15.32 1.37 -17.43
CA LYS A 75 15.43 -0.13 -17.49
C LYS A 75 14.11 -0.71 -18.02
N PRO A 76 14.16 -1.89 -18.64
CA PRO A 76 12.97 -2.55 -19.20
C PRO A 76 12.12 -3.19 -18.08
N CYS A 77 11.32 -2.39 -17.42
CA CYS A 77 10.42 -2.89 -16.33
C CYS A 77 11.23 -3.77 -15.34
N LYS A 78 12.30 -3.23 -14.82
CA LYS A 78 13.14 -3.98 -13.83
C LYS A 78 12.73 -3.54 -12.43
N TYR A 79 12.28 -4.48 -11.62
CA TYR A 79 11.80 -4.14 -10.24
C TYR A 79 12.83 -4.56 -9.19
N LYS A 80 12.74 -3.97 -8.01
CA LYS A 80 13.68 -4.30 -6.89
C LYS A 80 12.90 -4.22 -5.57
N LEU A 81 13.01 -5.23 -4.75
CA LEU A 81 12.27 -5.26 -3.44
C LEU A 81 12.98 -4.37 -2.42
N LYS A 82 12.23 -3.54 -1.73
CA LYS A 82 12.83 -2.64 -0.69
C LYS A 82 12.03 -2.77 0.61
N LYS A 83 12.70 -3.14 1.69
CA LYS A 83 12.01 -3.32 3.00
C LYS A 83 12.23 -2.06 3.86
N SER A 84 11.23 -1.71 4.65
CA SER A 84 11.35 -0.49 5.52
C SER A 84 10.36 -0.57 6.68
N SER A 85 10.36 0.43 7.54
CA SER A 85 9.42 0.48 8.70
C SER A 85 9.00 1.93 8.93
N ASN A 86 7.73 2.23 8.73
CA ASN A 86 7.25 3.64 8.92
C ASN A 86 5.72 3.68 8.96
N ARG A 87 5.17 4.81 9.37
CA ARG A 87 3.68 4.97 9.43
C ARG A 87 3.16 5.28 8.03
N ILE A 88 1.87 5.56 7.90
CA ILE A 88 1.30 5.85 6.55
C ILE A 88 0.03 6.70 6.68
N CYS A 89 -0.09 7.70 5.83
CA CYS A 89 -1.29 8.58 5.81
C CYS A 89 -2.21 8.06 4.70
N ILE A 90 -3.24 7.32 5.07
CA ILE A 90 -4.16 6.71 4.06
C ILE A 90 -5.51 7.45 4.01
N ARG A 91 -6.19 7.38 2.88
CA ARG A 91 -7.52 8.04 2.72
C ARG A 91 -8.58 6.96 2.96
N CYS A 92 -9.48 7.18 3.89
CA CYS A 92 -10.53 6.16 4.20
C CYS A 92 -11.94 6.73 4.06
N GLU A 93 -12.86 5.91 3.59
CA GLU A 93 -14.28 6.31 3.44
C GLU A 93 -15.14 5.05 3.62
N HIS A 94 -16.26 5.17 4.29
CA HIS A 94 -17.13 3.99 4.56
C HIS A 94 -16.32 2.96 5.37
N GLU A 95 -15.27 3.41 6.05
CA GLU A 95 -14.39 2.51 6.86
C GLU A 95 -13.49 1.68 5.92
N LEU A 96 -13.24 2.18 4.71
CA LEU A 96 -12.38 1.45 3.73
C LEU A 96 -11.26 2.38 3.21
N PRO A 97 -9.99 2.02 3.43
CA PRO A 97 -8.85 2.80 2.91
C PRO A 97 -8.71 2.49 1.42
N VAL A 98 -9.07 3.43 0.58
CA VAL A 98 -9.02 3.19 -0.90
C VAL A 98 -7.83 3.91 -1.55
N HIS A 99 -7.31 4.94 -0.92
CA HIS A 99 -6.16 5.68 -1.54
C HIS A 99 -5.11 6.03 -0.49
N PHE A 100 -3.93 6.40 -0.95
CA PHE A 100 -2.82 6.76 -0.03
C PHE A 100 -2.58 8.28 -0.10
N ALA A 101 -2.65 8.95 1.03
CA ALA A 101 -2.43 10.43 1.07
C ALA A 101 -0.93 10.73 1.07
N GLY A 102 -0.20 10.11 1.97
CA GLY A 102 1.27 10.35 2.06
C GLY A 102 1.93 9.27 2.92
N VAL A 103 3.09 9.58 3.47
CA VAL A 103 3.84 8.60 4.31
C VAL A 103 4.27 9.27 5.63
N GLY A 104 4.37 8.50 6.69
CA GLY A 104 4.80 9.04 8.02
C GLY A 104 3.77 10.04 8.54
N ILE A 105 3.84 11.26 8.07
CA ILE A 105 2.88 12.32 8.54
C ILE A 105 2.19 12.96 7.33
N CYS A 106 1.06 13.61 7.56
CA CYS A 106 0.30 14.29 6.46
C CYS A 106 0.43 15.82 6.60
N PRO A 107 0.09 16.56 5.55
CA PRO A 107 0.17 18.03 5.56
C PRO A 107 -1.05 18.63 6.27
N MET A 1 -11.73 4.35 -10.04
CA MET A 1 -12.47 3.43 -9.13
C MET A 1 -11.48 2.68 -8.25
N GLN A 2 -11.67 2.72 -6.95
CA GLN A 2 -10.74 2.01 -6.01
C GLN A 2 -11.42 1.77 -4.67
N ASP A 3 -11.20 0.60 -4.09
CA ASP A 3 -11.82 0.26 -2.77
C ASP A 3 -10.76 -0.42 -1.89
N TRP A 4 -11.19 -0.99 -0.77
CA TRP A 4 -10.23 -1.68 0.14
C TRP A 4 -9.50 -2.80 -0.62
N ALA A 5 -10.18 -3.39 -1.59
CA ALA A 5 -9.56 -4.48 -2.40
C ALA A 5 -8.40 -3.91 -3.22
N THR A 6 -8.49 -2.65 -3.60
CA THR A 6 -7.41 -1.99 -4.39
C THR A 6 -6.21 -1.78 -3.47
N PHE A 7 -6.47 -1.20 -2.32
CA PHE A 7 -5.39 -0.97 -1.31
C PHE A 7 -4.82 -2.33 -0.87
N LYS A 8 -5.60 -3.39 -1.06
CA LYS A 8 -5.13 -4.76 -0.69
C LYS A 8 -3.98 -5.17 -1.61
N LYS A 9 -4.18 -5.04 -2.90
CA LYS A 9 -3.11 -5.41 -3.88
C LYS A 9 -2.09 -4.27 -3.98
N LYS A 10 -2.50 -3.07 -3.63
CA LYS A 10 -1.59 -1.88 -3.73
C LYS A 10 -0.67 -1.76 -2.51
N HIS A 11 -1.23 -1.72 -1.31
CA HIS A 11 -0.38 -1.53 -0.09
C HIS A 11 -0.51 -2.67 0.93
N LEU A 12 -1.13 -3.79 0.60
CA LEU A 12 -1.25 -4.90 1.60
C LEU A 12 -0.55 -6.16 1.08
N THR A 13 0.21 -6.80 1.94
CA THR A 13 0.94 -8.05 1.57
C THR A 13 1.02 -8.97 2.78
N ASP A 14 1.26 -10.24 2.57
CA ASP A 14 1.35 -11.21 3.71
C ASP A 14 2.77 -11.78 3.81
N THR A 15 3.76 -11.05 3.32
CA THR A 15 5.18 -11.52 3.38
C THR A 15 6.11 -10.32 3.22
N TRP A 16 7.21 -10.31 3.96
CA TRP A 16 8.20 -9.20 3.86
C TRP A 16 8.83 -9.23 2.47
N ASP A 17 8.97 -10.42 1.91
CA ASP A 17 9.54 -10.56 0.55
C ASP A 17 8.40 -10.70 -0.46
N VAL A 18 8.19 -9.70 -1.29
CA VAL A 18 7.07 -9.74 -2.28
C VAL A 18 7.60 -10.16 -3.67
N ASP A 19 6.70 -10.64 -4.49
CA ASP A 19 7.07 -11.07 -5.88
C ASP A 19 6.59 -10.00 -6.86
N CYS A 20 7.47 -9.10 -7.22
CA CYS A 20 7.12 -8.00 -8.16
C CYS A 20 7.32 -8.45 -9.61
N ASP A 21 8.36 -9.20 -9.86
CA ASP A 21 8.63 -9.72 -11.25
C ASP A 21 7.41 -10.48 -11.77
N ASN A 22 6.61 -11.01 -10.87
CA ASN A 22 5.39 -11.79 -11.29
C ASN A 22 4.21 -10.82 -11.46
N LEU A 23 4.08 -9.87 -10.56
CA LEU A 23 2.96 -8.88 -10.62
C LEU A 23 3.34 -7.69 -11.52
N MET A 24 4.43 -7.77 -12.24
CA MET A 24 4.87 -6.64 -13.12
C MET A 24 3.98 -6.61 -14.40
N PRO A 25 3.86 -7.72 -15.10
CA PRO A 25 3.04 -7.77 -16.35
C PRO A 25 1.54 -8.01 -16.07
N THR A 26 1.06 -7.67 -14.87
CA THR A 26 -0.40 -7.89 -14.57
C THR A 26 -1.22 -6.70 -15.08
N SER A 27 -2.51 -6.77 -14.90
CA SER A 27 -3.42 -5.68 -15.36
C SER A 27 -3.52 -4.58 -14.29
N LEU A 28 -3.28 -4.94 -13.04
CA LEU A 28 -3.36 -3.94 -11.93
C LEU A 28 -2.09 -3.09 -11.95
N PHE A 29 -0.97 -3.74 -12.15
CA PHE A 29 0.33 -3.02 -12.21
C PHE A 29 0.61 -2.62 -13.65
N ASP A 30 0.36 -3.55 -14.58
CA ASP A 30 0.59 -3.27 -16.05
C ASP A 30 1.92 -2.51 -16.26
N CYS A 31 3.00 -3.06 -15.73
CA CYS A 31 4.34 -2.40 -15.85
C CYS A 31 4.29 -1.04 -15.13
N LYS A 32 3.97 -1.08 -13.85
CA LYS A 32 3.87 0.17 -13.03
C LYS A 32 5.26 0.70 -12.69
N ASP A 33 5.32 1.88 -12.11
CA ASP A 33 6.62 2.51 -11.73
C ASP A 33 7.12 1.92 -10.40
N LYS A 34 6.39 2.15 -9.33
CA LYS A 34 6.80 1.63 -7.99
C LYS A 34 5.55 1.41 -7.13
N ASN A 35 5.69 0.61 -6.09
CA ASN A 35 4.53 0.33 -5.19
C ASN A 35 5.04 -0.02 -3.79
N THR A 36 4.46 0.57 -2.76
CA THR A 36 4.88 0.29 -1.36
C THR A 36 3.85 -0.64 -0.71
N PHE A 37 4.30 -1.76 -0.18
CA PHE A 37 3.36 -2.73 0.46
C PHE A 37 3.56 -2.71 1.98
N ILE A 38 2.53 -3.06 2.71
CA ILE A 38 2.59 -3.09 4.21
C ILE A 38 2.57 -4.53 4.69
N TYR A 39 3.31 -4.83 5.74
CA TYR A 39 3.34 -6.22 6.30
C TYR A 39 2.34 -6.31 7.47
N SER A 40 1.08 -6.13 7.17
CA SER A 40 0.02 -6.18 8.22
C SER A 40 -1.20 -6.95 7.69
N LEU A 41 -2.20 -7.13 8.52
CA LEU A 41 -3.42 -7.87 8.10
C LEU A 41 -4.57 -6.88 7.86
N PRO A 42 -5.53 -7.27 7.02
CA PRO A 42 -6.70 -6.41 6.69
C PRO A 42 -7.71 -6.38 7.84
N GLY A 43 -7.59 -7.28 8.80
CA GLY A 43 -8.54 -7.31 9.96
C GLY A 43 -8.28 -6.12 10.89
N PRO A 44 -7.05 -6.00 11.40
CA PRO A 44 -6.68 -4.91 12.32
C PRO A 44 -6.47 -3.60 11.57
N VAL A 45 -6.10 -3.67 10.30
CA VAL A 45 -5.89 -2.42 9.50
C VAL A 45 -7.26 -1.81 9.19
N LYS A 46 -8.13 -2.60 8.61
CA LYS A 46 -9.51 -2.12 8.28
C LYS A 46 -10.22 -1.76 9.58
N ALA A 47 -9.85 -2.40 10.68
CA ALA A 47 -10.49 -2.11 12.00
C ALA A 47 -10.30 -0.63 12.36
N LEU A 48 -9.16 -0.07 12.00
CA LEU A 48 -8.88 1.38 12.30
C LEU A 48 -9.98 2.26 11.70
N CYS A 49 -10.44 1.89 10.52
CA CYS A 49 -11.51 2.68 9.83
C CYS A 49 -12.90 2.34 10.39
N ARG A 50 -12.98 1.33 11.24
CA ARG A 50 -14.30 0.92 11.82
C ARG A 50 -14.88 2.10 12.62
N GLY A 51 -15.66 2.94 11.96
CA GLY A 51 -16.27 4.13 12.65
C GLY A 51 -16.36 5.30 11.68
N VAL A 52 -15.46 5.37 10.72
CA VAL A 52 -15.47 6.50 9.73
C VAL A 52 -16.60 6.30 8.72
N ILE A 53 -17.15 7.39 8.20
CA ILE A 53 -18.25 7.31 7.20
C ILE A 53 -17.96 8.26 6.03
N PHE A 54 -17.47 9.44 6.32
CA PHE A 54 -17.16 10.43 5.24
C PHE A 54 -15.66 10.35 4.90
N SER A 55 -15.25 11.03 3.84
CA SER A 55 -13.82 11.01 3.42
C SER A 55 -12.97 11.89 4.33
N ALA A 56 -11.98 11.30 4.96
CA ALA A 56 -11.06 12.07 5.86
C ALA A 56 -9.67 11.44 5.79
N ASP A 57 -8.65 12.13 6.26
CA ASP A 57 -7.26 11.56 6.20
C ASP A 57 -6.91 10.93 7.55
N VAL A 58 -6.37 9.73 7.51
CA VAL A 58 -5.99 9.00 8.76
C VAL A 58 -4.52 8.57 8.69
N LEU A 59 -3.94 8.29 9.84
CA LEU A 59 -2.52 7.85 9.91
C LEU A 59 -2.48 6.50 10.65
N SER A 60 -1.63 5.59 10.21
CA SER A 60 -1.53 4.25 10.86
C SER A 60 -1.38 4.40 12.39
N ASN A 61 -1.85 3.43 13.13
CA ASN A 61 -1.76 3.47 14.62
C ASN A 61 -0.31 3.25 15.05
N SER A 62 0.43 2.49 14.27
CA SER A 62 1.87 2.22 14.60
C SER A 62 2.65 1.94 13.31
N GLU A 63 3.94 2.18 13.33
CA GLU A 63 4.80 1.95 12.12
C GLU A 63 4.89 0.45 11.83
N PHE A 64 4.74 0.07 10.59
CA PHE A 64 4.83 -1.37 10.19
C PHE A 64 5.99 -1.56 9.22
N TYR A 65 6.27 -2.80 8.88
CA TYR A 65 7.35 -3.09 7.90
C TYR A 65 6.81 -2.79 6.52
N LEU A 66 7.64 -2.30 5.62
CA LEU A 66 7.14 -1.93 4.26
C LEU A 66 8.02 -2.56 3.17
N ALA A 67 7.45 -3.45 2.40
CA ALA A 67 8.19 -4.08 1.27
C ALA A 67 7.73 -3.40 -0.02
N GLU A 68 8.51 -2.48 -0.52
CA GLU A 68 8.11 -1.73 -1.76
C GLU A 68 8.87 -2.26 -2.97
N CYS A 69 8.54 -1.74 -4.13
CA CYS A 69 9.22 -2.16 -5.39
C CYS A 69 9.39 -0.94 -6.28
N ASN A 70 10.53 -0.84 -6.92
CA ASN A 70 10.80 0.31 -7.83
C ASN A 70 11.51 -0.21 -9.07
N VAL A 71 11.00 0.10 -10.24
CA VAL A 71 11.65 -0.40 -11.49
C VAL A 71 13.02 0.25 -11.63
N LYS A 72 14.06 -0.55 -11.62
CA LYS A 72 15.47 -0.03 -11.74
C LYS A 72 15.57 0.96 -12.92
N PRO A 73 16.56 1.85 -12.86
CA PRO A 73 16.78 2.85 -13.93
C PRO A 73 17.48 2.19 -15.12
N ARG A 74 17.15 2.61 -16.32
CA ARG A 74 17.76 2.02 -17.55
C ARG A 74 17.44 0.53 -17.62
N LYS A 75 16.36 0.12 -16.96
CA LYS A 75 15.94 -1.32 -16.99
C LYS A 75 14.44 -1.38 -17.35
N PRO A 76 14.07 -2.20 -18.33
CA PRO A 76 12.67 -2.32 -18.77
C PRO A 76 11.78 -3.08 -17.77
N CYS A 77 10.99 -2.35 -17.01
CA CYS A 77 10.03 -2.96 -16.03
C CYS A 77 10.70 -4.01 -15.12
N LYS A 78 11.93 -3.77 -14.70
CA LYS A 78 12.62 -4.74 -13.77
C LYS A 78 12.44 -4.21 -12.36
N TYR A 79 11.77 -4.96 -11.50
CA TYR A 79 11.49 -4.46 -10.11
C TYR A 79 12.58 -4.88 -9.10
N LYS A 80 12.84 -4.00 -8.17
CA LYS A 80 13.84 -4.25 -7.09
C LYS A 80 13.10 -4.16 -5.75
N LEU A 81 13.43 -5.01 -4.80
CA LEU A 81 12.73 -4.99 -3.49
C LEU A 81 13.48 -4.10 -2.48
N LYS A 82 12.74 -3.35 -1.70
CA LYS A 82 13.35 -2.46 -0.66
C LYS A 82 12.48 -2.53 0.59
N LYS A 83 13.09 -2.54 1.76
CA LYS A 83 12.31 -2.63 3.04
C LYS A 83 12.33 -1.30 3.78
N SER A 84 11.38 -1.09 4.65
CA SER A 84 11.30 0.18 5.45
C SER A 84 10.41 -0.05 6.68
N SER A 85 10.34 0.93 7.56
CA SER A 85 9.51 0.79 8.81
C SER A 85 9.01 2.18 9.23
N ASN A 86 7.72 2.43 9.05
CA ASN A 86 7.14 3.76 9.44
C ASN A 86 5.63 3.74 9.30
N ARG A 87 4.99 4.85 9.62
CA ARG A 87 3.49 4.95 9.53
C ARG A 87 3.09 5.30 8.09
N ILE A 88 1.80 5.54 7.87
CA ILE A 88 1.33 5.88 6.49
C ILE A 88 0.06 6.73 6.56
N CYS A 89 -0.15 7.57 5.57
CA CYS A 89 -1.36 8.45 5.53
C CYS A 89 -2.35 7.91 4.49
N ILE A 90 -3.57 7.64 4.90
CA ILE A 90 -4.60 7.09 3.95
C ILE A 90 -5.93 7.84 4.16
N ARG A 91 -6.73 7.94 3.13
CA ARG A 91 -8.06 8.62 3.25
C ARG A 91 -9.12 7.54 3.49
N CYS A 92 -10.01 7.76 4.42
CA CYS A 92 -11.04 6.71 4.73
C CYS A 92 -12.47 7.25 4.63
N GLU A 93 -13.37 6.40 4.19
CA GLU A 93 -14.81 6.75 4.08
C GLU A 93 -15.61 5.45 4.02
N HIS A 94 -16.69 5.36 4.77
CA HIS A 94 -17.53 4.12 4.81
C HIS A 94 -16.69 3.01 5.48
N GLU A 95 -15.84 3.40 6.41
CA GLU A 95 -14.96 2.41 7.11
C GLU A 95 -14.05 1.76 6.07
N LEU A 96 -13.68 2.50 5.04
CA LEU A 96 -12.82 1.96 3.95
C LEU A 96 -11.67 2.93 3.61
N PRO A 97 -10.46 2.64 4.08
CA PRO A 97 -9.27 3.47 3.76
C PRO A 97 -8.84 3.06 2.35
N VAL A 98 -9.26 3.81 1.36
CA VAL A 98 -8.99 3.43 -0.06
C VAL A 98 -8.02 4.39 -0.77
N HIS A 99 -7.69 5.52 -0.18
CA HIS A 99 -6.79 6.50 -0.88
C HIS A 99 -5.44 6.64 -0.19
N PHE A 100 -4.38 6.22 -0.86
CA PHE A 100 -3.00 6.34 -0.30
C PHE A 100 -2.60 7.82 -0.35
N ALA A 101 -2.80 8.53 0.75
CA ALA A 101 -2.45 9.99 0.80
C ALA A 101 -0.95 10.17 0.73
N GLY A 102 -0.21 9.32 1.40
CA GLY A 102 1.28 9.41 1.39
C GLY A 102 1.86 8.49 2.46
N VAL A 103 3.08 8.77 2.89
CA VAL A 103 3.75 7.93 3.92
C VAL A 103 4.21 8.80 5.09
N GLY A 104 4.45 8.17 6.24
CA GLY A 104 4.91 8.92 7.45
C GLY A 104 3.79 9.83 7.96
N ILE A 105 3.99 11.13 7.87
CA ILE A 105 2.96 12.11 8.35
C ILE A 105 2.35 12.83 7.15
N CYS A 106 1.10 13.22 7.26
CA CYS A 106 0.41 13.95 6.15
C CYS A 106 0.70 15.46 6.26
N PRO A 107 0.68 16.16 5.14
CA PRO A 107 0.95 17.61 5.11
C PRO A 107 -0.30 18.39 5.54
N MET A 1 -10.59 0.34 -10.70
CA MET A 1 -11.42 0.64 -9.51
C MET A 1 -10.53 1.03 -8.32
N GLN A 2 -11.00 1.91 -7.48
CA GLN A 2 -10.20 2.36 -6.29
C GLN A 2 -10.96 2.01 -5.01
N ASP A 3 -10.75 0.81 -4.50
CA ASP A 3 -11.45 0.37 -3.25
C ASP A 3 -10.49 -0.47 -2.40
N TRP A 4 -11.00 -1.08 -1.34
CA TRP A 4 -10.15 -1.93 -0.44
C TRP A 4 -9.37 -2.95 -1.27
N ALA A 5 -10.08 -3.79 -2.00
CA ALA A 5 -9.44 -4.86 -2.86
C ALA A 5 -8.20 -4.33 -3.60
N THR A 6 -8.29 -3.13 -4.12
CA THR A 6 -7.13 -2.53 -4.86
C THR A 6 -6.05 -2.15 -3.85
N PHE A 7 -6.45 -1.48 -2.79
CA PHE A 7 -5.50 -1.04 -1.73
C PHE A 7 -4.87 -2.28 -1.07
N LYS A 8 -5.57 -3.41 -1.08
CA LYS A 8 -5.03 -4.65 -0.46
C LYS A 8 -3.84 -5.13 -1.29
N LYS A 9 -4.01 -5.20 -2.59
CA LYS A 9 -2.91 -5.66 -3.50
C LYS A 9 -1.88 -4.54 -3.65
N LYS A 10 -2.29 -3.31 -3.44
CA LYS A 10 -1.36 -2.14 -3.61
C LYS A 10 -0.52 -1.85 -2.35
N HIS A 11 -1.15 -1.71 -1.20
CA HIS A 11 -0.38 -1.33 0.04
C HIS A 11 -0.44 -2.42 1.13
N LEU A 12 -0.89 -3.61 0.83
CA LEU A 12 -0.95 -4.67 1.90
C LEU A 12 -0.46 -6.02 1.39
N THR A 13 0.14 -6.79 2.27
CA THR A 13 0.65 -8.15 1.90
C THR A 13 0.62 -9.04 3.15
N ASP A 14 0.72 -10.35 2.96
CA ASP A 14 0.70 -11.30 4.11
C ASP A 14 2.09 -11.93 4.29
N THR A 15 3.11 -11.24 3.84
CA THR A 15 4.51 -11.76 3.97
C THR A 15 5.49 -10.63 3.63
N TRP A 16 6.72 -10.74 4.08
CA TRP A 16 7.74 -9.68 3.79
C TRP A 16 8.11 -9.75 2.31
N ASP A 17 8.15 -10.95 1.76
CA ASP A 17 8.49 -11.12 0.31
C ASP A 17 7.23 -10.88 -0.53
N VAL A 18 7.32 -9.97 -1.48
CA VAL A 18 6.14 -9.66 -2.34
C VAL A 18 6.44 -10.03 -3.80
N ASP A 19 5.41 -10.39 -4.53
CA ASP A 19 5.59 -10.76 -5.98
C ASP A 19 5.29 -9.54 -6.84
N CYS A 20 6.33 -8.84 -7.25
CA CYS A 20 6.18 -7.60 -8.08
C CYS A 20 6.37 -7.92 -9.57
N ASP A 21 7.31 -8.78 -9.87
CA ASP A 21 7.60 -9.14 -11.30
C ASP A 21 6.43 -9.90 -11.95
N ASN A 22 5.51 -10.42 -11.15
CA ASN A 22 4.36 -11.20 -11.72
C ASN A 22 3.11 -10.32 -11.83
N LEU A 23 2.87 -9.50 -10.82
CA LEU A 23 1.66 -8.61 -10.82
C LEU A 23 1.94 -7.30 -11.58
N MET A 24 3.20 -6.90 -11.64
CA MET A 24 3.57 -5.63 -12.33
C MET A 24 3.08 -5.61 -13.81
N PRO A 25 3.34 -6.67 -14.58
CA PRO A 25 2.92 -6.71 -16.00
C PRO A 25 1.42 -7.01 -16.16
N THR A 26 0.69 -7.16 -15.07
CA THR A 26 -0.78 -7.45 -15.18
C THR A 26 -1.55 -6.15 -15.36
N SER A 27 -2.86 -6.24 -15.42
CA SER A 27 -3.72 -5.02 -15.60
C SER A 27 -3.95 -4.33 -14.25
N LEU A 28 -3.60 -4.99 -13.15
CA LEU A 28 -3.80 -4.39 -11.79
C LEU A 28 -2.69 -3.36 -11.53
N PHE A 29 -1.51 -3.62 -12.06
CA PHE A 29 -0.37 -2.69 -11.86
C PHE A 29 -0.01 -2.02 -13.19
N ASP A 30 -0.22 -2.73 -14.29
CA ASP A 30 0.09 -2.16 -15.65
C ASP A 30 1.51 -1.55 -15.66
N CYS A 31 2.43 -2.17 -14.95
CA CYS A 31 3.84 -1.66 -14.89
C CYS A 31 3.85 -0.29 -14.18
N LYS A 32 3.69 -0.30 -12.88
CA LYS A 32 3.68 0.96 -12.08
C LYS A 32 5.11 1.44 -11.84
N ASP A 33 5.26 2.66 -11.34
CA ASP A 33 6.63 3.24 -11.08
C ASP A 33 7.18 2.71 -9.74
N LYS A 34 6.48 2.99 -8.66
CA LYS A 34 6.94 2.52 -7.30
C LYS A 34 5.73 2.27 -6.39
N ASN A 35 5.85 1.32 -5.49
CA ASN A 35 4.73 1.00 -4.55
C ASN A 35 5.28 0.64 -3.17
N THR A 36 4.56 0.98 -2.13
CA THR A 36 4.99 0.66 -0.73
C THR A 36 3.92 -0.23 -0.09
N PHE A 37 4.29 -1.43 0.31
CA PHE A 37 3.30 -2.37 0.94
C PHE A 37 3.45 -2.34 2.46
N ILE A 38 2.48 -2.89 3.16
CA ILE A 38 2.51 -2.94 4.65
C ILE A 38 2.50 -4.41 5.08
N TYR A 39 3.34 -4.77 6.02
CA TYR A 39 3.39 -6.18 6.52
C TYR A 39 2.53 -6.30 7.78
N SER A 40 1.23 -6.21 7.61
CA SER A 40 0.30 -6.30 8.78
C SER A 40 -0.96 -7.07 8.37
N LEU A 41 -1.83 -7.33 9.33
CA LEU A 41 -3.09 -8.07 9.05
C LEU A 41 -4.18 -7.08 8.59
N PRO A 42 -5.09 -7.52 7.74
CA PRO A 42 -6.19 -6.66 7.23
C PRO A 42 -7.29 -6.50 8.31
N GLY A 43 -7.24 -7.29 9.36
CA GLY A 43 -8.25 -7.21 10.46
C GLY A 43 -8.02 -5.92 11.28
N PRO A 44 -6.82 -5.77 11.85
CA PRO A 44 -6.49 -4.58 12.66
C PRO A 44 -6.27 -3.35 11.78
N VAL A 45 -5.84 -3.56 10.55
CA VAL A 45 -5.63 -2.40 9.62
C VAL A 45 -7.00 -1.88 9.21
N LYS A 46 -7.88 -2.78 8.82
CA LYS A 46 -9.27 -2.38 8.43
C LYS A 46 -10.01 -1.89 9.67
N ALA A 47 -9.60 -2.33 10.85
CA ALA A 47 -10.26 -1.89 12.12
C ALA A 47 -10.15 -0.37 12.24
N LEU A 48 -9.08 0.20 11.73
CA LEU A 48 -8.87 1.68 11.81
C LEU A 48 -9.98 2.38 11.03
N CYS A 49 -10.43 1.78 9.96
CA CYS A 49 -11.51 2.38 9.12
C CYS A 49 -12.89 2.12 9.73
N ARG A 50 -13.00 1.13 10.60
CA ARG A 50 -14.32 0.81 11.24
C ARG A 50 -14.88 2.06 11.95
N GLY A 51 -15.69 2.82 11.24
CA GLY A 51 -16.29 4.06 11.84
C GLY A 51 -16.25 5.22 10.84
N VAL A 52 -15.32 5.18 9.90
CA VAL A 52 -15.22 6.27 8.88
C VAL A 52 -16.29 6.08 7.79
N ILE A 53 -17.02 7.13 7.47
CA ILE A 53 -18.10 7.05 6.43
C ILE A 53 -17.69 7.86 5.19
N PHE A 54 -17.08 8.99 5.40
CA PHE A 54 -16.64 9.86 4.25
C PHE A 54 -15.12 9.83 4.14
N SER A 55 -14.59 10.47 3.11
CA SER A 55 -13.11 10.50 2.90
C SER A 55 -12.41 11.11 4.11
N ALA A 56 -11.47 10.39 4.66
CA ALA A 56 -10.70 10.88 5.86
C ALA A 56 -9.26 10.36 5.74
N ASP A 57 -8.32 11.05 6.34
CA ASP A 57 -6.89 10.61 6.25
C ASP A 57 -6.52 9.81 7.50
N VAL A 58 -6.18 8.55 7.31
CA VAL A 58 -5.80 7.68 8.48
C VAL A 58 -4.28 7.48 8.49
N LEU A 59 -3.64 7.86 9.58
CA LEU A 59 -2.16 7.70 9.70
C LEU A 59 -1.88 6.55 10.67
N SER A 60 -0.99 5.64 10.29
CA SER A 60 -0.65 4.48 11.18
C SER A 60 -0.26 4.96 12.57
N ASN A 61 -0.80 4.33 13.60
CA ASN A 61 -0.47 4.73 15.00
C ASN A 61 0.99 4.40 15.29
N SER A 62 1.49 3.33 14.69
CA SER A 62 2.91 2.92 14.90
C SER A 62 3.51 2.45 13.57
N GLU A 63 4.75 2.81 13.33
CA GLU A 63 5.44 2.40 12.06
C GLU A 63 5.50 0.89 11.94
N PHE A 64 5.26 0.36 10.76
CA PHE A 64 5.29 -1.12 10.54
C PHE A 64 6.34 -1.44 9.48
N TYR A 65 6.54 -2.71 9.22
CA TYR A 65 7.53 -3.12 8.17
C TYR A 65 6.93 -2.74 6.82
N LEU A 66 7.74 -2.31 5.89
CA LEU A 66 7.21 -1.89 4.56
C LEU A 66 7.96 -2.59 3.43
N ALA A 67 7.25 -3.30 2.59
CA ALA A 67 7.86 -4.00 1.42
C ALA A 67 7.56 -3.16 0.18
N GLU A 68 8.49 -2.31 -0.20
CA GLU A 68 8.26 -1.42 -1.40
C GLU A 68 8.93 -1.98 -2.63
N CYS A 69 8.40 -1.62 -3.77
CA CYS A 69 8.96 -2.09 -5.08
C CYS A 69 9.32 -0.89 -5.93
N ASN A 70 10.61 -0.68 -6.15
CA ASN A 70 11.07 0.49 -6.98
C ASN A 70 11.47 0.01 -8.37
N VAL A 71 10.98 0.67 -9.40
CA VAL A 71 11.34 0.28 -10.80
C VAL A 71 12.82 0.58 -11.02
N LYS A 72 13.61 -0.46 -11.26
CA LYS A 72 15.08 -0.27 -11.49
C LYS A 72 15.32 0.59 -12.75
N PRO A 73 16.34 1.45 -12.72
CA PRO A 73 16.66 2.31 -13.87
C PRO A 73 17.46 1.53 -14.92
N ARG A 74 17.44 1.99 -16.15
CA ARG A 74 18.17 1.28 -17.26
C ARG A 74 17.63 -0.14 -17.39
N LYS A 75 16.38 -0.34 -17.02
CA LYS A 75 15.75 -1.69 -17.12
C LYS A 75 14.26 -1.52 -17.49
N PRO A 76 13.79 -2.25 -18.51
CA PRO A 76 12.38 -2.14 -18.97
C PRO A 76 11.43 -2.92 -18.04
N CYS A 77 10.54 -2.20 -17.37
CA CYS A 77 9.54 -2.84 -16.45
C CYS A 77 10.19 -3.90 -15.55
N LYS A 78 10.86 -3.46 -14.50
CA LYS A 78 11.52 -4.39 -13.54
C LYS A 78 11.44 -3.80 -12.14
N TYR A 79 10.93 -4.55 -11.18
CA TYR A 79 10.77 -4.03 -9.79
C TYR A 79 11.92 -4.50 -8.89
N LYS A 80 12.15 -3.78 -7.82
CA LYS A 80 13.23 -4.12 -6.84
C LYS A 80 12.63 -4.08 -5.43
N LEU A 81 12.76 -5.16 -4.68
CA LEU A 81 12.18 -5.21 -3.30
C LEU A 81 13.08 -4.48 -2.29
N LYS A 82 12.46 -3.76 -1.36
CA LYS A 82 13.22 -3.01 -0.32
C LYS A 82 12.41 -3.05 0.98
N LYS A 83 13.08 -3.11 2.11
CA LYS A 83 12.35 -3.16 3.42
C LYS A 83 12.68 -1.91 4.26
N SER A 84 11.68 -1.37 4.94
CA SER A 84 11.89 -0.16 5.80
C SER A 84 10.75 -0.04 6.80
N SER A 85 11.02 0.55 7.95
CA SER A 85 9.97 0.74 9.00
C SER A 85 9.54 2.20 9.00
N ASN A 86 8.25 2.46 8.85
CA ASN A 86 7.74 3.87 8.83
C ASN A 86 6.21 3.87 8.89
N ARG A 87 5.63 5.04 9.09
CA ARG A 87 4.13 5.16 9.18
C ARG A 87 3.58 5.40 7.77
N ILE A 88 2.26 5.41 7.64
CA ILE A 88 1.64 5.63 6.29
C ILE A 88 0.32 6.38 6.44
N CYS A 89 0.08 7.32 5.56
CA CYS A 89 -1.19 8.11 5.58
C CYS A 89 -2.07 7.68 4.41
N ILE A 90 -3.26 7.20 4.70
CA ILE A 90 -4.17 6.73 3.61
C ILE A 90 -5.53 7.44 3.70
N ARG A 91 -6.30 7.39 2.63
CA ARG A 91 -7.64 8.04 2.62
C ARG A 91 -8.70 6.95 2.76
N CYS A 92 -9.51 7.03 3.80
CA CYS A 92 -10.55 5.99 4.04
C CYS A 92 -11.96 6.59 3.95
N GLU A 93 -12.87 5.84 3.39
CA GLU A 93 -14.30 6.28 3.27
C GLU A 93 -15.17 5.03 3.19
N HIS A 94 -16.38 5.10 3.70
CA HIS A 94 -17.29 3.90 3.69
C HIS A 94 -16.61 2.75 4.45
N GLU A 95 -15.66 3.07 5.32
CA GLU A 95 -14.92 2.02 6.12
C GLU A 95 -13.93 1.24 5.23
N LEU A 96 -13.28 1.91 4.30
CA LEU A 96 -12.28 1.21 3.42
C LEU A 96 -11.28 2.23 2.81
N PRO A 97 -9.98 1.95 2.89
CA PRO A 97 -8.94 2.84 2.32
C PRO A 97 -8.87 2.62 0.81
N VAL A 98 -9.23 3.62 0.05
CA VAL A 98 -9.22 3.52 -1.44
C VAL A 98 -8.01 4.24 -2.03
N HIS A 99 -7.46 5.20 -1.31
CA HIS A 99 -6.29 5.97 -1.83
C HIS A 99 -5.21 6.11 -0.76
N PHE A 100 -4.06 6.62 -1.15
CA PHE A 100 -2.92 6.82 -0.20
C PHE A 100 -2.52 8.30 -0.24
N ALA A 101 -2.54 8.95 0.90
CA ALA A 101 -2.17 10.41 0.95
C ALA A 101 -0.66 10.56 0.81
N GLY A 102 0.10 9.79 1.57
CA GLY A 102 1.59 9.87 1.51
C GLY A 102 2.20 8.97 2.57
N VAL A 103 3.45 9.23 2.92
CA VAL A 103 4.15 8.40 3.95
C VAL A 103 4.72 9.30 5.05
N GLY A 104 4.89 8.75 6.24
CA GLY A 104 5.46 9.53 7.38
C GLY A 104 4.36 10.35 8.06
N ILE A 105 4.15 11.56 7.59
CA ILE A 105 3.12 12.46 8.18
C ILE A 105 2.13 12.93 7.11
N CYS A 106 1.05 13.55 7.52
CA CYS A 106 0.03 14.07 6.55
C CYS A 106 -0.17 15.57 6.79
N PRO A 107 -0.65 16.29 5.79
CA PRO A 107 -0.88 17.75 5.91
C PRO A 107 -2.16 18.04 6.71
#